data_2D87
#
_entry.id   2D87
#
_entity_poly.entity_id   1
_entity_poly.type   'polypeptide(L)'
_entity_poly.pdbx_seq_one_letter_code
;GSSGSSGIKQMLLDWCRAKTRGYEHVDIQNFSSSWSDGMAFCALVHNFFPEAFDYGQLSPQNRRQNFEVAFSSAETHADC
PQLLDTEDMVRLREPDWKCVYTYIQEFYRCLVQKGLVKTKKSSGPSSG
;
_entity_poly.pdbx_strand_id   A
#
# COMPACT_ATOMS: atom_id res chain seq x y z
N GLY A 1 23.13 -18.86 -8.16
CA GLY A 1 21.83 -18.80 -8.80
C GLY A 1 21.47 -17.40 -9.23
N SER A 2 20.81 -16.65 -8.35
CA SER A 2 20.40 -15.29 -8.65
C SER A 2 21.33 -14.28 -8.00
N SER A 3 21.40 -13.08 -8.57
CA SER A 3 22.26 -12.03 -8.04
C SER A 3 21.50 -11.16 -7.03
N GLY A 4 22.21 -10.21 -6.42
CA GLY A 4 21.59 -9.34 -5.45
C GLY A 4 21.35 -10.03 -4.12
N SER A 5 22.17 -9.69 -3.12
CA SER A 5 22.04 -10.29 -1.81
C SER A 5 20.71 -9.94 -1.16
N SER A 6 20.43 -8.65 -1.07
CA SER A 6 19.19 -8.17 -0.48
C SER A 6 18.27 -7.58 -1.54
N GLY A 7 16.97 -7.51 -1.23
CA GLY A 7 16.02 -6.96 -2.17
C GLY A 7 14.83 -6.31 -1.48
N ILE A 8 14.73 -4.99 -1.62
CA ILE A 8 13.64 -4.24 -1.00
C ILE A 8 12.29 -4.67 -1.57
N LYS A 9 12.29 -5.05 -2.84
CA LYS A 9 11.06 -5.48 -3.51
C LYS A 9 10.44 -6.67 -2.78
N GLN A 10 11.25 -7.34 -1.97
CA GLN A 10 10.76 -8.50 -1.22
C GLN A 10 10.13 -8.07 0.10
N MET A 11 10.93 -7.44 0.96
CA MET A 11 10.44 -6.97 2.25
C MET A 11 9.16 -6.15 2.08
N LEU A 12 9.03 -5.49 0.94
CA LEU A 12 7.85 -4.68 0.66
C LEU A 12 6.60 -5.54 0.55
N LEU A 13 6.71 -6.62 -0.21
CA LEU A 13 5.58 -7.54 -0.40
C LEU A 13 5.26 -8.28 0.89
N ASP A 14 6.29 -8.75 1.58
CA ASP A 14 6.12 -9.47 2.82
C ASP A 14 5.54 -8.56 3.90
N TRP A 15 5.83 -7.27 3.81
CA TRP A 15 5.34 -6.29 4.77
C TRP A 15 3.85 -6.03 4.56
N CYS A 16 3.50 -5.61 3.35
CA CYS A 16 2.11 -5.32 3.03
C CYS A 16 1.18 -6.34 3.67
N ARG A 17 1.51 -7.62 3.51
CA ARG A 17 0.71 -8.69 4.08
C ARG A 17 0.60 -8.56 5.59
N ALA A 18 1.75 -8.39 6.25
CA ALA A 18 1.77 -8.25 7.70
C ALA A 18 0.73 -7.25 8.17
N LYS A 19 0.48 -6.23 7.37
CA LYS A 19 -0.50 -5.21 7.70
C LYS A 19 -1.87 -5.55 7.14
N THR A 20 -1.88 -6.39 6.10
CA THR A 20 -3.13 -6.80 5.47
C THR A 20 -3.50 -8.23 5.85
N ARG A 21 -3.02 -8.67 7.02
CA ARG A 21 -3.31 -10.02 7.50
C ARG A 21 -4.74 -10.12 8.01
N GLY A 22 -5.47 -11.11 7.50
CA GLY A 22 -6.84 -11.30 7.91
C GLY A 22 -7.84 -10.75 6.91
N TYR A 23 -7.54 -9.57 6.37
CA TYR A 23 -8.41 -8.93 5.39
C TYR A 23 -9.03 -9.97 4.46
N GLU A 24 -10.36 -9.90 4.33
CA GLU A 24 -11.08 -10.84 3.46
C GLU A 24 -11.02 -10.39 2.01
N HIS A 25 -11.32 -11.31 1.10
CA HIS A 25 -11.29 -11.03 -0.33
C HIS A 25 -10.02 -10.25 -0.71
N VAL A 26 -8.95 -10.50 0.03
CA VAL A 26 -7.68 -9.83 -0.23
C VAL A 26 -6.51 -10.78 -0.06
N ASP A 27 -5.46 -10.57 -0.86
CA ASP A 27 -4.27 -11.41 -0.79
C ASP A 27 -3.14 -10.81 -1.62
N ILE A 28 -2.12 -10.31 -0.92
CA ILE A 28 -0.97 -9.71 -1.58
C ILE A 28 0.05 -10.77 -1.99
N GLN A 29 0.22 -10.96 -3.30
CA GLN A 29 1.17 -11.94 -3.81
C GLN A 29 2.15 -11.29 -4.78
N ASN A 30 1.70 -10.21 -5.43
CA ASN A 30 2.54 -9.51 -6.39
C ASN A 30 1.89 -8.19 -6.81
N PHE A 31 2.72 -7.22 -7.20
CA PHE A 31 2.22 -5.92 -7.63
C PHE A 31 1.84 -5.94 -9.10
N SER A 32 1.22 -7.03 -9.53
CA SER A 32 0.80 -7.18 -10.92
C SER A 32 -0.70 -6.95 -11.07
N SER A 33 -1.49 -7.83 -10.47
CA SER A 33 -2.94 -7.73 -10.52
C SER A 33 -3.54 -7.66 -9.13
N SER A 34 -2.71 -7.92 -8.12
CA SER A 34 -3.17 -7.89 -6.73
C SER A 34 -3.66 -6.50 -6.36
N TRP A 35 -3.32 -5.51 -7.18
CA TRP A 35 -3.73 -4.14 -6.92
C TRP A 35 -4.51 -3.57 -8.11
N SER A 36 -5.09 -4.46 -8.90
CA SER A 36 -5.87 -4.06 -10.07
C SER A 36 -7.34 -3.93 -9.73
N ASP A 37 -7.75 -4.55 -8.63
CA ASP A 37 -9.14 -4.50 -8.19
C ASP A 37 -9.43 -3.21 -7.46
N GLY A 38 -8.49 -2.79 -6.61
CA GLY A 38 -8.66 -1.56 -5.86
C GLY A 38 -8.70 -1.80 -4.36
N MET A 39 -9.50 -2.77 -3.93
CA MET A 39 -9.62 -3.10 -2.52
C MET A 39 -8.24 -3.20 -1.87
N ALA A 40 -7.34 -3.92 -2.51
CA ALA A 40 -5.99 -4.10 -1.99
C ALA A 40 -5.49 -2.81 -1.33
N PHE A 41 -5.22 -1.80 -2.14
CA PHE A 41 -4.73 -0.52 -1.64
C PHE A 41 -5.49 -0.11 -0.38
N CYS A 42 -6.80 0.04 -0.51
CA CYS A 42 -7.64 0.43 0.62
C CYS A 42 -7.26 -0.35 1.88
N ALA A 43 -7.47 -1.67 1.83
CA ALA A 43 -7.15 -2.52 2.96
C ALA A 43 -5.86 -2.09 3.64
N LEU A 44 -4.75 -2.19 2.92
CA LEU A 44 -3.44 -1.81 3.45
C LEU A 44 -3.55 -0.54 4.28
N VAL A 45 -4.26 0.45 3.75
CA VAL A 45 -4.45 1.72 4.45
C VAL A 45 -5.35 1.56 5.66
N HIS A 46 -6.59 1.17 5.41
CA HIS A 46 -7.57 0.97 6.48
C HIS A 46 -6.89 0.43 7.74
N ASN A 47 -5.98 -0.53 7.55
CA ASN A 47 -5.27 -1.13 8.66
C ASN A 47 -4.68 -0.06 9.57
N PHE A 48 -4.00 0.91 8.97
CA PHE A 48 -3.38 2.00 9.73
C PHE A 48 -4.44 2.92 10.31
N PHE A 49 -5.25 3.50 9.44
CA PHE A 49 -6.31 4.41 9.87
C PHE A 49 -7.68 3.91 9.40
N PRO A 50 -8.30 3.04 10.20
CA PRO A 50 -9.61 2.47 9.88
C PRO A 50 -10.73 3.51 9.98
N GLU A 51 -10.64 4.37 10.99
CA GLU A 51 -11.65 5.41 11.19
C GLU A 51 -11.63 6.42 10.05
N ALA A 52 -10.46 6.58 9.43
CA ALA A 52 -10.30 7.51 8.33
C ALA A 52 -11.33 7.25 7.23
N PHE A 53 -11.60 5.97 6.98
CA PHE A 53 -12.55 5.57 5.96
C PHE A 53 -13.04 4.14 6.18
N ASP A 54 -14.20 3.83 5.63
CA ASP A 54 -14.78 2.49 5.77
C ASP A 54 -14.31 1.57 4.65
N TYR A 55 -13.85 0.38 5.03
CA TYR A 55 -13.37 -0.59 4.06
C TYR A 55 -14.52 -1.41 3.48
N GLY A 56 -15.21 -2.15 4.33
CA GLY A 56 -16.32 -2.97 3.89
C GLY A 56 -17.38 -2.16 3.17
N GLN A 57 -17.31 -0.83 3.31
CA GLN A 57 -18.28 0.06 2.67
C GLN A 57 -18.04 0.11 1.17
N LEU A 58 -16.78 0.07 0.76
CA LEU A 58 -16.43 0.11 -0.65
C LEU A 58 -16.80 -1.19 -1.35
N SER A 59 -16.73 -1.18 -2.67
CA SER A 59 -17.06 -2.37 -3.46
C SER A 59 -15.95 -2.70 -4.44
N PRO A 60 -15.82 -3.99 -4.79
CA PRO A 60 -14.80 -4.46 -5.74
C PRO A 60 -15.07 -4.00 -7.16
N GLN A 61 -16.34 -3.81 -7.50
CA GLN A 61 -16.73 -3.36 -8.82
C GLN A 61 -16.20 -1.96 -9.10
N ASN A 62 -16.09 -1.15 -8.05
CA ASN A 62 -15.62 0.21 -8.18
C ASN A 62 -14.10 0.24 -8.37
N ARG A 63 -13.66 0.61 -9.57
CA ARG A 63 -12.24 0.67 -9.89
C ARG A 63 -11.65 2.00 -9.43
N ARG A 64 -12.47 3.04 -9.43
CA ARG A 64 -12.02 4.37 -9.02
C ARG A 64 -12.14 4.54 -7.50
N GLN A 65 -13.36 4.50 -7.01
CA GLN A 65 -13.61 4.64 -5.58
C GLN A 65 -12.51 3.96 -4.77
N ASN A 66 -12.29 2.67 -5.03
CA ASN A 66 -11.28 1.91 -4.33
C ASN A 66 -9.94 2.64 -4.33
N PHE A 67 -9.53 3.09 -5.52
CA PHE A 67 -8.27 3.80 -5.66
C PHE A 67 -8.33 5.15 -4.96
N GLU A 68 -9.14 6.06 -5.49
CA GLU A 68 -9.28 7.40 -4.92
C GLU A 68 -9.32 7.33 -3.39
N VAL A 69 -10.39 6.75 -2.85
CA VAL A 69 -10.54 6.63 -1.41
C VAL A 69 -9.23 6.21 -0.76
N ALA A 70 -8.61 5.16 -1.30
CA ALA A 70 -7.35 4.66 -0.76
C ALA A 70 -6.29 5.76 -0.72
N PHE A 71 -6.30 6.63 -1.74
CA PHE A 71 -5.34 7.72 -1.81
C PHE A 71 -5.71 8.83 -0.83
N SER A 72 -6.95 9.29 -0.92
CA SER A 72 -7.43 10.36 -0.03
C SER A 72 -7.28 9.96 1.43
N SER A 73 -7.90 8.83 1.79
CA SER A 73 -7.84 8.34 3.17
C SER A 73 -6.46 8.61 3.78
N ALA A 74 -5.43 8.51 2.96
CA ALA A 74 -4.06 8.74 3.42
C ALA A 74 -3.78 10.23 3.55
N GLU A 75 -3.88 10.94 2.43
CA GLU A 75 -3.62 12.37 2.42
C GLU A 75 -4.28 13.06 3.61
N THR A 76 -5.35 12.45 4.12
CA THR A 76 -6.09 13.00 5.26
C THR A 76 -5.12 13.51 6.33
N HIS A 77 -4.49 12.58 7.04
CA HIS A 77 -3.55 12.93 8.09
C HIS A 77 -2.13 12.53 7.71
N ALA A 78 -2.02 11.68 6.69
CA ALA A 78 -0.71 11.22 6.23
C ALA A 78 -0.14 12.17 5.18
N ASP A 79 -0.99 13.04 4.65
CA ASP A 79 -0.57 14.00 3.63
C ASP A 79 0.44 13.37 2.67
N CYS A 80 0.12 12.18 2.19
CA CYS A 80 0.99 11.46 1.27
C CYS A 80 0.76 11.93 -0.17
N PRO A 81 1.86 12.06 -0.93
CA PRO A 81 1.81 12.51 -2.32
C PRO A 81 1.17 11.47 -3.24
N GLN A 82 0.23 11.92 -4.07
CA GLN A 82 -0.45 11.03 -5.00
C GLN A 82 0.35 10.86 -6.30
N LEU A 83 1.09 9.76 -6.38
CA LEU A 83 1.90 9.49 -7.56
C LEU A 83 1.09 8.76 -8.63
N LEU A 84 0.56 7.60 -8.26
CA LEU A 84 -0.25 6.80 -9.18
C LEU A 84 -1.34 7.64 -9.82
N ASP A 85 -1.73 7.29 -11.04
CA ASP A 85 -2.77 8.01 -11.75
C ASP A 85 -4.05 7.18 -11.83
N THR A 86 -4.85 7.24 -10.78
CA THR A 86 -6.10 6.48 -10.72
C THR A 86 -6.74 6.38 -12.10
N GLU A 87 -6.88 7.53 -12.77
CA GLU A 87 -7.48 7.57 -14.09
C GLU A 87 -6.83 6.54 -15.02
N ASP A 88 -5.50 6.52 -15.03
CA ASP A 88 -4.76 5.59 -15.87
C ASP A 88 -4.82 4.18 -15.30
N MET A 89 -4.90 4.09 -13.97
CA MET A 89 -4.96 2.79 -13.30
C MET A 89 -6.22 2.04 -13.69
N VAL A 90 -7.33 2.78 -13.82
CA VAL A 90 -8.61 2.17 -14.19
C VAL A 90 -8.51 1.48 -15.54
N ARG A 91 -8.38 2.28 -16.60
CA ARG A 91 -8.29 1.74 -17.95
C ARG A 91 -7.24 0.62 -18.02
N LEU A 92 -6.07 0.88 -17.45
CA LEU A 92 -4.99 -0.10 -17.44
C LEU A 92 -5.46 -1.43 -16.85
N ARG A 93 -5.49 -2.46 -17.67
CA ARG A 93 -5.92 -3.78 -17.22
C ARG A 93 -5.25 -4.15 -15.90
N GLU A 94 -3.98 -3.78 -15.76
CA GLU A 94 -3.23 -4.06 -14.53
C GLU A 94 -2.33 -2.89 -14.17
N PRO A 95 -2.22 -2.62 -12.86
CA PRO A 95 -1.40 -1.53 -12.33
C PRO A 95 0.09 -1.79 -12.49
N ASP A 96 0.72 -1.02 -13.38
CA ASP A 96 2.16 -1.18 -13.63
C ASP A 96 2.93 -1.30 -12.32
N TRP A 97 3.42 -2.50 -12.03
CA TRP A 97 4.17 -2.75 -10.82
C TRP A 97 5.26 -1.69 -10.62
N LYS A 98 5.95 -1.36 -11.70
CA LYS A 98 7.01 -0.35 -11.65
C LYS A 98 6.54 0.90 -10.92
N CYS A 99 5.24 1.18 -10.99
CA CYS A 99 4.68 2.34 -10.33
C CYS A 99 4.23 2.00 -8.92
N VAL A 100 3.33 1.03 -8.80
CA VAL A 100 2.81 0.62 -7.50
C VAL A 100 3.94 0.52 -6.47
N TYR A 101 5.04 -0.10 -6.87
CA TYR A 101 6.19 -0.24 -5.98
C TYR A 101 6.63 1.10 -5.43
N THR A 102 6.66 2.11 -6.28
CA THR A 102 7.06 3.46 -5.88
C THR A 102 6.21 3.96 -4.72
N TYR A 103 4.89 3.87 -4.87
CA TYR A 103 3.97 4.32 -3.84
C TYR A 103 4.29 3.66 -2.50
N ILE A 104 4.24 2.33 -2.47
CA ILE A 104 4.52 1.58 -1.26
C ILE A 104 5.75 2.13 -0.56
N GLN A 105 6.81 2.38 -1.32
CA GLN A 105 8.05 2.91 -0.76
C GLN A 105 7.85 4.33 -0.25
N GLU A 106 7.03 5.10 -0.96
CA GLU A 106 6.76 6.47 -0.57
C GLU A 106 5.98 6.53 0.74
N PHE A 107 4.81 5.89 0.75
CA PHE A 107 3.96 5.87 1.93
C PHE A 107 4.74 5.39 3.15
N TYR A 108 5.53 4.35 2.97
CA TYR A 108 6.33 3.79 4.05
C TYR A 108 7.19 4.87 4.70
N ARG A 109 7.32 6.00 4.02
CA ARG A 109 8.13 7.12 4.53
C ARG A 109 7.30 7.99 5.47
N CYS A 110 6.02 8.15 5.15
CA CYS A 110 5.12 8.96 5.96
C CYS A 110 4.76 8.24 7.26
N LEU A 111 4.44 6.96 7.14
CA LEU A 111 4.08 6.16 8.30
C LEU A 111 5.17 6.20 9.37
N VAL A 112 6.40 5.95 8.96
CA VAL A 112 7.54 5.97 9.89
C VAL A 112 7.53 7.24 10.74
N GLN A 113 7.30 8.38 10.08
CA GLN A 113 7.27 9.66 10.78
C GLN A 113 5.97 9.81 11.58
N LYS A 114 4.90 9.20 11.08
CA LYS A 114 3.61 9.26 11.73
C LYS A 114 3.63 8.52 13.07
N GLY A 115 4.48 7.49 13.15
CA GLY A 115 4.58 6.72 14.37
C GLY A 115 3.86 5.39 14.28
N LEU A 116 3.65 4.92 13.06
CA LEU A 116 2.96 3.65 12.85
C LEU A 116 3.95 2.51 12.64
N VAL A 117 4.97 2.77 11.83
CA VAL A 117 6.00 1.77 11.55
C VAL A 117 7.28 2.05 12.34
N LYS A 118 7.66 1.10 13.19
CA LYS A 118 8.87 1.25 14.01
C LYS A 118 10.03 0.50 13.37
N THR A 119 10.73 1.17 12.46
CA THR A 119 11.87 0.59 11.77
C THR A 119 13.06 0.47 12.72
N LYS A 120 14.03 -0.37 12.34
CA LYS A 120 15.23 -0.58 13.14
C LYS A 120 16.45 0.05 12.48
N LYS A 121 17.56 0.09 13.21
CA LYS A 121 18.79 0.65 12.68
C LYS A 121 19.88 -0.41 12.57
N SER A 122 20.08 -0.93 11.36
CA SER A 122 21.08 -1.96 11.14
C SER A 122 22.45 -1.33 10.84
N SER A 123 23.30 -1.31 11.86
CA SER A 123 24.64 -0.74 11.72
C SER A 123 25.51 -1.61 10.82
N GLY A 124 25.75 -1.13 9.60
CA GLY A 124 26.57 -1.88 8.66
C GLY A 124 27.42 -0.98 7.80
N PRO A 125 27.86 -1.51 6.64
CA PRO A 125 28.70 -0.76 5.70
C PRO A 125 27.93 0.36 5.00
N SER A 126 28.66 1.33 4.48
CA SER A 126 28.05 2.47 3.79
C SER A 126 27.69 2.11 2.36
N SER A 127 26.39 2.07 2.08
CA SER A 127 25.91 1.73 0.74
C SER A 127 25.52 2.98 -0.03
N GLY A 128 24.71 3.84 0.60
CA GLY A 128 24.28 5.06 -0.04
C GLY A 128 23.76 4.83 -1.44
N GLY A 1 11.62 -13.17 13.28
CA GLY A 1 11.67 -11.82 12.74
C GLY A 1 12.57 -11.72 11.52
N SER A 2 12.23 -12.48 10.48
CA SER A 2 13.01 -12.48 9.24
C SER A 2 13.36 -11.06 8.82
N SER A 3 14.34 -10.93 7.93
CA SER A 3 14.78 -9.62 7.45
C SER A 3 15.73 -9.78 6.27
N GLY A 4 15.27 -9.40 5.08
CA GLY A 4 16.10 -9.50 3.90
C GLY A 4 16.81 -8.20 3.58
N SER A 5 18.10 -8.29 3.27
CA SER A 5 18.90 -7.12 2.96
C SER A 5 19.00 -6.92 1.45
N SER A 6 19.31 -8.00 0.73
CA SER A 6 19.43 -7.95 -0.72
C SER A 6 18.08 -7.72 -1.37
N GLY A 7 17.77 -6.46 -1.66
CA GLY A 7 16.50 -6.14 -2.28
C GLY A 7 15.46 -5.65 -1.28
N ILE A 8 14.67 -4.66 -1.69
CA ILE A 8 13.64 -4.10 -0.82
C ILE A 8 12.26 -4.58 -1.23
N LYS A 9 12.02 -4.62 -2.53
CA LYS A 9 10.73 -5.06 -3.06
C LYS A 9 10.23 -6.28 -2.32
N GLN A 10 11.16 -7.06 -1.76
CA GLN A 10 10.81 -8.26 -1.02
C GLN A 10 10.23 -7.91 0.34
N MET A 11 11.01 -7.20 1.15
CA MET A 11 10.58 -6.80 2.48
C MET A 11 9.27 -6.03 2.41
N LEU A 12 8.99 -5.44 1.25
CA LEU A 12 7.76 -4.67 1.06
C LEU A 12 6.56 -5.59 0.93
N LEU A 13 6.66 -6.59 0.05
CA LEU A 13 5.57 -7.54 -0.16
C LEU A 13 5.24 -8.28 1.13
N ASP A 14 6.26 -8.85 1.76
CA ASP A 14 6.08 -9.57 3.01
C ASP A 14 5.43 -8.69 4.07
N TRP A 15 5.80 -7.41 4.08
CA TRP A 15 5.26 -6.46 5.03
C TRP A 15 3.79 -6.18 4.76
N CYS A 16 3.51 -5.67 3.56
CA CYS A 16 2.13 -5.37 3.17
C CYS A 16 1.17 -6.44 3.67
N ARG A 17 1.56 -7.69 3.49
CA ARG A 17 0.72 -8.82 3.92
C ARG A 17 0.45 -8.75 5.42
N ALA A 18 1.50 -8.50 6.19
CA ALA A 18 1.37 -8.41 7.64
C ALA A 18 0.39 -7.31 8.04
N LYS A 19 0.27 -6.30 7.20
CA LYS A 19 -0.64 -5.19 7.46
C LYS A 19 -1.95 -5.35 6.69
N THR A 20 -1.96 -6.32 5.77
CA THR A 20 -3.15 -6.57 4.95
C THR A 20 -3.61 -8.02 5.11
N ARG A 21 -3.16 -8.67 6.18
CA ARG A 21 -3.53 -10.05 6.45
C ARG A 21 -4.92 -10.14 7.08
N GLY A 22 -5.66 -11.19 6.73
CA GLY A 22 -6.99 -11.36 7.27
C GLY A 22 -8.06 -10.83 6.35
N TYR A 23 -7.81 -9.65 5.78
CA TYR A 23 -8.77 -9.02 4.87
C TYR A 23 -9.36 -10.05 3.91
N GLU A 24 -10.68 -10.06 3.81
CA GLU A 24 -11.38 -10.98 2.92
C GLU A 24 -11.15 -10.62 1.45
N HIS A 25 -11.28 -11.61 0.58
CA HIS A 25 -11.09 -11.40 -0.86
C HIS A 25 -9.84 -10.56 -1.11
N VAL A 26 -8.87 -10.66 -0.21
CA VAL A 26 -7.63 -9.91 -0.35
C VAL A 26 -6.41 -10.83 -0.23
N ASP A 27 -5.45 -10.63 -1.13
CA ASP A 27 -4.23 -11.45 -1.13
C ASP A 27 -3.15 -10.79 -1.97
N ILE A 28 -2.15 -10.23 -1.30
CA ILE A 28 -1.04 -9.57 -1.98
C ILE A 28 0.03 -10.56 -2.39
N GLN A 29 0.01 -10.95 -3.67
CA GLN A 29 0.99 -11.90 -4.19
C GLN A 29 2.07 -11.19 -5.01
N ASN A 30 1.68 -10.09 -5.66
CA ASN A 30 2.61 -9.31 -6.46
C ASN A 30 2.00 -7.98 -6.87
N PHE A 31 2.85 -6.99 -7.11
CA PHE A 31 2.40 -5.67 -7.51
C PHE A 31 2.16 -5.60 -9.02
N SER A 32 1.41 -6.56 -9.54
CA SER A 32 1.11 -6.62 -10.97
C SER A 32 -0.36 -6.30 -11.24
N SER A 33 -1.23 -7.23 -10.86
CA SER A 33 -2.66 -7.07 -11.06
C SER A 33 -3.42 -7.23 -9.75
N SER A 34 -2.86 -8.05 -8.86
CA SER A 34 -3.49 -8.29 -7.56
C SER A 34 -4.04 -7.01 -6.96
N TRP A 35 -3.45 -5.88 -7.36
CA TRP A 35 -3.88 -4.57 -6.86
C TRP A 35 -4.94 -3.97 -7.77
N SER A 36 -4.85 -4.26 -9.06
CA SER A 36 -5.80 -3.74 -10.04
C SER A 36 -7.22 -3.81 -9.49
N ASP A 37 -7.47 -4.78 -8.61
CA ASP A 37 -8.79 -4.95 -8.02
C ASP A 37 -9.24 -3.67 -7.32
N GLY A 38 -8.42 -3.18 -6.40
CA GLY A 38 -8.75 -1.97 -5.68
C GLY A 38 -8.86 -2.20 -4.18
N MET A 39 -9.88 -2.96 -3.78
CA MET A 39 -10.09 -3.26 -2.37
C MET A 39 -8.76 -3.40 -1.62
N ALA A 40 -7.79 -4.05 -2.27
CA ALA A 40 -6.48 -4.24 -1.68
C ALA A 40 -5.92 -2.93 -1.14
N PHE A 41 -5.64 -2.00 -2.05
CA PHE A 41 -5.10 -0.70 -1.67
C PHE A 41 -5.84 -0.13 -0.46
N CYS A 42 -7.17 -0.28 -0.46
CA CYS A 42 -7.99 0.21 0.63
C CYS A 42 -7.65 -0.50 1.94
N ALA A 43 -7.50 -1.81 1.86
CA ALA A 43 -7.19 -2.62 3.05
C ALA A 43 -5.85 -2.19 3.64
N LEU A 44 -4.84 -2.04 2.79
CA LEU A 44 -3.51 -1.65 3.23
C LEU A 44 -3.56 -0.35 4.02
N VAL A 45 -4.41 0.58 3.56
CA VAL A 45 -4.55 1.87 4.22
C VAL A 45 -5.43 1.75 5.47
N HIS A 46 -6.69 1.37 5.27
CA HIS A 46 -7.62 1.22 6.38
C HIS A 46 -6.92 0.69 7.61
N ASN A 47 -6.06 -0.31 7.42
CA ASN A 47 -5.32 -0.91 8.53
C ASN A 47 -4.66 0.16 9.38
N PHE A 48 -3.97 1.09 8.71
CA PHE A 48 -3.28 2.16 9.42
C PHE A 48 -4.28 3.12 10.07
N PHE A 49 -5.19 3.65 9.26
CA PHE A 49 -6.20 4.58 9.76
C PHE A 49 -7.60 4.07 9.45
N PRO A 50 -8.13 3.23 10.35
CA PRO A 50 -9.47 2.65 10.20
C PRO A 50 -10.57 3.68 10.37
N GLU A 51 -10.29 4.72 11.16
CA GLU A 51 -11.27 5.79 11.41
C GLU A 51 -11.25 6.80 10.27
N ALA A 52 -10.24 6.72 9.43
CA ALA A 52 -10.11 7.65 8.30
C ALA A 52 -11.21 7.41 7.28
N PHE A 53 -11.61 6.15 7.11
CA PHE A 53 -12.65 5.80 6.16
C PHE A 53 -13.15 4.37 6.41
N ASP A 54 -14.39 4.12 6.01
CA ASP A 54 -14.99 2.79 6.19
C ASP A 54 -14.51 1.83 5.11
N TYR A 55 -14.22 0.60 5.52
CA TYR A 55 -13.74 -0.42 4.60
C TYR A 55 -14.90 -1.24 4.04
N GLY A 56 -15.63 -1.91 4.92
CA GLY A 56 -16.75 -2.71 4.50
C GLY A 56 -17.72 -1.94 3.62
N GLN A 57 -17.67 -0.62 3.72
CA GLN A 57 -18.56 0.23 2.94
C GLN A 57 -18.23 0.14 1.45
N LEU A 58 -16.94 0.03 1.14
CA LEU A 58 -16.49 -0.06 -0.24
C LEU A 58 -16.94 -1.38 -0.87
N SER A 59 -17.05 -1.40 -2.20
CA SER A 59 -17.47 -2.59 -2.91
C SER A 59 -16.34 -3.11 -3.80
N PRO A 60 -16.32 -4.43 -4.03
CA PRO A 60 -15.31 -5.07 -4.87
C PRO A 60 -15.47 -4.73 -6.34
N GLN A 61 -16.69 -4.34 -6.72
CA GLN A 61 -16.98 -3.99 -8.10
C GLN A 61 -16.43 -2.60 -8.44
N ASN A 62 -16.14 -1.82 -7.41
CA ASN A 62 -15.62 -0.47 -7.59
C ASN A 62 -14.12 -0.51 -7.88
N ARG A 63 -13.76 -0.29 -9.14
CA ARG A 63 -12.37 -0.30 -9.56
C ARG A 63 -11.72 1.06 -9.32
N ARG A 64 -12.51 2.12 -9.50
CA ARG A 64 -12.01 3.48 -9.31
C ARG A 64 -12.03 3.87 -7.84
N GLN A 65 -13.23 3.99 -7.28
CA GLN A 65 -13.38 4.34 -5.87
C GLN A 65 -12.32 3.68 -5.02
N ASN A 66 -12.25 2.35 -5.11
CA ASN A 66 -11.27 1.58 -4.34
C ASN A 66 -9.91 2.27 -4.34
N PHE A 67 -9.45 2.68 -5.52
CA PHE A 67 -8.17 3.35 -5.66
C PHE A 67 -8.23 4.75 -5.05
N GLU A 68 -9.15 5.57 -5.53
CA GLU A 68 -9.31 6.94 -5.04
C GLU A 68 -9.30 6.96 -3.53
N VAL A 69 -10.34 6.39 -2.92
CA VAL A 69 -10.45 6.35 -1.47
C VAL A 69 -9.12 6.01 -0.82
N ALA A 70 -8.55 4.89 -1.20
CA ALA A 70 -7.26 4.44 -0.65
C ALA A 70 -6.25 5.59 -0.67
N PHE A 71 -6.27 6.37 -1.75
CA PHE A 71 -5.35 7.49 -1.90
C PHE A 71 -5.77 8.66 -1.00
N SER A 72 -6.99 9.14 -1.20
CA SER A 72 -7.51 10.26 -0.42
C SER A 72 -7.34 9.99 1.07
N SER A 73 -7.93 8.91 1.55
CA SER A 73 -7.86 8.55 2.96
C SER A 73 -6.49 8.90 3.54
N ALA A 74 -5.44 8.62 2.77
CA ALA A 74 -4.08 8.91 3.20
C ALA A 74 -3.83 10.41 3.24
N GLU A 75 -3.78 11.03 2.08
CA GLU A 75 -3.54 12.47 1.99
C GLU A 75 -4.23 13.21 3.14
N THR A 76 -5.37 12.69 3.56
CA THR A 76 -6.13 13.29 4.65
C THR A 76 -5.20 13.83 5.73
N HIS A 77 -4.60 12.93 6.49
CA HIS A 77 -3.68 13.31 7.57
C HIS A 77 -2.25 12.92 7.22
N ALA A 78 -2.10 12.04 6.24
CA ALA A 78 -0.78 11.58 5.81
C ALA A 78 -0.19 12.52 4.77
N ASP A 79 -1.05 13.24 4.07
CA ASP A 79 -0.61 14.18 3.04
C ASP A 79 0.47 13.56 2.16
N CYS A 80 0.16 12.39 1.60
CA CYS A 80 1.11 11.69 0.74
C CYS A 80 1.11 12.28 -0.66
N PRO A 81 2.30 12.42 -1.24
CA PRO A 81 2.47 12.97 -2.59
C PRO A 81 1.95 12.03 -3.67
N GLN A 82 0.65 12.08 -3.92
CA GLN A 82 0.02 11.23 -4.93
C GLN A 82 0.91 11.10 -6.16
N LEU A 83 1.41 9.90 -6.40
CA LEU A 83 2.28 9.64 -7.55
C LEU A 83 1.51 8.96 -8.68
N LEU A 84 0.68 7.99 -8.31
CA LEU A 84 -0.12 7.27 -9.29
C LEU A 84 -1.35 8.08 -9.72
N ASP A 85 -1.80 7.87 -10.95
CA ASP A 85 -2.95 8.57 -11.46
C ASP A 85 -4.15 7.63 -11.63
N THR A 86 -4.92 7.48 -10.56
CA THR A 86 -6.08 6.60 -10.57
C THR A 86 -6.75 6.60 -11.94
N GLU A 87 -7.09 7.79 -12.42
CA GLU A 87 -7.75 7.94 -13.71
C GLU A 87 -7.15 6.98 -14.74
N ASP A 88 -5.82 6.97 -14.83
CA ASP A 88 -5.12 6.10 -15.76
C ASP A 88 -5.06 4.67 -15.22
N MET A 89 -5.04 4.54 -13.90
CA MET A 89 -4.98 3.23 -13.27
C MET A 89 -6.22 2.41 -13.60
N VAL A 90 -7.37 3.06 -13.60
CA VAL A 90 -8.63 2.38 -13.91
C VAL A 90 -8.57 1.72 -15.27
N ARG A 91 -8.53 2.53 -16.33
CA ARG A 91 -8.47 2.01 -17.69
C ARG A 91 -7.36 0.98 -17.84
N LEU A 92 -6.19 1.30 -17.28
CA LEU A 92 -5.04 0.41 -17.36
C LEU A 92 -5.44 -1.02 -16.98
N ARG A 93 -5.06 -1.98 -17.82
CA ARG A 93 -5.37 -3.38 -17.58
C ARG A 93 -4.85 -3.82 -16.20
N GLU A 94 -3.75 -3.21 -15.77
CA GLU A 94 -3.15 -3.54 -14.48
C GLU A 94 -1.99 -2.60 -14.18
N PRO A 95 -1.84 -2.27 -12.88
CA PRO A 95 -0.77 -1.38 -12.42
C PRO A 95 0.62 -2.02 -12.51
N ASP A 96 1.57 -1.29 -13.07
CA ASP A 96 2.93 -1.80 -13.21
C ASP A 96 3.65 -1.82 -11.86
N TRP A 97 4.33 -2.92 -11.58
CA TRP A 97 5.06 -3.06 -10.32
C TRP A 97 5.97 -1.86 -10.09
N LYS A 98 6.57 -1.36 -11.15
CA LYS A 98 7.47 -0.22 -11.06
C LYS A 98 6.76 0.98 -10.44
N CYS A 99 5.52 1.21 -10.85
CA CYS A 99 4.73 2.32 -10.33
C CYS A 99 4.30 2.05 -8.89
N VAL A 100 3.41 1.08 -8.71
CA VAL A 100 2.91 0.73 -7.39
C VAL A 100 4.05 0.74 -6.36
N TYR A 101 5.13 0.06 -6.68
CA TYR A 101 6.28 -0.01 -5.78
C TYR A 101 6.65 1.37 -5.26
N THR A 102 6.69 2.34 -6.17
CA THR A 102 7.04 3.71 -5.81
C THR A 102 6.09 4.25 -4.73
N TYR A 103 4.80 4.00 -4.91
CA TYR A 103 3.79 4.46 -3.96
C TYR A 103 3.99 3.80 -2.60
N ILE A 104 4.21 2.49 -2.62
CA ILE A 104 4.41 1.73 -1.39
C ILE A 104 5.60 2.27 -0.59
N GLN A 105 6.70 2.55 -1.29
CA GLN A 105 7.89 3.07 -0.65
C GLN A 105 7.67 4.50 -0.17
N GLU A 106 7.15 5.35 -1.05
CA GLU A 106 6.88 6.74 -0.71
C GLU A 106 5.99 6.84 0.51
N PHE A 107 4.86 6.13 0.49
CA PHE A 107 3.92 6.14 1.60
C PHE A 107 4.56 5.54 2.85
N TYR A 108 5.08 4.32 2.72
CA TYR A 108 5.70 3.65 3.84
C TYR A 108 6.61 4.60 4.63
N ARG A 109 7.45 5.32 3.91
CA ARG A 109 8.37 6.28 4.54
C ARG A 109 7.61 7.24 5.46
N CYS A 110 6.46 7.72 4.99
CA CYS A 110 5.65 8.64 5.76
C CYS A 110 5.19 7.99 7.07
N LEU A 111 4.59 6.82 6.96
CA LEU A 111 4.11 6.10 8.14
C LEU A 111 5.20 5.95 9.19
N VAL A 112 6.32 5.35 8.79
CA VAL A 112 7.45 5.16 9.69
C VAL A 112 7.71 6.41 10.52
N GLN A 113 7.64 7.57 9.87
CA GLN A 113 7.87 8.84 10.55
C GLN A 113 6.65 9.24 11.38
N LYS A 114 5.47 8.85 10.91
CA LYS A 114 4.23 9.17 11.61
C LYS A 114 4.18 8.50 12.98
N GLY A 115 4.73 7.28 13.06
CA GLY A 115 4.75 6.56 14.32
C GLY A 115 3.85 5.34 14.29
N LEU A 116 3.59 4.83 13.10
CA LEU A 116 2.73 3.65 12.94
C LEU A 116 3.57 2.37 12.92
N VAL A 117 4.61 2.37 12.09
CA VAL A 117 5.48 1.21 11.97
C VAL A 117 6.64 1.29 12.96
N LYS A 118 7.02 0.16 13.52
CA LYS A 118 8.11 0.11 14.49
C LYS A 118 9.37 0.76 13.91
N THR A 119 10.11 1.47 14.76
CA THR A 119 11.33 2.14 14.34
C THR A 119 12.53 1.66 15.15
N LYS A 120 13.34 0.80 14.55
CA LYS A 120 14.52 0.26 15.20
C LYS A 120 15.77 1.03 14.80
N LYS A 121 16.78 1.02 15.67
CA LYS A 121 18.03 1.72 15.39
C LYS A 121 18.58 1.34 14.01
N SER A 122 18.71 2.32 13.14
CA SER A 122 19.22 2.08 11.80
C SER A 122 20.75 2.10 11.78
N SER A 123 21.33 1.44 10.79
CA SER A 123 22.78 1.36 10.66
C SER A 123 23.26 2.18 9.46
N GLY A 124 24.50 2.64 9.53
CA GLY A 124 25.06 3.43 8.45
C GLY A 124 26.56 3.60 8.58
N PRO A 125 27.18 4.20 7.54
CA PRO A 125 28.63 4.44 7.51
C PRO A 125 29.06 5.50 8.51
N SER A 126 28.09 6.09 9.20
CA SER A 126 28.38 7.12 10.18
C SER A 126 29.69 6.84 10.90
N SER A 127 30.60 7.82 10.88
CA SER A 127 31.89 7.68 11.53
C SER A 127 32.49 6.30 11.25
N GLY A 128 32.34 5.83 10.02
CA GLY A 128 32.87 4.53 9.64
C GLY A 128 31.78 3.52 9.38
N GLY A 1 11.73 -16.44 10.27
CA GLY A 1 12.86 -16.90 11.06
C GLY A 1 14.05 -17.29 10.21
N SER A 2 15.18 -16.63 10.43
CA SER A 2 16.39 -16.91 9.67
C SER A 2 16.06 -17.15 8.19
N SER A 3 15.18 -16.32 7.65
CA SER A 3 14.78 -16.44 6.25
C SER A 3 15.74 -15.68 5.35
N GLY A 4 16.31 -16.40 4.38
CA GLY A 4 17.25 -15.77 3.46
C GLY A 4 16.55 -15.01 2.35
N SER A 5 16.70 -13.69 2.36
CA SER A 5 16.07 -12.84 1.35
C SER A 5 17.02 -11.74 0.89
N SER A 6 16.64 -11.03 -0.16
CA SER A 6 17.46 -9.96 -0.70
C SER A 6 16.61 -8.97 -1.50
N GLY A 7 16.97 -7.70 -1.43
CA GLY A 7 16.23 -6.67 -2.15
C GLY A 7 15.12 -6.05 -1.31
N ILE A 8 14.54 -4.97 -1.82
CA ILE A 8 13.47 -4.28 -1.11
C ILE A 8 12.10 -4.72 -1.62
N LYS A 9 12.07 -5.23 -2.84
CA LYS A 9 10.83 -5.70 -3.45
C LYS A 9 10.30 -6.93 -2.73
N GLN A 10 11.10 -7.47 -1.81
CA GLN A 10 10.71 -8.64 -1.06
C GLN A 10 10.13 -8.26 0.31
N MET A 11 10.86 -7.44 1.05
CA MET A 11 10.42 -7.00 2.36
C MET A 11 9.14 -6.18 2.25
N LEU A 12 8.87 -5.64 1.06
CA LEU A 12 7.68 -4.84 0.82
C LEU A 12 6.44 -5.73 0.72
N LEU A 13 6.54 -6.78 -0.10
CA LEU A 13 5.42 -7.70 -0.28
C LEU A 13 5.07 -8.40 1.03
N ASP A 14 6.10 -8.86 1.73
CA ASP A 14 5.90 -9.55 3.01
C ASP A 14 5.26 -8.62 4.04
N TRP A 15 5.72 -7.38 4.07
CA TRP A 15 5.20 -6.38 5.00
C TRP A 15 3.75 -6.04 4.67
N CYS A 16 3.49 -5.72 3.41
CA CYS A 16 2.15 -5.38 2.97
C CYS A 16 1.13 -6.39 3.47
N ARG A 17 1.48 -7.67 3.38
CA ARG A 17 0.58 -8.73 3.83
C ARG A 17 0.37 -8.67 5.33
N ALA A 18 1.45 -8.80 6.09
CA ALA A 18 1.39 -8.76 7.55
C ALA A 18 0.33 -7.75 8.02
N LYS A 19 0.41 -6.53 7.49
CA LYS A 19 -0.54 -5.49 7.85
C LYS A 19 -1.93 -5.81 7.32
N THR A 20 -1.99 -6.29 6.09
CA THR A 20 -3.27 -6.64 5.47
C THR A 20 -3.68 -8.07 5.82
N ARG A 21 -3.30 -8.52 7.01
CA ARG A 21 -3.63 -9.86 7.47
C ARG A 21 -5.07 -9.93 7.96
N GLY A 22 -5.76 -11.01 7.61
CA GLY A 22 -7.14 -11.18 8.03
C GLY A 22 -8.12 -10.78 6.95
N TYR A 23 -7.91 -9.60 6.38
CA TYR A 23 -8.79 -9.10 5.33
C TYR A 23 -9.29 -10.23 4.44
N GLU A 24 -10.59 -10.25 4.19
CA GLU A 24 -11.19 -11.29 3.36
C GLU A 24 -11.04 -10.95 1.89
N HIS A 25 -11.25 -11.94 1.02
CA HIS A 25 -11.14 -11.75 -0.41
C HIS A 25 -10.00 -10.80 -0.75
N VAL A 26 -8.97 -10.79 0.10
CA VAL A 26 -7.82 -9.92 -0.10
C VAL A 26 -6.52 -10.71 0.03
N ASP A 27 -5.74 -10.71 -1.05
CA ASP A 27 -4.46 -11.43 -1.05
C ASP A 27 -3.44 -10.69 -1.91
N ILE A 28 -2.38 -10.22 -1.27
CA ILE A 28 -1.32 -9.49 -1.97
C ILE A 28 -0.19 -10.43 -2.38
N GLN A 29 -0.24 -10.90 -3.62
CA GLN A 29 0.79 -11.80 -4.13
C GLN A 29 1.84 -11.03 -4.92
N ASN A 30 1.42 -9.99 -5.62
CA ASN A 30 2.33 -9.17 -6.42
C ASN A 30 1.73 -7.80 -6.70
N PHE A 31 2.58 -6.85 -7.07
CA PHE A 31 2.12 -5.50 -7.37
C PHE A 31 1.84 -5.34 -8.86
N SER A 32 1.17 -6.33 -9.44
CA SER A 32 0.83 -6.30 -10.85
C SER A 32 -0.65 -6.00 -11.06
N SER A 33 -1.50 -6.96 -10.67
CA SER A 33 -2.94 -6.80 -10.81
C SER A 33 -3.63 -6.89 -9.46
N SER A 34 -2.98 -7.57 -8.51
CA SER A 34 -3.54 -7.73 -7.17
C SER A 34 -4.07 -6.41 -6.64
N TRP A 35 -3.58 -5.31 -7.19
CA TRP A 35 -4.02 -3.98 -6.78
C TRP A 35 -5.00 -3.39 -7.78
N SER A 36 -4.83 -3.74 -9.04
CA SER A 36 -5.70 -3.24 -10.11
C SER A 36 -7.15 -3.23 -9.65
N ASP A 37 -7.54 -4.26 -8.91
CA ASP A 37 -8.91 -4.37 -8.40
C ASP A 37 -9.29 -3.13 -7.59
N GLY A 38 -8.59 -2.91 -6.49
CA GLY A 38 -8.87 -1.76 -5.64
C GLY A 38 -8.86 -2.11 -4.17
N MET A 39 -9.78 -2.98 -3.77
CA MET A 39 -9.87 -3.40 -2.37
C MET A 39 -8.48 -3.47 -1.73
N ALA A 40 -7.58 -4.20 -2.37
CA ALA A 40 -6.22 -4.34 -1.86
C ALA A 40 -5.73 -3.04 -1.22
N PHE A 41 -5.55 -2.01 -2.03
CA PHE A 41 -5.10 -0.72 -1.54
C PHE A 41 -5.84 -0.32 -0.26
N CYS A 42 -7.16 -0.21 -0.38
CA CYS A 42 -8.00 0.18 0.76
C CYS A 42 -7.57 -0.59 2.01
N ALA A 43 -7.73 -1.90 1.99
CA ALA A 43 -7.36 -2.75 3.12
C ALA A 43 -6.02 -2.33 3.71
N LEU A 44 -5.01 -2.24 2.85
CA LEU A 44 -3.68 -1.84 3.28
C LEU A 44 -3.72 -0.55 4.08
N VAL A 45 -4.40 0.46 3.53
CA VAL A 45 -4.52 1.75 4.19
C VAL A 45 -5.34 1.64 5.48
N HIS A 46 -6.59 1.24 5.34
CA HIS A 46 -7.48 1.10 6.50
C HIS A 46 -6.70 0.58 7.71
N ASN A 47 -5.85 -0.41 7.48
CA ASN A 47 -5.05 -0.99 8.55
C ASN A 47 -4.36 0.10 9.37
N PHE A 48 -3.73 1.04 8.67
CA PHE A 48 -3.03 2.14 9.34
C PHE A 48 -4.02 3.13 9.94
N PHE A 49 -4.96 3.59 9.13
CA PHE A 49 -5.97 4.54 9.58
C PHE A 49 -7.37 4.03 9.30
N PRO A 50 -7.91 3.23 10.23
CA PRO A 50 -9.25 2.64 10.11
C PRO A 50 -10.36 3.70 10.23
N GLU A 51 -10.17 4.61 11.18
CA GLU A 51 -11.16 5.67 11.41
C GLU A 51 -11.23 6.62 10.21
N ALA A 52 -10.06 6.91 9.63
CA ALA A 52 -9.98 7.80 8.47
C ALA A 52 -11.11 7.51 7.49
N PHE A 53 -11.35 6.23 7.22
CA PHE A 53 -12.40 5.83 6.29
C PHE A 53 -12.85 4.40 6.57
N ASP A 54 -14.09 4.09 6.21
CA ASP A 54 -14.64 2.76 6.41
C ASP A 54 -14.31 1.85 5.23
N TYR A 55 -13.78 0.67 5.54
CA TYR A 55 -13.41 -0.29 4.50
C TYR A 55 -14.62 -1.13 4.08
N GLY A 56 -15.24 -1.80 5.05
CA GLY A 56 -16.39 -2.62 4.76
C GLY A 56 -17.44 -1.88 3.96
N GLN A 57 -17.42 -0.55 4.03
CA GLN A 57 -18.37 0.28 3.30
C GLN A 57 -18.14 0.18 1.80
N LEU A 58 -16.88 0.02 1.41
CA LEU A 58 -16.53 -0.08 0.00
C LEU A 58 -16.91 -1.44 -0.57
N SER A 59 -16.89 -1.56 -1.89
CA SER A 59 -17.23 -2.81 -2.55
C SER A 59 -16.15 -3.22 -3.54
N PRO A 60 -16.03 -4.54 -3.79
CA PRO A 60 -15.05 -5.09 -4.73
C PRO A 60 -15.36 -4.73 -6.18
N GLN A 61 -16.64 -4.69 -6.51
CA GLN A 61 -17.08 -4.37 -7.86
C GLN A 61 -16.59 -2.99 -8.27
N ASN A 62 -16.22 -2.17 -7.29
CA ASN A 62 -15.73 -0.83 -7.56
C ASN A 62 -14.23 -0.84 -7.83
N ARG A 63 -13.86 -0.53 -9.07
CA ARG A 63 -12.44 -0.51 -9.46
C ARG A 63 -11.83 0.86 -9.22
N ARG A 64 -12.61 1.91 -9.49
CA ARG A 64 -12.15 3.27 -9.31
C ARG A 64 -12.27 3.70 -7.85
N GLN A 65 -13.51 3.75 -7.35
CA GLN A 65 -13.77 4.13 -5.97
C GLN A 65 -12.68 3.59 -5.04
N ASN A 66 -12.52 2.27 -5.04
CA ASN A 66 -11.52 1.62 -4.21
C ASN A 66 -10.22 2.41 -4.20
N PHE A 67 -9.71 2.72 -5.39
CA PHE A 67 -8.47 3.47 -5.52
C PHE A 67 -8.61 4.85 -4.91
N GLU A 68 -9.47 5.67 -5.49
CA GLU A 68 -9.70 7.03 -5.00
C GLU A 68 -9.73 7.05 -3.48
N VAL A 69 -10.62 6.25 -2.90
CA VAL A 69 -10.76 6.18 -1.44
C VAL A 69 -9.42 5.85 -0.78
N ALA A 70 -8.66 4.96 -1.41
CA ALA A 70 -7.36 4.57 -0.88
C ALA A 70 -6.39 5.74 -0.87
N PHE A 71 -6.33 6.46 -1.99
CA PHE A 71 -5.44 7.61 -2.11
C PHE A 71 -5.88 8.73 -1.18
N SER A 72 -7.14 9.15 -1.31
CA SER A 72 -7.67 10.23 -0.48
C SER A 72 -7.52 9.90 1.00
N SER A 73 -8.00 8.72 1.39
CA SER A 73 -7.92 8.28 2.78
C SER A 73 -6.57 8.63 3.39
N ALA A 74 -5.51 8.40 2.62
CA ALA A 74 -4.16 8.71 3.09
C ALA A 74 -3.90 10.21 3.10
N GLU A 75 -3.91 10.82 1.91
CA GLU A 75 -3.67 12.26 1.79
C GLU A 75 -4.40 13.02 2.90
N THR A 76 -5.49 12.44 3.39
CA THR A 76 -6.28 13.07 4.44
C THR A 76 -5.38 13.71 5.49
N HIS A 77 -4.68 12.88 6.26
CA HIS A 77 -3.78 13.36 7.30
C HIS A 77 -2.33 13.04 6.96
N ALA A 78 -2.13 12.04 6.08
CA ALA A 78 -0.80 11.63 5.68
C ALA A 78 -0.27 12.51 4.55
N ASP A 79 -1.18 13.23 3.90
CA ASP A 79 -0.79 14.11 2.80
C ASP A 79 0.27 13.46 1.92
N CYS A 80 0.02 12.21 1.53
CA CYS A 80 0.96 11.48 0.68
C CYS A 80 0.93 12.00 -0.75
N PRO A 81 2.12 12.11 -1.36
CA PRO A 81 2.26 12.59 -2.74
C PRO A 81 1.71 11.61 -3.76
N GLN A 82 0.44 11.78 -4.12
CA GLN A 82 -0.22 10.91 -5.08
C GLN A 82 0.63 10.77 -6.35
N LEU A 83 1.30 9.64 -6.49
CA LEU A 83 2.14 9.40 -7.66
C LEU A 83 1.32 8.78 -8.79
N LEU A 84 0.77 7.61 -8.55
CA LEU A 84 -0.03 6.91 -9.55
C LEU A 84 -1.27 7.73 -9.91
N ASP A 85 -1.54 7.83 -11.22
CA ASP A 85 -2.69 8.58 -11.69
C ASP A 85 -3.92 7.68 -11.82
N THR A 86 -4.73 7.65 -10.77
CA THR A 86 -5.93 6.83 -10.76
C THR A 86 -6.60 6.81 -12.13
N GLU A 87 -6.86 7.99 -12.67
CA GLU A 87 -7.50 8.11 -13.97
C GLU A 87 -6.87 7.14 -14.97
N ASP A 88 -5.54 7.17 -15.05
CA ASP A 88 -4.82 6.29 -15.97
C ASP A 88 -4.79 4.86 -15.44
N MET A 89 -4.78 4.72 -14.12
CA MET A 89 -4.75 3.40 -13.49
C MET A 89 -5.99 2.59 -13.86
N VAL A 90 -7.15 3.24 -13.79
CA VAL A 90 -8.41 2.57 -14.12
C VAL A 90 -8.35 1.94 -15.51
N ARG A 91 -8.28 2.78 -16.53
CA ARG A 91 -8.22 2.30 -17.91
C ARG A 91 -7.08 1.29 -18.09
N LEU A 92 -5.92 1.64 -17.54
CA LEU A 92 -4.75 0.76 -17.64
C LEU A 92 -5.08 -0.64 -17.12
N ARG A 93 -4.98 -1.62 -18.01
CA ARG A 93 -5.26 -3.01 -17.63
C ARG A 93 -4.74 -3.31 -16.23
N GLU A 94 -3.53 -2.84 -15.94
CA GLU A 94 -2.92 -3.07 -14.63
C GLU A 94 -1.74 -2.12 -14.41
N PRO A 95 -1.56 -1.67 -13.16
CA PRO A 95 -0.47 -0.77 -12.79
C PRO A 95 0.89 -1.45 -12.84
N ASP A 96 1.83 -0.82 -13.55
CA ASP A 96 3.18 -1.37 -13.68
C ASP A 96 3.89 -1.38 -12.33
N TRP A 97 4.27 -2.56 -11.88
CA TRP A 97 4.97 -2.71 -10.60
C TRP A 97 6.00 -1.60 -10.41
N LYS A 98 6.82 -1.38 -11.44
CA LYS A 98 7.85 -0.36 -11.40
C LYS A 98 7.34 0.89 -10.70
N CYS A 99 6.12 1.30 -11.02
CA CYS A 99 5.52 2.48 -10.44
C CYS A 99 4.96 2.17 -9.05
N VAL A 100 4.00 1.26 -9.00
CA VAL A 100 3.37 0.88 -7.73
C VAL A 100 4.41 0.80 -6.62
N TYR A 101 5.38 -0.07 -6.77
CA TYR A 101 6.43 -0.24 -5.76
C TYR A 101 6.84 1.11 -5.19
N THR A 102 6.93 2.11 -6.04
CA THR A 102 7.32 3.45 -5.62
C THR A 102 6.37 3.99 -4.57
N TYR A 103 5.07 3.96 -4.87
CA TYR A 103 4.05 4.45 -3.95
C TYR A 103 4.15 3.74 -2.61
N ILE A 104 4.25 2.41 -2.65
CA ILE A 104 4.35 1.60 -1.44
C ILE A 104 5.48 2.11 -0.55
N GLN A 105 6.64 2.37 -1.14
CA GLN A 105 7.80 2.85 -0.40
C GLN A 105 7.57 4.28 0.07
N GLU A 106 7.08 5.13 -0.83
CA GLU A 106 6.82 6.52 -0.50
C GLU A 106 5.93 6.65 0.73
N PHE A 107 4.81 5.94 0.70
CA PHE A 107 3.86 5.96 1.81
C PHE A 107 4.50 5.42 3.09
N TYR A 108 5.02 4.19 3.00
CA TYR A 108 5.65 3.56 4.16
C TYR A 108 6.57 4.53 4.87
N ARG A 109 7.41 5.22 4.10
CA ARG A 109 8.35 6.19 4.66
C ARG A 109 7.61 7.27 5.45
N CYS A 110 6.41 7.63 4.98
CA CYS A 110 5.61 8.65 5.64
C CYS A 110 5.01 8.12 6.94
N LEU A 111 4.68 6.83 6.95
CA LEU A 111 4.10 6.19 8.13
C LEU A 111 5.10 6.14 9.27
N VAL A 112 6.33 5.74 8.96
CA VAL A 112 7.39 5.65 9.95
C VAL A 112 7.50 6.95 10.74
N GLN A 113 7.17 8.07 10.10
CA GLN A 113 7.23 9.37 10.74
C GLN A 113 6.11 9.54 11.75
N LYS A 114 4.88 9.37 11.29
CA LYS A 114 3.71 9.50 12.17
C LYS A 114 3.86 8.62 13.41
N GLY A 115 4.59 7.53 13.28
CA GLY A 115 4.79 6.63 14.39
C GLY A 115 3.92 5.39 14.31
N LEU A 116 3.56 5.01 13.09
CA LEU A 116 2.72 3.84 12.88
C LEU A 116 3.57 2.57 12.79
N VAL A 117 4.51 2.57 11.85
CA VAL A 117 5.39 1.42 11.67
C VAL A 117 6.49 1.39 12.72
N LYS A 118 6.53 0.32 13.50
CA LYS A 118 7.54 0.17 14.55
C LYS A 118 8.29 -1.15 14.39
N THR A 119 8.79 -1.40 13.19
CA THR A 119 9.53 -2.64 12.91
C THR A 119 10.95 -2.32 12.46
N LYS A 120 11.86 -3.26 12.70
CA LYS A 120 13.26 -3.10 12.31
C LYS A 120 13.74 -1.67 12.60
N LYS A 121 13.54 -1.23 13.84
CA LYS A 121 13.95 0.10 14.24
C LYS A 121 15.27 0.07 15.00
N SER A 122 16.29 -0.50 14.37
CA SER A 122 17.61 -0.61 14.98
C SER A 122 18.44 0.63 14.70
N SER A 123 17.91 1.80 15.06
CA SER A 123 18.59 3.06 14.85
C SER A 123 20.07 2.94 15.22
N GLY A 124 20.94 3.50 14.38
CA GLY A 124 22.36 3.44 14.64
C GLY A 124 23.19 3.96 13.47
N PRO A 125 24.47 3.58 13.42
CA PRO A 125 25.39 4.00 12.36
C PRO A 125 25.05 3.36 11.01
N SER A 126 24.11 3.97 10.30
CA SER A 126 23.68 3.46 9.00
C SER A 126 23.91 4.50 7.90
N SER A 127 23.34 5.69 8.10
CA SER A 127 23.48 6.77 7.14
C SER A 127 24.92 7.27 7.07
N GLY A 128 25.43 7.73 8.22
CA GLY A 128 26.79 8.23 8.27
C GLY A 128 27.01 9.15 9.45
N GLY A 1 12.56 -21.93 4.28
CA GLY A 1 11.47 -21.03 3.97
C GLY A 1 11.95 -19.71 3.41
N SER A 2 12.45 -18.84 4.28
CA SER A 2 12.94 -17.54 3.87
C SER A 2 14.47 -17.48 3.94
N SER A 3 15.05 -16.49 3.26
CA SER A 3 16.50 -16.33 3.25
C SER A 3 16.90 -14.99 3.87
N GLY A 4 17.19 -15.00 5.16
CA GLY A 4 17.58 -13.78 5.84
C GLY A 4 16.83 -12.56 5.35
N SER A 5 17.57 -11.60 4.79
CA SER A 5 16.96 -10.38 4.27
C SER A 5 17.72 -9.87 3.06
N SER A 6 17.02 -9.75 1.93
CA SER A 6 17.64 -9.28 0.70
C SER A 6 16.60 -8.63 -0.21
N GLY A 7 17.00 -7.56 -0.89
CA GLY A 7 16.09 -6.87 -1.79
C GLY A 7 14.87 -6.35 -1.08
N ILE A 8 14.65 -5.04 -1.17
CA ILE A 8 13.50 -4.40 -0.53
C ILE A 8 12.20 -4.79 -1.22
N LYS A 9 12.27 -5.03 -2.52
CA LYS A 9 11.10 -5.41 -3.30
C LYS A 9 10.39 -6.59 -2.66
N GLN A 10 11.11 -7.34 -1.85
CA GLN A 10 10.54 -8.50 -1.17
C GLN A 10 9.94 -8.10 0.18
N MET A 11 10.80 -7.68 1.10
CA MET A 11 10.36 -7.27 2.42
C MET A 11 9.07 -6.45 2.34
N LEU A 12 8.89 -5.74 1.23
CA LEU A 12 7.70 -4.92 1.02
C LEU A 12 6.46 -5.80 0.89
N LEU A 13 6.53 -6.78 0.00
CA LEU A 13 5.41 -7.68 -0.23
C LEU A 13 5.04 -8.43 1.05
N ASP A 14 6.05 -8.93 1.74
CA ASP A 14 5.84 -9.66 2.99
C ASP A 14 5.19 -8.77 4.04
N TRP A 15 5.67 -7.53 4.13
CA TRP A 15 5.13 -6.58 5.09
C TRP A 15 3.70 -6.18 4.73
N CYS A 16 3.48 -5.89 3.46
CA CYS A 16 2.16 -5.51 2.99
C CYS A 16 1.08 -6.46 3.51
N ARG A 17 1.38 -7.75 3.44
CA ARG A 17 0.43 -8.77 3.90
C ARG A 17 0.16 -8.62 5.39
N ALA A 18 1.22 -8.54 6.19
CA ALA A 18 1.09 -8.38 7.63
C ALA A 18 0.09 -7.29 7.97
N LYS A 19 0.02 -6.26 7.12
CA LYS A 19 -0.89 -5.16 7.35
C LYS A 19 -2.20 -5.37 6.59
N THR A 20 -2.15 -6.17 5.54
CA THR A 20 -3.33 -6.46 4.73
C THR A 20 -3.74 -7.91 4.87
N ARG A 21 -3.57 -8.47 6.07
CA ARG A 21 -3.92 -9.85 6.34
C ARG A 21 -5.29 -9.95 7.01
N GLY A 22 -6.12 -10.86 6.52
CA GLY A 22 -7.44 -11.03 7.09
C GLY A 22 -8.53 -10.48 6.19
N TYR A 23 -8.25 -9.34 5.56
CA TYR A 23 -9.21 -8.71 4.66
C TYR A 23 -9.72 -9.69 3.61
N GLU A 24 -11.00 -10.04 3.69
CA GLU A 24 -11.61 -10.98 2.75
C GLU A 24 -11.56 -10.42 1.33
N HIS A 25 -11.38 -11.31 0.36
CA HIS A 25 -11.32 -10.91 -1.04
C HIS A 25 -10.07 -10.06 -1.31
N VAL A 26 -8.97 -10.41 -0.64
CA VAL A 26 -7.72 -9.68 -0.81
C VAL A 26 -6.53 -10.63 -0.74
N ASP A 27 -5.50 -10.33 -1.52
CA ASP A 27 -4.29 -11.16 -1.54
C ASP A 27 -3.18 -10.46 -2.31
N ILE A 28 -2.20 -9.94 -1.58
CA ILE A 28 -1.06 -9.25 -2.20
C ILE A 28 0.03 -10.24 -2.60
N GLN A 29 -0.09 -10.77 -3.81
CA GLN A 29 0.89 -11.72 -4.33
C GLN A 29 2.04 -11.01 -5.04
N ASN A 30 1.69 -9.98 -5.81
CA ASN A 30 2.69 -9.21 -6.54
C ASN A 30 2.26 -7.76 -6.70
N PHE A 31 3.17 -6.92 -7.18
CA PHE A 31 2.87 -5.50 -7.38
C PHE A 31 2.60 -5.20 -8.85
N SER A 32 1.84 -6.07 -9.49
CA SER A 32 1.51 -5.91 -10.90
C SER A 32 0.00 -5.89 -11.11
N SER A 33 -0.63 -7.05 -10.92
CA SER A 33 -2.07 -7.18 -11.10
C SER A 33 -2.72 -7.66 -9.81
N SER A 34 -2.18 -7.24 -8.67
CA SER A 34 -2.70 -7.62 -7.37
C SER A 34 -3.56 -6.51 -6.77
N TRP A 35 -3.18 -5.27 -7.06
CA TRP A 35 -3.92 -4.11 -6.56
C TRP A 35 -4.90 -3.59 -7.60
N SER A 36 -4.60 -3.85 -8.86
CA SER A 36 -5.46 -3.41 -9.96
C SER A 36 -6.92 -3.46 -9.55
N ASP A 37 -7.30 -4.50 -8.82
CA ASP A 37 -8.68 -4.66 -8.36
C ASP A 37 -9.17 -3.40 -7.66
N GLY A 38 -8.52 -3.06 -6.55
CA GLY A 38 -8.90 -1.89 -5.80
C GLY A 38 -8.83 -2.11 -4.29
N MET A 39 -9.73 -2.93 -3.78
CA MET A 39 -9.76 -3.23 -2.35
C MET A 39 -8.35 -3.37 -1.79
N ALA A 40 -7.51 -4.12 -2.50
CA ALA A 40 -6.14 -4.33 -2.07
C ALA A 40 -5.57 -3.09 -1.38
N PHE A 41 -5.42 -2.01 -2.14
CA PHE A 41 -4.90 -0.77 -1.59
C PHE A 41 -5.68 -0.34 -0.35
N CYS A 42 -6.99 -0.21 -0.49
CA CYS A 42 -7.85 0.19 0.62
C CYS A 42 -7.47 -0.57 1.90
N ALA A 43 -7.57 -1.89 1.84
CA ALA A 43 -7.24 -2.73 2.99
C ALA A 43 -5.90 -2.32 3.60
N LEU A 44 -4.87 -2.29 2.77
CA LEU A 44 -3.53 -1.92 3.24
C LEU A 44 -3.58 -0.62 4.03
N VAL A 45 -4.35 0.34 3.54
CA VAL A 45 -4.47 1.63 4.22
C VAL A 45 -5.30 1.51 5.49
N HIS A 46 -6.56 1.11 5.34
CA HIS A 46 -7.46 0.95 6.48
C HIS A 46 -6.69 0.45 7.71
N ASN A 47 -5.82 -0.52 7.50
CA ASN A 47 -5.02 -1.08 8.58
C ASN A 47 -4.34 0.02 9.39
N PHE A 48 -3.69 0.95 8.68
CA PHE A 48 -3.00 2.06 9.32
C PHE A 48 -3.99 3.03 9.96
N PHE A 49 -4.90 3.55 9.14
CA PHE A 49 -5.91 4.48 9.62
C PHE A 49 -7.32 3.93 9.41
N PRO A 50 -7.81 3.19 10.41
CA PRO A 50 -9.14 2.58 10.37
C PRO A 50 -10.26 3.62 10.46
N GLU A 51 -10.10 4.57 11.37
CA GLU A 51 -11.09 5.62 11.57
C GLU A 51 -11.14 6.54 10.35
N ALA A 52 -10.02 6.64 9.64
CA ALA A 52 -9.94 7.49 8.46
C ALA A 52 -11.08 7.19 7.49
N PHE A 53 -11.46 5.92 7.41
CA PHE A 53 -12.54 5.51 6.52
C PHE A 53 -12.93 4.05 6.77
N ASP A 54 -14.23 3.79 6.78
CA ASP A 54 -14.73 2.44 7.01
C ASP A 54 -14.44 1.53 5.82
N TYR A 55 -13.68 0.48 6.05
CA TYR A 55 -13.34 -0.46 4.99
C TYR A 55 -14.55 -1.26 4.55
N GLY A 56 -15.13 -2.02 5.47
CA GLY A 56 -16.30 -2.82 5.16
C GLY A 56 -17.31 -2.05 4.33
N GLN A 57 -17.43 -0.75 4.59
CA GLN A 57 -18.38 0.09 3.87
C GLN A 57 -18.10 0.05 2.37
N LEU A 58 -16.82 0.02 2.00
CA LEU A 58 -16.42 -0.01 0.60
C LEU A 58 -16.93 -1.29 -0.07
N SER A 59 -16.79 -1.34 -1.39
CA SER A 59 -17.23 -2.50 -2.15
C SER A 59 -16.20 -2.89 -3.22
N PRO A 60 -16.16 -4.18 -3.56
CA PRO A 60 -15.22 -4.70 -4.57
C PRO A 60 -15.57 -4.23 -5.97
N GLN A 61 -16.86 -4.23 -6.30
CA GLN A 61 -17.32 -3.81 -7.61
C GLN A 61 -16.78 -2.43 -7.96
N ASN A 62 -16.42 -1.66 -6.94
CA ASN A 62 -15.88 -0.32 -7.14
C ASN A 62 -14.42 -0.38 -7.58
N ARG A 63 -14.19 -0.15 -8.86
CA ARG A 63 -12.84 -0.17 -9.42
C ARG A 63 -12.13 1.15 -9.18
N ARG A 64 -12.89 2.25 -9.30
CA ARG A 64 -12.33 3.58 -9.11
C ARG A 64 -12.28 3.94 -7.62
N GLN A 65 -13.46 4.18 -7.04
CA GLN A 65 -13.56 4.53 -5.63
C GLN A 65 -12.47 3.81 -4.82
N ASN A 66 -12.38 2.51 -4.99
CA ASN A 66 -11.39 1.70 -4.27
C ASN A 66 -10.04 2.40 -4.26
N PHE A 67 -9.60 2.85 -5.42
CA PHE A 67 -8.32 3.54 -5.55
C PHE A 67 -8.40 4.95 -4.99
N GLU A 68 -9.26 5.77 -5.59
CA GLU A 68 -9.43 7.15 -5.14
C GLU A 68 -9.43 7.24 -3.62
N VAL A 69 -10.35 6.52 -2.99
CA VAL A 69 -10.45 6.52 -1.54
C VAL A 69 -9.11 6.16 -0.90
N ALA A 70 -8.44 5.15 -1.44
CA ALA A 70 -7.15 4.71 -0.92
C ALA A 70 -6.16 5.88 -0.89
N PHE A 71 -6.16 6.67 -1.95
CA PHE A 71 -5.25 7.82 -2.04
C PHE A 71 -5.72 8.96 -1.14
N SER A 72 -6.96 9.39 -1.34
CA SER A 72 -7.54 10.47 -0.55
C SER A 72 -7.43 10.17 0.93
N SER A 73 -8.05 9.08 1.35
CA SER A 73 -8.04 8.68 2.76
C SER A 73 -6.68 9.00 3.40
N ALA A 74 -5.61 8.50 2.79
CA ALA A 74 -4.27 8.72 3.29
C ALA A 74 -3.92 10.21 3.29
N GLU A 75 -3.90 10.80 2.10
CA GLU A 75 -3.59 12.22 1.95
C GLU A 75 -4.22 13.03 3.09
N THR A 76 -5.33 12.53 3.61
CA THR A 76 -6.04 13.21 4.70
C THR A 76 -5.05 13.74 5.74
N HIS A 77 -4.33 12.83 6.39
CA HIS A 77 -3.37 13.21 7.41
C HIS A 77 -1.96 12.79 7.00
N ALA A 78 -1.86 11.83 6.09
CA ALA A 78 -0.58 11.35 5.61
C ALA A 78 0.01 12.30 4.58
N ASP A 79 -0.86 12.97 3.84
CA ASP A 79 -0.43 13.91 2.81
C ASP A 79 0.59 13.27 1.87
N CYS A 80 0.25 12.09 1.36
CA CYS A 80 1.14 11.36 0.45
C CYS A 80 1.02 11.91 -0.97
N PRO A 81 2.17 12.04 -1.65
CA PRO A 81 2.23 12.54 -3.02
C PRO A 81 1.63 11.58 -4.03
N GLN A 82 0.35 11.78 -4.34
CA GLN A 82 -0.34 10.92 -5.29
C GLN A 82 0.50 10.72 -6.55
N LEU A 83 1.07 9.53 -6.69
CA LEU A 83 1.89 9.21 -7.85
C LEU A 83 1.06 8.58 -8.96
N LEU A 84 0.51 7.40 -8.68
CA LEU A 84 -0.32 6.69 -9.65
C LEU A 84 -1.48 7.57 -10.11
N ASP A 85 -1.97 7.31 -11.32
CA ASP A 85 -3.09 8.06 -11.87
C ASP A 85 -4.32 7.16 -12.04
N THR A 86 -5.17 7.12 -11.02
CA THR A 86 -6.37 6.32 -11.05
C THR A 86 -6.98 6.29 -12.45
N GLU A 87 -7.18 7.47 -13.02
CA GLU A 87 -7.75 7.59 -14.36
C GLU A 87 -7.09 6.61 -15.33
N ASP A 88 -5.76 6.60 -15.32
CA ASP A 88 -4.99 5.71 -16.19
C ASP A 88 -4.98 4.28 -15.63
N MET A 89 -5.04 4.17 -14.32
CA MET A 89 -5.04 2.86 -13.66
C MET A 89 -6.26 2.04 -14.10
N VAL A 90 -7.43 2.66 -14.07
CA VAL A 90 -8.67 1.99 -14.45
C VAL A 90 -8.53 1.34 -15.83
N ARG A 91 -8.33 2.18 -16.85
CA ARG A 91 -8.18 1.69 -18.21
C ARG A 91 -7.06 0.67 -18.32
N LEU A 92 -5.93 0.98 -17.69
CA LEU A 92 -4.77 0.10 -17.71
C LEU A 92 -5.10 -1.24 -17.05
N ARG A 93 -5.09 -2.31 -17.84
CA ARG A 93 -5.38 -3.64 -17.33
C ARG A 93 -4.76 -3.85 -15.96
N GLU A 94 -3.56 -3.33 -15.77
CA GLU A 94 -2.85 -3.45 -14.50
C GLU A 94 -1.74 -2.42 -14.38
N PRO A 95 -1.50 -1.93 -13.15
CA PRO A 95 -0.47 -0.93 -12.88
C PRO A 95 0.94 -1.50 -13.03
N ASP A 96 1.88 -0.63 -13.39
CA ASP A 96 3.27 -1.04 -13.57
C ASP A 96 4.00 -1.07 -12.23
N TRP A 97 4.49 -2.25 -11.86
CA TRP A 97 5.21 -2.42 -10.60
C TRP A 97 6.15 -1.24 -10.35
N LYS A 98 6.90 -0.85 -11.38
CA LYS A 98 7.82 0.26 -11.28
C LYS A 98 7.21 1.42 -10.50
N CYS A 99 5.94 1.68 -10.75
CA CYS A 99 5.24 2.76 -10.08
C CYS A 99 4.69 2.29 -8.73
N VAL A 100 3.77 1.34 -8.77
CA VAL A 100 3.17 0.80 -7.55
C VAL A 100 4.20 0.69 -6.44
N TYR A 101 5.24 -0.09 -6.68
CA TYR A 101 6.30 -0.29 -5.69
C TYR A 101 6.75 1.04 -5.10
N THR A 102 6.85 2.06 -5.96
CA THR A 102 7.26 3.38 -5.54
C THR A 102 6.30 3.96 -4.51
N TYR A 103 5.00 3.86 -4.79
CA TYR A 103 3.99 4.37 -3.89
C TYR A 103 4.13 3.77 -2.49
N ILE A 104 4.37 2.46 -2.44
CA ILE A 104 4.53 1.77 -1.18
C ILE A 104 5.71 2.33 -0.39
N GLN A 105 6.86 2.41 -1.04
CA GLN A 105 8.07 2.94 -0.39
C GLN A 105 7.87 4.40 0.00
N GLU A 106 7.24 5.17 -0.86
CA GLU A 106 6.99 6.58 -0.60
C GLU A 106 6.03 6.76 0.57
N PHE A 107 4.99 5.93 0.60
CA PHE A 107 3.99 6.00 1.66
C PHE A 107 4.57 5.50 2.98
N TYR A 108 5.06 4.26 2.97
CA TYR A 108 5.64 3.67 4.17
C TYR A 108 6.48 4.68 4.93
N ARG A 109 7.12 5.58 4.20
CA ARG A 109 7.96 6.61 4.80
C ARG A 109 7.13 7.50 5.73
N CYS A 110 5.96 7.91 5.26
CA CYS A 110 5.08 8.77 6.05
C CYS A 110 4.65 8.08 7.34
N LEU A 111 4.36 6.78 7.25
CA LEU A 111 3.94 6.01 8.40
C LEU A 111 5.01 6.02 9.49
N VAL A 112 6.20 5.57 9.14
CA VAL A 112 7.31 5.53 10.08
C VAL A 112 7.39 6.82 10.89
N GLN A 113 7.31 7.95 10.20
CA GLN A 113 7.37 9.25 10.85
C GLN A 113 6.08 9.55 11.60
N LYS A 114 4.96 9.15 11.02
CA LYS A 114 3.65 9.36 11.63
C LYS A 114 3.59 8.72 13.01
N GLY A 115 4.23 7.56 13.16
CA GLY A 115 4.23 6.86 14.43
C GLY A 115 3.37 5.61 14.41
N LEU A 116 3.29 4.97 13.25
CA LEU A 116 2.49 3.76 13.10
C LEU A 116 3.38 2.52 13.16
N VAL A 117 4.52 2.57 12.48
CA VAL A 117 5.45 1.45 12.46
C VAL A 117 6.71 1.77 13.27
N LYS A 118 6.90 1.03 14.36
CA LYS A 118 8.07 1.24 15.22
C LYS A 118 9.34 1.35 14.38
N THR A 119 10.34 2.03 14.94
CA THR A 119 11.62 2.22 14.25
C THR A 119 12.18 0.89 13.76
N LYS A 120 12.57 0.84 12.51
CA LYS A 120 13.13 -0.37 11.92
C LYS A 120 14.63 -0.46 12.18
N LYS A 121 15.09 -1.62 12.61
CA LYS A 121 16.50 -1.85 12.89
C LYS A 121 17.34 -1.62 11.64
N SER A 122 17.09 -2.41 10.60
CA SER A 122 17.82 -2.30 9.35
C SER A 122 19.28 -1.91 9.61
N SER A 123 19.92 -2.64 10.52
CA SER A 123 21.32 -2.37 10.86
C SER A 123 22.25 -2.88 9.77
N GLY A 124 22.06 -4.13 9.38
CA GLY A 124 22.89 -4.73 8.34
C GLY A 124 22.12 -5.00 7.06
N PRO A 125 21.72 -3.91 6.37
CA PRO A 125 20.97 -4.00 5.12
C PRO A 125 21.83 -4.54 3.97
N SER A 126 21.18 -4.99 2.91
CA SER A 126 21.87 -5.54 1.75
C SER A 126 22.34 -4.41 0.82
N SER A 127 23.53 -4.57 0.27
CA SER A 127 24.10 -3.56 -0.63
C SER A 127 23.88 -3.96 -2.09
N GLY A 128 23.36 -3.02 -2.88
CA GLY A 128 23.10 -3.29 -4.28
C GLY A 128 21.74 -3.89 -4.52
N GLY A 1 15.53 -11.15 12.98
CA GLY A 1 15.96 -12.35 13.68
C GLY A 1 16.37 -13.45 12.71
N SER A 2 15.72 -14.60 12.82
CA SER A 2 16.02 -15.73 11.96
C SER A 2 15.82 -15.38 10.49
N SER A 3 14.63 -14.86 10.18
CA SER A 3 14.32 -14.48 8.81
C SER A 3 15.32 -13.45 8.27
N GLY A 4 15.51 -13.45 6.96
CA GLY A 4 16.45 -12.52 6.35
C GLY A 4 16.37 -12.54 4.84
N SER A 5 15.95 -11.42 4.26
CA SER A 5 15.83 -11.30 2.81
C SER A 5 16.54 -10.06 2.30
N SER A 6 17.17 -10.17 1.13
CA SER A 6 17.89 -9.05 0.53
C SER A 6 16.93 -8.13 -0.22
N GLY A 7 17.43 -6.97 -0.62
CA GLY A 7 16.61 -6.02 -1.35
C GLY A 7 15.39 -5.57 -0.56
N ILE A 8 14.58 -4.73 -1.17
CA ILE A 8 13.37 -4.22 -0.52
C ILE A 8 12.11 -4.77 -1.20
N LYS A 9 12.21 -5.00 -2.51
CA LYS A 9 11.09 -5.53 -3.27
C LYS A 9 10.44 -6.72 -2.56
N GLN A 10 11.21 -7.36 -1.69
CA GLN A 10 10.72 -8.52 -0.94
C GLN A 10 10.02 -8.07 0.33
N MET A 11 10.80 -7.65 1.31
CA MET A 11 10.25 -7.20 2.59
C MET A 11 8.94 -6.46 2.38
N LEU A 12 8.84 -5.72 1.28
CA LEU A 12 7.64 -4.96 0.97
C LEU A 12 6.44 -5.88 0.80
N LEU A 13 6.58 -6.87 -0.07
CA LEU A 13 5.51 -7.83 -0.32
C LEU A 13 5.16 -8.60 0.95
N ASP A 14 6.18 -8.95 1.72
CA ASP A 14 5.98 -9.69 2.97
C ASP A 14 5.41 -8.79 4.05
N TRP A 15 5.68 -7.49 3.94
CA TRP A 15 5.19 -6.53 4.91
C TRP A 15 3.73 -6.19 4.65
N CYS A 16 3.44 -5.73 3.44
CA CYS A 16 2.07 -5.38 3.07
C CYS A 16 1.08 -6.46 3.50
N ARG A 17 1.41 -7.71 3.17
CA ARG A 17 0.56 -8.83 3.53
C ARG A 17 0.26 -8.84 5.02
N ALA A 18 1.30 -8.73 5.83
CA ALA A 18 1.16 -8.71 7.28
C ALA A 18 0.09 -7.73 7.72
N LYS A 19 0.16 -6.50 7.20
CA LYS A 19 -0.81 -5.46 7.55
C LYS A 19 -2.18 -5.80 6.95
N THR A 20 -2.19 -6.26 5.71
CA THR A 20 -3.43 -6.61 5.03
C THR A 20 -4.14 -7.75 5.75
N ARG A 21 -3.38 -8.56 6.47
CA ARG A 21 -3.94 -9.69 7.20
C ARG A 21 -5.23 -9.29 7.92
N GLY A 22 -6.25 -10.13 7.79
CA GLY A 22 -7.53 -9.85 8.43
C GLY A 22 -8.62 -9.55 7.43
N TYR A 23 -8.29 -8.77 6.41
CA TYR A 23 -9.26 -8.40 5.38
C TYR A 23 -9.49 -9.57 4.42
N GLU A 24 -10.73 -10.05 4.37
CA GLU A 24 -11.08 -11.15 3.49
C GLU A 24 -11.22 -10.69 2.05
N HIS A 25 -11.08 -11.62 1.11
CA HIS A 25 -11.19 -11.30 -0.31
C HIS A 25 -9.99 -10.47 -0.76
N VAL A 26 -8.82 -10.79 -0.24
CA VAL A 26 -7.60 -10.07 -0.60
C VAL A 26 -6.41 -11.01 -0.66
N ASP A 27 -5.50 -10.75 -1.60
CA ASP A 27 -4.31 -11.58 -1.76
C ASP A 27 -3.23 -10.82 -2.53
N ILE A 28 -2.20 -10.38 -1.82
CA ILE A 28 -1.11 -9.65 -2.44
C ILE A 28 0.00 -10.59 -2.88
N GLN A 29 -0.04 -10.98 -4.15
CA GLN A 29 0.96 -11.88 -4.71
C GLN A 29 2.04 -11.11 -5.47
N ASN A 30 1.64 -9.99 -6.05
CA ASN A 30 2.57 -9.15 -6.81
C ASN A 30 1.99 -7.76 -7.05
N PHE A 31 2.87 -6.79 -7.24
CA PHE A 31 2.45 -5.42 -7.48
C PHE A 31 2.16 -5.17 -8.95
N SER A 32 1.37 -6.07 -9.55
CA SER A 32 1.03 -5.96 -10.97
C SER A 32 -0.48 -5.84 -11.15
N SER A 33 -1.20 -6.89 -10.78
CA SER A 33 -2.65 -6.91 -10.90
C SER A 33 -3.31 -7.07 -9.53
N SER A 34 -2.76 -7.97 -8.72
CA SER A 34 -3.29 -8.22 -7.38
C SER A 34 -3.85 -6.93 -6.78
N TRP A 35 -3.22 -5.81 -7.10
CA TRP A 35 -3.66 -4.52 -6.59
C TRP A 35 -4.72 -3.90 -7.49
N SER A 36 -4.50 -3.97 -8.79
CA SER A 36 -5.44 -3.42 -9.76
C SER A 36 -6.87 -3.57 -9.27
N ASP A 37 -7.14 -4.65 -8.55
CA ASP A 37 -8.48 -4.92 -8.03
C ASP A 37 -9.04 -3.68 -7.34
N GLY A 38 -8.25 -3.11 -6.42
CA GLY A 38 -8.70 -1.93 -5.72
C GLY A 38 -8.68 -2.12 -4.21
N MET A 39 -9.54 -3.00 -3.71
CA MET A 39 -9.62 -3.27 -2.28
C MET A 39 -8.22 -3.38 -1.67
N ALA A 40 -7.33 -4.09 -2.37
CA ALA A 40 -5.96 -4.27 -1.89
C ALA A 40 -5.47 -3.03 -1.16
N PHE A 41 -5.30 -1.94 -1.89
CA PHE A 41 -4.83 -0.69 -1.31
C PHE A 41 -5.67 -0.30 -0.10
N CYS A 42 -6.99 -0.30 -0.28
CA CYS A 42 -7.90 0.05 0.80
C CYS A 42 -7.55 -0.70 2.08
N ALA A 43 -7.55 -2.03 2.00
CA ALA A 43 -7.22 -2.86 3.15
C ALA A 43 -5.89 -2.47 3.77
N LEU A 44 -4.89 -2.25 2.91
CA LEU A 44 -3.57 -1.86 3.37
C LEU A 44 -3.62 -0.55 4.16
N VAL A 45 -4.40 0.40 3.66
CA VAL A 45 -4.54 1.69 4.32
C VAL A 45 -5.35 1.57 5.60
N HIS A 46 -6.60 1.13 5.46
CA HIS A 46 -7.48 0.96 6.62
C HIS A 46 -6.71 0.44 7.83
N ASN A 47 -5.83 -0.54 7.58
CA ASN A 47 -5.03 -1.13 8.65
C ASN A 47 -4.36 -0.05 9.48
N PHE A 48 -3.78 0.95 8.81
CA PHE A 48 -3.10 2.04 9.49
C PHE A 48 -4.11 3.02 10.10
N PHE A 49 -4.91 3.65 9.24
CA PHE A 49 -5.92 4.59 9.70
C PHE A 49 -7.33 4.06 9.46
N PRO A 50 -7.85 3.33 10.45
CA PRO A 50 -9.19 2.73 10.38
C PRO A 50 -10.30 3.79 10.43
N GLU A 51 -10.11 4.78 11.31
CA GLU A 51 -11.09 5.85 11.47
C GLU A 51 -11.17 6.70 10.20
N ALA A 52 -10.01 7.01 9.63
CA ALA A 52 -9.94 7.81 8.42
C ALA A 52 -11.09 7.47 7.47
N PHE A 53 -11.32 6.18 7.28
CA PHE A 53 -12.39 5.71 6.39
C PHE A 53 -12.81 4.30 6.75
N ASP A 54 -13.97 3.89 6.24
CA ASP A 54 -14.51 2.56 6.51
C ASP A 54 -14.24 1.63 5.33
N TYR A 55 -13.59 0.50 5.62
CA TYR A 55 -13.27 -0.47 4.58
C TYR A 55 -14.52 -1.23 4.14
N GLY A 56 -15.11 -1.98 5.06
CA GLY A 56 -16.30 -2.74 4.74
C GLY A 56 -17.28 -1.95 3.90
N GLN A 57 -17.37 -0.65 4.15
CA GLN A 57 -18.28 0.22 3.41
C GLN A 57 -17.98 0.17 1.92
N LEU A 58 -16.69 0.15 1.58
CA LEU A 58 -16.26 0.10 0.19
C LEU A 58 -16.67 -1.22 -0.47
N SER A 59 -16.55 -1.28 -1.79
CA SER A 59 -16.91 -2.48 -2.54
C SER A 59 -15.89 -2.75 -3.63
N PRO A 60 -15.81 -4.03 -4.05
CA PRO A 60 -14.88 -4.46 -5.09
C PRO A 60 -15.27 -3.94 -6.47
N GLN A 61 -16.54 -4.09 -6.81
CA GLN A 61 -17.04 -3.63 -8.11
C GLN A 61 -16.56 -2.22 -8.41
N ASN A 62 -16.28 -1.45 -7.35
CA ASN A 62 -15.81 -0.08 -7.51
C ASN A 62 -14.31 -0.05 -7.78
N ARG A 63 -13.94 0.09 -9.05
CA ARG A 63 -12.54 0.13 -9.45
C ARG A 63 -11.92 1.48 -9.09
N ARG A 64 -12.62 2.55 -9.43
CA ARG A 64 -12.13 3.90 -9.15
C ARG A 64 -12.13 4.17 -7.64
N GLN A 65 -13.32 4.13 -7.04
CA GLN A 65 -13.45 4.37 -5.61
C GLN A 65 -12.36 3.66 -4.83
N ASN A 66 -12.28 2.34 -4.99
CA ASN A 66 -11.27 1.54 -4.30
C ASN A 66 -9.94 2.27 -4.24
N PHE A 67 -9.52 2.81 -5.39
CA PHE A 67 -8.26 3.53 -5.47
C PHE A 67 -8.38 4.92 -4.84
N GLU A 68 -9.34 5.70 -5.33
CA GLU A 68 -9.56 7.04 -4.82
C GLU A 68 -9.59 7.05 -3.29
N VAL A 69 -10.55 6.33 -2.72
CA VAL A 69 -10.69 6.25 -1.27
C VAL A 69 -9.36 5.94 -0.61
N ALA A 70 -8.64 4.96 -1.16
CA ALA A 70 -7.35 4.57 -0.62
C ALA A 70 -6.36 5.73 -0.65
N PHE A 71 -6.37 6.49 -1.75
CA PHE A 71 -5.48 7.63 -1.90
C PHE A 71 -5.88 8.77 -0.96
N SER A 72 -7.11 9.25 -1.11
CA SER A 72 -7.62 10.34 -0.29
C SER A 72 -7.42 10.02 1.20
N SER A 73 -7.94 8.87 1.62
CA SER A 73 -7.83 8.45 3.02
C SER A 73 -6.45 8.81 3.58
N ALA A 74 -5.41 8.49 2.83
CA ALA A 74 -4.04 8.79 3.25
C ALA A 74 -3.77 10.30 3.24
N GLU A 75 -3.83 10.89 2.06
CA GLU A 75 -3.59 12.32 1.91
C GLU A 75 -4.32 13.11 3.00
N THR A 76 -5.35 12.50 3.57
CA THR A 76 -6.14 13.14 4.62
C THR A 76 -5.22 13.79 5.66
N HIS A 77 -4.51 12.96 6.41
CA HIS A 77 -3.60 13.46 7.44
C HIS A 77 -2.15 13.17 7.07
N ALA A 78 -1.95 12.15 6.23
CA ALA A 78 -0.61 11.78 5.79
C ALA A 78 -0.13 12.67 4.67
N ASP A 79 -1.08 13.24 3.92
CA ASP A 79 -0.74 14.12 2.81
C ASP A 79 0.23 13.44 1.84
N CYS A 80 0.06 12.13 1.65
CA CYS A 80 0.92 11.37 0.76
C CYS A 80 0.77 11.83 -0.68
N PRO A 81 1.89 11.90 -1.41
CA PRO A 81 1.90 12.32 -2.81
C PRO A 81 1.25 11.30 -3.73
N GLN A 82 0.25 11.75 -4.49
CA GLN A 82 -0.46 10.88 -5.42
C GLN A 82 0.33 10.70 -6.72
N LEU A 83 1.19 9.69 -6.74
CA LEU A 83 2.00 9.41 -7.92
C LEU A 83 1.19 8.72 -9.01
N LEU A 84 0.53 7.63 -8.62
CA LEU A 84 -0.30 6.87 -9.56
C LEU A 84 -1.52 7.67 -9.99
N ASP A 85 -1.86 7.58 -11.27
CA ASP A 85 -3.01 8.31 -11.80
C ASP A 85 -4.23 7.39 -11.88
N THR A 86 -4.99 7.33 -10.79
CA THR A 86 -6.18 6.49 -10.72
C THR A 86 -6.88 6.44 -12.08
N GLU A 87 -7.10 7.61 -12.67
CA GLU A 87 -7.76 7.69 -13.96
C GLU A 87 -7.11 6.74 -14.97
N ASP A 88 -5.80 6.75 -15.02
CA ASP A 88 -5.05 5.89 -15.93
C ASP A 88 -5.00 4.46 -15.40
N MET A 89 -4.96 4.31 -14.09
CA MET A 89 -4.91 3.00 -13.45
C MET A 89 -6.12 2.17 -13.84
N VAL A 90 -7.31 2.79 -13.79
CA VAL A 90 -8.54 2.10 -14.13
C VAL A 90 -8.47 1.50 -15.53
N ARG A 91 -8.38 2.36 -16.54
CA ARG A 91 -8.31 1.90 -17.93
C ARG A 91 -7.12 0.96 -18.12
N LEU A 92 -5.99 1.31 -17.52
CA LEU A 92 -4.78 0.51 -17.63
C LEU A 92 -5.04 -0.93 -17.17
N ARG A 93 -4.84 -1.88 -18.08
CA ARG A 93 -5.06 -3.28 -17.76
C ARG A 93 -4.53 -3.62 -16.36
N GLU A 94 -3.38 -3.03 -16.02
CA GLU A 94 -2.78 -3.26 -14.71
C GLU A 94 -1.61 -2.32 -14.48
N PRO A 95 -1.47 -1.84 -13.23
CA PRO A 95 -0.40 -0.92 -12.85
C PRO A 95 0.97 -1.59 -12.86
N ASP A 96 1.91 -0.99 -13.59
CA ASP A 96 3.26 -1.53 -13.68
C ASP A 96 3.94 -1.55 -12.30
N TRP A 97 4.47 -2.70 -11.92
CA TRP A 97 5.14 -2.84 -10.64
C TRP A 97 6.09 -1.68 -10.38
N LYS A 98 6.88 -1.33 -11.38
CA LYS A 98 7.83 -0.23 -11.27
C LYS A 98 7.17 0.99 -10.63
N CYS A 99 5.91 1.23 -10.98
CA CYS A 99 5.16 2.37 -10.44
C CYS A 99 4.63 2.04 -9.05
N VAL A 100 3.78 1.02 -8.96
CA VAL A 100 3.20 0.62 -7.69
C VAL A 100 4.24 0.62 -6.58
N TYR A 101 5.26 -0.21 -6.72
CA TYR A 101 6.32 -0.30 -5.73
C TYR A 101 6.74 1.09 -5.26
N THR A 102 6.88 2.01 -6.21
CA THR A 102 7.28 3.37 -5.90
C THR A 102 6.35 4.00 -4.88
N TYR A 103 5.05 3.88 -5.12
CA TYR A 103 4.04 4.43 -4.22
C TYR A 103 4.16 3.83 -2.83
N ILE A 104 3.97 2.52 -2.73
CA ILE A 104 4.05 1.82 -1.47
C ILE A 104 5.19 2.37 -0.62
N GLN A 105 6.41 2.34 -1.18
CA GLN A 105 7.58 2.83 -0.47
C GLN A 105 7.38 4.27 -0.01
N GLU A 106 7.02 5.14 -0.95
CA GLU A 106 6.80 6.54 -0.65
C GLU A 106 5.85 6.70 0.54
N PHE A 107 4.68 6.09 0.42
CA PHE A 107 3.68 6.16 1.48
C PHE A 107 4.22 5.59 2.78
N TYR A 108 4.58 4.31 2.77
CA TYR A 108 5.11 3.66 3.96
C TYR A 108 6.02 4.60 4.74
N ARG A 109 6.85 5.36 4.02
CA ARG A 109 7.77 6.30 4.65
C ARG A 109 7.02 7.30 5.52
N CYS A 110 5.90 7.81 5.00
CA CYS A 110 5.09 8.77 5.74
C CYS A 110 4.64 8.20 7.08
N LEU A 111 4.20 6.95 7.06
CA LEU A 111 3.74 6.28 8.29
C LEU A 111 4.84 6.27 9.34
N VAL A 112 6.05 5.91 8.93
CA VAL A 112 7.19 5.86 9.84
C VAL A 112 7.29 7.14 10.65
N GLN A 113 7.03 8.27 10.00
CA GLN A 113 7.10 9.57 10.67
C GLN A 113 6.03 9.69 11.74
N LYS A 114 4.78 9.41 11.37
CA LYS A 114 3.67 9.47 12.30
C LYS A 114 3.91 8.56 13.50
N GLY A 115 4.60 7.46 13.27
CA GLY A 115 4.88 6.51 14.34
C GLY A 115 3.96 5.31 14.30
N LEU A 116 3.57 4.89 13.11
CA LEU A 116 2.69 3.75 12.94
C LEU A 116 3.49 2.44 12.90
N VAL A 117 4.47 2.40 12.01
CA VAL A 117 5.31 1.21 11.86
C VAL A 117 6.42 1.19 12.91
N LYS A 118 6.47 0.12 13.68
CA LYS A 118 7.49 -0.03 14.72
C LYS A 118 8.88 0.30 14.17
N THR A 119 9.87 0.27 15.05
CA THR A 119 11.25 0.56 14.65
C THR A 119 11.37 1.96 14.05
N LYS A 120 10.62 2.90 14.60
CA LYS A 120 10.64 4.27 14.12
C LYS A 120 12.08 4.78 13.98
N LYS A 121 12.40 5.29 12.80
CA LYS A 121 13.73 5.82 12.54
C LYS A 121 13.81 7.30 12.87
N SER A 122 14.47 7.62 13.98
CA SER A 122 14.62 9.01 14.40
C SER A 122 16.07 9.46 14.29
N SER A 123 16.26 10.71 13.88
CA SER A 123 17.60 11.27 13.71
C SER A 123 18.17 11.71 15.05
N GLY A 124 19.44 11.42 15.28
CA GLY A 124 20.08 11.80 16.54
C GLY A 124 21.20 10.85 16.92
N PRO A 125 22.25 11.39 17.55
CA PRO A 125 23.41 10.60 17.99
C PRO A 125 23.07 9.68 19.14
N SER A 126 21.81 9.67 19.54
CA SER A 126 21.35 8.83 20.65
C SER A 126 22.05 7.47 20.62
N SER A 127 22.14 6.83 21.78
CA SER A 127 22.78 5.53 21.89
C SER A 127 21.74 4.41 21.90
N GLY A 128 20.66 4.63 22.63
CA GLY A 128 19.61 3.63 22.72
C GLY A 128 19.78 2.70 23.90
N GLY A 1 11.28 -7.27 -11.96
CA GLY A 1 10.68 -8.56 -12.23
C GLY A 1 11.69 -9.68 -12.20
N SER A 2 12.49 -9.73 -11.15
CA SER A 2 13.52 -10.76 -11.01
C SER A 2 13.06 -11.85 -10.05
N SER A 3 13.41 -13.09 -10.37
CA SER A 3 13.04 -14.23 -9.54
C SER A 3 14.22 -14.73 -8.72
N GLY A 4 14.23 -14.36 -7.44
CA GLY A 4 15.32 -14.77 -6.56
C GLY A 4 16.23 -13.61 -6.18
N SER A 5 15.68 -12.65 -5.46
CA SER A 5 16.46 -11.48 -5.05
C SER A 5 16.17 -11.12 -3.59
N SER A 6 17.18 -10.63 -2.90
CA SER A 6 17.03 -10.24 -1.50
C SER A 6 17.11 -8.73 -1.32
N GLY A 7 16.23 -8.02 -2.04
CA GLY A 7 16.21 -6.57 -1.96
C GLY A 7 15.03 -6.04 -1.20
N ILE A 8 14.72 -4.77 -1.38
CA ILE A 8 13.59 -4.14 -0.70
C ILE A 8 12.29 -4.40 -1.45
N LYS A 9 12.38 -5.12 -2.56
CA LYS A 9 11.21 -5.44 -3.37
C LYS A 9 10.44 -6.61 -2.77
N GLN A 10 11.16 -7.52 -2.12
CA GLN A 10 10.54 -8.69 -1.50
C GLN A 10 9.93 -8.33 -0.15
N MET A 11 10.76 -7.79 0.74
CA MET A 11 10.31 -7.40 2.06
C MET A 11 9.02 -6.59 1.99
N LEU A 12 8.90 -5.76 0.96
CA LEU A 12 7.72 -4.93 0.76
C LEU A 12 6.48 -5.79 0.54
N LEU A 13 6.62 -6.83 -0.28
CA LEU A 13 5.51 -7.73 -0.57
C LEU A 13 5.13 -8.54 0.67
N ASP A 14 6.13 -9.05 1.38
CA ASP A 14 5.90 -9.84 2.57
C ASP A 14 5.31 -8.97 3.69
N TRP A 15 5.66 -7.68 3.68
CA TRP A 15 5.16 -6.76 4.68
C TRP A 15 3.72 -6.37 4.41
N CYS A 16 3.46 -5.86 3.21
CA CYS A 16 2.11 -5.46 2.82
C CYS A 16 1.08 -6.43 3.37
N ARG A 17 1.28 -7.71 3.12
CA ARG A 17 0.36 -8.74 3.58
C ARG A 17 0.16 -8.65 5.09
N ALA A 18 1.26 -8.77 5.83
CA ALA A 18 1.20 -8.71 7.28
C ALA A 18 0.21 -7.64 7.75
N LYS A 19 0.33 -6.44 7.19
CA LYS A 19 -0.56 -5.34 7.54
C LYS A 19 -1.96 -5.58 7.01
N THR A 20 -2.05 -6.30 5.89
CA THR A 20 -3.34 -6.59 5.27
C THR A 20 -3.87 -7.94 5.74
N ARG A 21 -3.29 -8.46 6.82
CA ARG A 21 -3.71 -9.74 7.37
C ARG A 21 -4.94 -9.59 8.25
N GLY A 22 -6.09 -9.96 7.72
CA GLY A 22 -7.32 -9.85 8.48
C GLY A 22 -8.53 -9.59 7.60
N TYR A 23 -8.30 -8.92 6.47
CA TYR A 23 -9.37 -8.60 5.54
C TYR A 23 -9.75 -9.83 4.70
N GLU A 24 -10.80 -9.69 3.90
CA GLU A 24 -11.27 -10.78 3.06
C GLU A 24 -11.21 -10.39 1.59
N HIS A 25 -11.35 -11.38 0.71
CA HIS A 25 -11.31 -11.14 -0.73
C HIS A 25 -10.08 -10.32 -1.10
N VAL A 26 -8.96 -10.60 -0.45
CA VAL A 26 -7.71 -9.89 -0.73
C VAL A 26 -6.53 -10.85 -0.75
N ASP A 27 -5.58 -10.59 -1.64
CA ASP A 27 -4.39 -11.42 -1.76
C ASP A 27 -3.28 -10.69 -2.51
N ILE A 28 -2.22 -10.34 -1.79
CA ILE A 28 -1.09 -9.64 -2.38
C ILE A 28 0.02 -10.60 -2.79
N GLN A 29 0.03 -10.97 -4.07
CA GLN A 29 1.04 -11.88 -4.59
C GLN A 29 2.09 -11.14 -5.40
N ASN A 30 1.72 -9.97 -5.92
CA ASN A 30 2.64 -9.16 -6.71
C ASN A 30 2.01 -7.81 -7.05
N PHE A 31 2.85 -6.84 -7.37
CA PHE A 31 2.39 -5.50 -7.71
C PHE A 31 2.03 -5.41 -9.19
N SER A 32 1.45 -6.49 -9.72
CA SER A 32 1.07 -6.53 -11.13
C SER A 32 -0.43 -6.25 -11.29
N SER A 33 -1.25 -7.15 -10.77
CA SER A 33 -2.70 -7.01 -10.86
C SER A 33 -3.34 -7.15 -9.49
N SER A 34 -2.72 -7.95 -8.63
CA SER A 34 -3.24 -8.18 -7.29
C SER A 34 -3.87 -6.90 -6.73
N TRP A 35 -3.29 -5.76 -7.08
CA TRP A 35 -3.79 -4.48 -6.60
C TRP A 35 -4.83 -3.91 -7.57
N SER A 36 -4.60 -4.12 -8.86
CA SER A 36 -5.53 -3.62 -9.88
C SER A 36 -6.97 -3.74 -9.42
N ASP A 37 -7.24 -4.78 -8.63
CA ASP A 37 -8.59 -5.00 -8.11
C ASP A 37 -9.14 -3.75 -7.45
N GLY A 38 -8.42 -3.25 -6.45
CA GLY A 38 -8.85 -2.05 -5.75
C GLY A 38 -8.82 -2.23 -4.24
N MET A 39 -9.79 -2.98 -3.72
CA MET A 39 -9.87 -3.22 -2.28
C MET A 39 -8.48 -3.37 -1.67
N ALA A 40 -7.61 -4.13 -2.34
CA ALA A 40 -6.26 -4.35 -1.86
C ALA A 40 -5.72 -3.10 -1.16
N PHE A 41 -5.52 -2.04 -1.93
CA PHE A 41 -5.00 -0.79 -1.38
C PHE A 41 -5.83 -0.34 -0.17
N CYS A 42 -7.15 -0.34 -0.35
CA CYS A 42 -8.06 0.07 0.73
C CYS A 42 -7.72 -0.66 2.03
N ALA A 43 -7.60 -1.97 1.95
CA ALA A 43 -7.29 -2.78 3.12
C ALA A 43 -5.94 -2.39 3.71
N LEU A 44 -4.94 -2.23 2.86
CA LEU A 44 -3.60 -1.84 3.30
C LEU A 44 -3.64 -0.54 4.10
N VAL A 45 -4.39 0.43 3.58
CA VAL A 45 -4.51 1.72 4.25
C VAL A 45 -5.41 1.62 5.49
N HIS A 46 -6.67 1.26 5.28
CA HIS A 46 -7.62 1.12 6.36
C HIS A 46 -6.95 0.54 7.60
N ASN A 47 -6.11 -0.47 7.40
CA ASN A 47 -5.41 -1.12 8.50
C ASN A 47 -4.73 -0.09 9.39
N PHE A 48 -4.02 0.85 8.76
CA PHE A 48 -3.33 1.90 9.50
C PHE A 48 -4.32 2.89 10.12
N PHE A 49 -5.20 3.43 9.28
CA PHE A 49 -6.19 4.39 9.74
C PHE A 49 -7.61 3.88 9.46
N PRO A 50 -8.14 3.09 10.40
CA PRO A 50 -9.49 2.52 10.28
C PRO A 50 -10.58 3.58 10.40
N GLU A 51 -10.29 4.64 11.16
CA GLU A 51 -11.25 5.72 11.36
C GLU A 51 -11.30 6.64 10.14
N ALA A 52 -10.13 6.91 9.56
CA ALA A 52 -10.05 7.77 8.38
C ALA A 52 -11.18 7.48 7.41
N PHE A 53 -11.51 6.20 7.25
CA PHE A 53 -12.58 5.79 6.34
C PHE A 53 -13.06 4.38 6.67
N ASP A 54 -14.25 4.05 6.20
CA ASP A 54 -14.83 2.73 6.44
C ASP A 54 -14.54 1.78 5.28
N TYR A 55 -13.73 0.77 5.54
CA TYR A 55 -13.36 -0.21 4.52
C TYR A 55 -14.57 -1.05 4.11
N GLY A 56 -15.23 -1.63 5.11
CA GLY A 56 -16.40 -2.45 4.84
C GLY A 56 -17.47 -1.71 4.07
N GLN A 57 -17.44 -0.38 4.13
CA GLN A 57 -18.41 0.45 3.45
C GLN A 57 -18.18 0.42 1.93
N LEU A 58 -16.91 0.35 1.54
CA LEU A 58 -16.56 0.32 0.13
C LEU A 58 -17.02 -0.99 -0.52
N SER A 59 -17.26 -0.94 -1.82
CA SER A 59 -17.72 -2.11 -2.56
C SER A 59 -16.63 -2.61 -3.51
N PRO A 60 -16.62 -3.92 -3.78
CA PRO A 60 -15.65 -4.55 -4.67
C PRO A 60 -15.85 -4.15 -6.13
N GLN A 61 -17.11 -4.08 -6.55
CA GLN A 61 -17.43 -3.70 -7.92
C GLN A 61 -16.89 -2.31 -8.25
N ASN A 62 -16.74 -1.48 -7.23
CA ASN A 62 -16.24 -0.13 -7.41
C ASN A 62 -14.71 -0.13 -7.54
N ARG A 63 -14.22 -0.84 -8.55
CA ARG A 63 -12.78 -0.93 -8.79
C ARG A 63 -12.13 0.45 -8.68
N ARG A 64 -12.78 1.46 -9.26
CA ARG A 64 -12.27 2.82 -9.22
C ARG A 64 -12.25 3.37 -7.79
N GLN A 65 -13.43 3.59 -7.24
CA GLN A 65 -13.56 4.11 -5.89
C GLN A 65 -12.47 3.55 -4.99
N ASN A 66 -12.25 2.25 -5.06
CA ASN A 66 -11.24 1.59 -4.25
C ASN A 66 -9.91 2.34 -4.32
N PHE A 67 -9.51 2.73 -5.52
CA PHE A 67 -8.27 3.46 -5.72
C PHE A 67 -8.31 4.81 -5.03
N GLU A 68 -9.21 5.69 -5.50
CA GLU A 68 -9.35 7.02 -4.93
C GLU A 68 -9.36 6.95 -3.40
N VAL A 69 -10.39 6.32 -2.84
CA VAL A 69 -10.50 6.19 -1.40
C VAL A 69 -9.16 5.91 -0.75
N ALA A 70 -8.47 4.88 -1.27
CA ALA A 70 -7.17 4.51 -0.75
C ALA A 70 -6.22 5.70 -0.69
N PHE A 71 -6.18 6.46 -1.78
CA PHE A 71 -5.32 7.65 -1.85
C PHE A 71 -5.79 8.73 -0.88
N SER A 72 -7.03 9.18 -1.06
CA SER A 72 -7.59 10.22 -0.20
C SER A 72 -7.37 9.88 1.28
N SER A 73 -7.89 8.73 1.69
CA SER A 73 -7.75 8.30 3.08
C SER A 73 -6.36 8.64 3.62
N ALA A 74 -5.34 8.42 2.79
CA ALA A 74 -3.98 8.70 3.19
C ALA A 74 -3.71 10.21 3.23
N GLU A 75 -4.00 10.88 2.12
CA GLU A 75 -3.79 12.31 2.02
C GLU A 75 -4.47 13.04 3.19
N THR A 76 -5.46 12.39 3.79
CA THR A 76 -6.18 12.97 4.92
C THR A 76 -5.22 13.57 5.94
N HIS A 77 -4.49 12.71 6.64
CA HIS A 77 -3.53 13.15 7.65
C HIS A 77 -2.11 12.81 7.23
N ALA A 78 -1.98 11.86 6.31
CA ALA A 78 -0.67 11.45 5.83
C ALA A 78 -0.15 12.41 4.77
N ASP A 79 -1.07 13.01 4.01
CA ASP A 79 -0.70 13.97 2.97
C ASP A 79 0.36 13.37 2.05
N CYS A 80 0.08 12.18 1.53
CA CYS A 80 1.01 11.50 0.62
C CYS A 80 0.95 12.09 -0.77
N PRO A 81 2.12 12.25 -1.40
CA PRO A 81 2.24 12.81 -2.76
C PRO A 81 1.68 11.87 -3.81
N GLN A 82 0.36 11.94 -4.03
CA GLN A 82 -0.30 11.09 -5.02
C GLN A 82 0.54 11.00 -6.29
N LEU A 83 1.23 9.88 -6.46
CA LEU A 83 2.06 9.66 -7.63
C LEU A 83 1.28 8.98 -8.74
N LEU A 84 0.69 7.83 -8.42
CA LEU A 84 -0.10 7.08 -9.40
C LEU A 84 -1.37 7.83 -9.77
N ASP A 85 -1.86 7.60 -10.98
CA ASP A 85 -3.07 8.25 -11.46
C ASP A 85 -4.21 7.25 -11.63
N THR A 86 -5.14 7.28 -10.69
CA THR A 86 -6.29 6.36 -10.73
C THR A 86 -6.91 6.32 -12.12
N GLU A 87 -7.15 7.49 -12.69
CA GLU A 87 -7.75 7.59 -14.01
C GLU A 87 -7.01 6.69 -15.01
N ASP A 88 -5.68 6.75 -14.97
CA ASP A 88 -4.86 5.94 -15.86
C ASP A 88 -4.80 4.49 -15.39
N MET A 89 -4.86 4.31 -14.07
CA MET A 89 -4.80 2.97 -13.48
C MET A 89 -5.98 2.12 -13.94
N VAL A 90 -7.19 2.69 -13.84
CA VAL A 90 -8.40 1.99 -14.24
C VAL A 90 -8.26 1.43 -15.66
N ARG A 91 -8.21 2.32 -16.64
CA ARG A 91 -8.08 1.92 -18.03
C ARG A 91 -6.90 0.97 -18.22
N LEU A 92 -5.78 1.29 -17.57
CA LEU A 92 -4.58 0.47 -17.66
C LEU A 92 -4.87 -0.97 -17.25
N ARG A 93 -4.66 -1.90 -18.19
CA ARG A 93 -4.90 -3.31 -17.92
C ARG A 93 -4.43 -3.69 -16.52
N GLU A 94 -3.32 -3.11 -16.09
CA GLU A 94 -2.76 -3.39 -14.77
C GLU A 94 -1.61 -2.44 -14.45
N PRO A 95 -1.51 -2.05 -13.18
CA PRO A 95 -0.46 -1.14 -12.71
C PRO A 95 0.93 -1.79 -12.72
N ASP A 96 1.88 -1.12 -13.35
CA ASP A 96 3.24 -1.64 -13.44
C ASP A 96 3.95 -1.53 -12.09
N TRP A 97 4.51 -2.65 -11.63
CA TRP A 97 5.22 -2.68 -10.35
C TRP A 97 6.17 -1.49 -10.22
N LYS A 98 6.95 -1.26 -11.25
CA LYS A 98 7.91 -0.16 -11.26
C LYS A 98 7.28 1.11 -10.66
N CYS A 99 6.01 1.32 -10.95
CA CYS A 99 5.29 2.49 -10.44
C CYS A 99 4.77 2.23 -9.04
N VAL A 100 3.92 1.22 -8.90
CA VAL A 100 3.35 0.86 -7.60
C VAL A 100 4.41 0.89 -6.51
N TYR A 101 5.40 0.00 -6.65
CA TYR A 101 6.48 -0.07 -5.66
C TYR A 101 6.87 1.30 -5.16
N THR A 102 6.91 2.28 -6.08
CA THR A 102 7.27 3.64 -5.74
C THR A 102 6.40 4.17 -4.60
N TYR A 103 5.09 4.02 -4.77
CA TYR A 103 4.13 4.49 -3.76
C TYR A 103 4.32 3.75 -2.44
N ILE A 104 4.16 2.43 -2.49
CA ILE A 104 4.32 1.61 -1.29
C ILE A 104 5.54 2.03 -0.48
N GLN A 105 6.61 2.40 -1.18
CA GLN A 105 7.84 2.82 -0.53
C GLN A 105 7.70 4.24 0.01
N GLU A 106 7.17 5.14 -0.81
CA GLU A 106 6.98 6.53 -0.41
C GLU A 106 6.09 6.62 0.84
N PHE A 107 4.91 6.03 0.75
CA PHE A 107 3.96 6.04 1.86
C PHE A 107 4.61 5.48 3.13
N TYR A 108 5.39 4.42 2.96
CA TYR A 108 6.06 3.78 4.09
C TYR A 108 6.84 4.80 4.90
N ARG A 109 7.58 5.66 4.21
CA ARG A 109 8.38 6.69 4.87
C ARG A 109 7.50 7.59 5.73
N CYS A 110 6.34 7.95 5.20
CA CYS A 110 5.40 8.81 5.93
C CYS A 110 4.95 8.15 7.23
N LEU A 111 4.51 6.90 7.13
CA LEU A 111 4.04 6.17 8.30
C LEU A 111 5.07 6.24 9.43
N VAL A 112 6.33 5.99 9.09
CA VAL A 112 7.40 6.02 10.08
C VAL A 112 7.39 7.34 10.86
N GLN A 113 7.17 8.44 10.14
CA GLN A 113 7.14 9.75 10.77
C GLN A 113 5.90 9.91 11.63
N LYS A 114 4.75 9.55 11.07
CA LYS A 114 3.48 9.65 11.78
C LYS A 114 3.55 8.92 13.13
N GLY A 115 4.29 7.81 13.15
CA GLY A 115 4.42 7.04 14.37
C GLY A 115 3.66 5.73 14.31
N LEU A 116 3.56 5.15 13.12
CA LEU A 116 2.85 3.89 12.94
C LEU A 116 3.84 2.73 12.80
N VAL A 117 4.90 2.95 12.04
CA VAL A 117 5.92 1.92 11.85
C VAL A 117 7.29 2.40 12.30
N LYS A 118 7.78 1.85 13.40
CA LYS A 118 9.08 2.23 13.94
C LYS A 118 10.19 1.41 13.28
N THR A 119 10.76 1.96 12.21
CA THR A 119 11.83 1.28 11.49
C THR A 119 13.17 1.48 12.18
N LYS A 120 14.10 0.56 11.95
CA LYS A 120 15.42 0.63 12.56
C LYS A 120 16.45 1.14 11.55
N LYS A 121 16.51 2.46 11.39
CA LYS A 121 17.45 3.08 10.46
C LYS A 121 18.86 3.09 11.05
N SER A 122 19.84 3.41 10.21
CA SER A 122 21.23 3.46 10.65
C SER A 122 21.69 4.91 10.83
N SER A 123 22.55 5.12 11.81
CA SER A 123 23.07 6.46 12.10
C SER A 123 23.69 7.07 10.85
N GLY A 124 23.89 8.39 10.87
CA GLY A 124 24.47 9.08 9.75
C GLY A 124 23.91 8.60 8.42
N PRO A 125 22.74 9.15 8.03
CA PRO A 125 22.08 8.80 6.79
C PRO A 125 22.83 9.30 5.56
N SER A 126 22.28 9.03 4.37
CA SER A 126 22.91 9.47 3.13
C SER A 126 22.20 10.69 2.56
N SER A 127 20.89 10.59 2.40
CA SER A 127 20.09 11.70 1.87
C SER A 127 19.11 12.22 2.91
N GLY A 128 19.52 13.29 3.61
CA GLY A 128 18.67 13.86 4.64
C GLY A 128 19.31 15.05 5.31
N GLY A 1 18.34 -20.24 2.59
CA GLY A 1 17.62 -19.04 2.18
C GLY A 1 17.59 -18.87 0.67
N SER A 2 16.39 -18.79 0.12
CA SER A 2 16.23 -18.63 -1.33
C SER A 2 14.83 -18.12 -1.66
N SER A 3 14.61 -17.77 -2.93
CA SER A 3 13.32 -17.26 -3.37
C SER A 3 12.72 -16.31 -2.34
N GLY A 4 13.55 -15.43 -1.80
CA GLY A 4 13.09 -14.48 -0.81
C GLY A 4 14.21 -13.97 0.08
N SER A 5 13.87 -13.07 1.00
CA SER A 5 14.86 -12.51 1.91
C SER A 5 15.97 -11.79 1.14
N SER A 6 15.56 -11.02 0.14
CA SER A 6 16.52 -10.27 -0.68
C SER A 6 15.89 -9.02 -1.26
N GLY A 7 16.69 -7.97 -1.40
CA GLY A 7 16.18 -6.72 -1.93
C GLY A 7 15.11 -6.10 -1.07
N ILE A 8 14.63 -4.93 -1.47
CA ILE A 8 13.59 -4.23 -0.71
C ILE A 8 12.22 -4.47 -1.33
N LYS A 9 12.20 -4.83 -2.61
CA LYS A 9 10.95 -5.09 -3.31
C LYS A 9 10.24 -6.32 -2.75
N GLN A 10 11.00 -7.13 -2.01
CA GLN A 10 10.44 -8.35 -1.43
C GLN A 10 9.83 -8.05 -0.05
N MET A 11 10.68 -7.65 0.90
CA MET A 11 10.22 -7.34 2.24
C MET A 11 8.92 -6.53 2.20
N LEU A 12 8.82 -5.63 1.23
CA LEU A 12 7.63 -4.81 1.08
C LEU A 12 6.38 -5.66 0.91
N LEU A 13 6.36 -6.46 -0.15
CA LEU A 13 5.22 -7.34 -0.43
C LEU A 13 4.85 -8.14 0.80
N ASP A 14 5.80 -8.89 1.34
CA ASP A 14 5.56 -9.70 2.53
C ASP A 14 5.02 -8.85 3.67
N TRP A 15 5.63 -7.68 3.86
CA TRP A 15 5.21 -6.77 4.93
C TRP A 15 3.74 -6.38 4.76
N CYS A 16 3.34 -6.10 3.53
CA CYS A 16 1.97 -5.70 3.23
C CYS A 16 1.00 -6.78 3.69
N ARG A 17 1.34 -8.04 3.44
CA ARG A 17 0.48 -9.16 3.82
C ARG A 17 0.24 -9.16 5.33
N ALA A 18 1.25 -8.75 6.09
CA ALA A 18 1.14 -8.70 7.55
C ALA A 18 0.08 -7.69 7.98
N LYS A 19 0.27 -6.44 7.58
CA LYS A 19 -0.67 -5.38 7.93
C LYS A 19 -2.05 -5.65 7.34
N THR A 20 -2.07 -6.21 6.13
CA THR A 20 -3.33 -6.52 5.46
C THR A 20 -3.82 -7.91 5.84
N ARG A 21 -3.51 -8.34 7.06
CA ARG A 21 -3.92 -9.64 7.54
C ARG A 21 -5.40 -9.65 7.92
N GLY A 22 -6.09 -10.74 7.60
CA GLY A 22 -7.50 -10.85 7.91
C GLY A 22 -8.38 -10.29 6.81
N TYR A 23 -7.91 -9.24 6.15
CA TYR A 23 -8.67 -8.63 5.06
C TYR A 23 -9.07 -9.65 4.02
N GLU A 24 -10.37 -9.95 3.96
CA GLU A 24 -10.89 -10.92 2.99
C GLU A 24 -10.84 -10.36 1.58
N HIS A 25 -10.74 -11.26 0.60
CA HIS A 25 -10.68 -10.86 -0.79
C HIS A 25 -9.43 -10.04 -1.08
N VAL A 26 -8.31 -10.45 -0.48
CA VAL A 26 -7.04 -9.76 -0.66
C VAL A 26 -5.87 -10.74 -0.67
N ASP A 27 -5.24 -10.89 -1.83
CA ASP A 27 -4.11 -11.79 -1.97
C ASP A 27 -2.93 -11.09 -2.64
N ILE A 28 -2.16 -10.36 -1.85
CA ILE A 28 -1.00 -9.64 -2.36
C ILE A 28 0.13 -10.60 -2.71
N GLN A 29 0.16 -11.05 -3.96
CA GLN A 29 1.19 -11.97 -4.42
C GLN A 29 2.28 -11.22 -5.20
N ASN A 30 1.86 -10.21 -5.96
CA ASN A 30 2.79 -9.42 -6.76
C ASN A 30 2.20 -8.06 -7.11
N PHE A 31 3.07 -7.08 -7.31
CA PHE A 31 2.62 -5.73 -7.65
C PHE A 31 2.31 -5.62 -9.14
N SER A 32 1.64 -6.65 -9.67
CA SER A 32 1.29 -6.66 -11.09
C SER A 32 -0.20 -6.38 -11.27
N SER A 33 -1.04 -7.34 -10.87
CA SER A 33 -2.49 -7.19 -11.01
C SER A 33 -3.18 -7.61 -9.72
N SER A 34 -2.47 -7.50 -8.60
CA SER A 34 -3.03 -7.86 -7.30
C SER A 34 -3.80 -6.69 -6.69
N TRP A 35 -3.45 -5.48 -7.11
CA TRP A 35 -4.12 -4.28 -6.61
C TRP A 35 -5.16 -3.78 -7.60
N SER A 36 -4.96 -4.09 -8.88
CA SER A 36 -5.89 -3.66 -9.92
C SER A 36 -7.33 -3.74 -9.43
N ASP A 37 -7.61 -4.71 -8.55
CA ASP A 37 -8.95 -4.89 -8.01
C ASP A 37 -9.44 -3.60 -7.35
N GLY A 38 -8.63 -3.06 -6.44
CA GLY A 38 -9.01 -1.83 -5.75
C GLY A 38 -8.95 -1.98 -4.25
N MET A 39 -9.85 -2.79 -3.69
CA MET A 39 -9.89 -3.01 -2.25
C MET A 39 -8.48 -3.14 -1.67
N ALA A 40 -7.65 -3.93 -2.34
CA ALA A 40 -6.27 -4.15 -1.89
C ALA A 40 -5.70 -2.87 -1.28
N PHE A 41 -5.47 -1.87 -2.13
CA PHE A 41 -4.92 -0.60 -1.66
C PHE A 41 -5.61 -0.14 -0.39
N CYS A 42 -6.92 0.02 -0.44
CA CYS A 42 -7.69 0.45 0.71
C CYS A 42 -7.30 -0.33 1.96
N ALA A 43 -7.58 -1.64 1.94
CA ALA A 43 -7.25 -2.50 3.07
C ALA A 43 -5.97 -2.06 3.75
N LEU A 44 -4.85 -2.14 3.03
CA LEU A 44 -3.56 -1.75 3.56
C LEU A 44 -3.67 -0.45 4.37
N VAL A 45 -4.32 0.54 3.78
CA VAL A 45 -4.51 1.84 4.44
C VAL A 45 -5.40 1.70 5.66
N HIS A 46 -6.62 1.26 5.45
CA HIS A 46 -7.58 1.09 6.54
C HIS A 46 -6.88 0.57 7.79
N ASN A 47 -5.95 -0.37 7.60
CA ASN A 47 -5.20 -0.95 8.72
C ASN A 47 -4.57 0.15 9.57
N PHE A 48 -3.91 1.09 8.91
CA PHE A 48 -3.25 2.20 9.61
C PHE A 48 -4.28 3.13 10.24
N PHE A 49 -5.08 3.78 9.39
CA PHE A 49 -6.10 4.70 9.86
C PHE A 49 -7.50 4.19 9.53
N PRO A 50 -8.07 3.37 10.42
CA PRO A 50 -9.40 2.80 10.25
C PRO A 50 -10.50 3.85 10.35
N GLU A 51 -10.30 4.82 11.24
CA GLU A 51 -11.29 5.88 11.45
C GLU A 51 -11.31 6.84 10.25
N ALA A 52 -10.17 6.94 9.56
CA ALA A 52 -10.07 7.81 8.40
C ALA A 52 -11.15 7.50 7.38
N PHE A 53 -11.47 6.22 7.22
CA PHE A 53 -12.49 5.79 6.27
C PHE A 53 -12.88 4.34 6.52
N ASP A 54 -14.16 4.04 6.29
CA ASP A 54 -14.67 2.69 6.48
C ASP A 54 -14.30 1.80 5.30
N TYR A 55 -13.87 0.58 5.59
CA TYR A 55 -13.50 -0.37 4.55
C TYR A 55 -14.69 -1.19 4.09
N GLY A 56 -15.27 -1.96 5.01
CA GLY A 56 -16.42 -2.78 4.68
C GLY A 56 -17.43 -2.04 3.82
N GLN A 57 -17.59 -0.75 4.08
CA GLN A 57 -18.53 0.07 3.33
C GLN A 57 -18.21 0.03 1.83
N LEU A 58 -16.93 0.05 1.50
CA LEU A 58 -16.49 0.00 0.11
C LEU A 58 -16.90 -1.32 -0.55
N SER A 59 -17.08 -1.28 -1.87
CA SER A 59 -17.48 -2.46 -2.62
C SER A 59 -16.37 -2.89 -3.58
N PRO A 60 -16.30 -4.19 -3.86
CA PRO A 60 -15.29 -4.76 -4.77
C PRO A 60 -15.54 -4.37 -6.22
N GLN A 61 -16.81 -4.26 -6.59
CA GLN A 61 -17.18 -3.88 -7.96
C GLN A 61 -16.63 -2.50 -8.31
N ASN A 62 -16.55 -1.63 -7.31
CA ASN A 62 -16.04 -0.27 -7.51
C ASN A 62 -14.56 -0.30 -7.84
N ARG A 63 -14.22 0.12 -9.05
CA ARG A 63 -12.83 0.14 -9.50
C ARG A 63 -12.18 1.50 -9.18
N ARG A 64 -12.92 2.58 -9.46
CA ARG A 64 -12.42 3.92 -9.20
C ARG A 64 -12.35 4.20 -7.71
N GLN A 65 -13.52 4.24 -7.06
CA GLN A 65 -13.58 4.50 -5.63
C GLN A 65 -12.46 3.79 -4.90
N ASN A 66 -12.48 2.46 -4.93
CA ASN A 66 -11.46 1.65 -4.27
C ASN A 66 -10.09 2.32 -4.36
N PHE A 67 -9.75 2.79 -5.56
CA PHE A 67 -8.47 3.45 -5.78
C PHE A 67 -8.43 4.82 -5.11
N GLU A 68 -9.38 5.68 -5.47
CA GLU A 68 -9.45 7.02 -4.90
C GLU A 68 -9.43 6.95 -3.38
N VAL A 69 -10.55 6.52 -2.79
CA VAL A 69 -10.66 6.42 -1.34
C VAL A 69 -9.32 6.00 -0.71
N ALA A 70 -8.76 4.91 -1.21
CA ALA A 70 -7.48 4.40 -0.72
C ALA A 70 -6.42 5.49 -0.71
N PHE A 71 -6.38 6.27 -1.80
CA PHE A 71 -5.40 7.35 -1.92
C PHE A 71 -5.73 8.50 -0.97
N SER A 72 -6.82 9.21 -1.27
CA SER A 72 -7.25 10.33 -0.45
C SER A 72 -7.16 9.98 1.04
N SER A 73 -7.84 8.91 1.43
CA SER A 73 -7.85 8.47 2.82
C SER A 73 -6.49 8.73 3.48
N ALA A 74 -5.43 8.42 2.75
CA ALA A 74 -4.08 8.61 3.26
C ALA A 74 -3.71 10.10 3.28
N GLU A 75 -3.90 10.77 2.15
CA GLU A 75 -3.58 12.18 2.05
C GLU A 75 -4.30 12.98 3.12
N THR A 76 -5.32 12.37 3.74
CA THR A 76 -6.09 13.02 4.78
C THR A 76 -5.18 13.56 5.87
N HIS A 77 -4.38 12.69 6.47
CA HIS A 77 -3.46 13.09 7.53
C HIS A 77 -2.02 12.78 7.13
N ALA A 78 -1.84 11.89 6.17
CA ALA A 78 -0.51 11.52 5.70
C ALA A 78 -0.07 12.40 4.55
N ASP A 79 -1.01 13.15 3.98
CA ASP A 79 -0.72 14.04 2.86
C ASP A 79 0.32 13.41 1.93
N CYS A 80 0.07 12.17 1.53
CA CYS A 80 0.98 11.46 0.63
C CYS A 80 0.84 11.97 -0.80
N PRO A 81 1.98 12.14 -1.48
CA PRO A 81 2.01 12.63 -2.87
C PRO A 81 1.46 11.59 -3.85
N GLN A 82 0.23 11.80 -4.30
CA GLN A 82 -0.40 10.88 -5.24
C GLN A 82 0.49 10.64 -6.45
N LEU A 83 1.04 9.44 -6.55
CA LEU A 83 1.92 9.09 -7.66
C LEU A 83 1.13 8.38 -8.76
N LEU A 84 0.36 7.37 -8.38
CA LEU A 84 -0.44 6.62 -9.34
C LEU A 84 -1.63 7.43 -9.82
N ASP A 85 -1.85 7.44 -11.13
CA ASP A 85 -2.96 8.18 -11.72
C ASP A 85 -4.18 7.28 -11.90
N THR A 86 -5.05 7.25 -10.89
CA THR A 86 -6.25 6.43 -10.94
C THR A 86 -6.84 6.40 -12.35
N GLU A 87 -7.05 7.59 -12.91
CA GLU A 87 -7.62 7.70 -14.26
C GLU A 87 -6.94 6.71 -15.21
N ASP A 88 -5.62 6.69 -15.19
CA ASP A 88 -4.86 5.78 -16.05
C ASP A 88 -4.84 4.37 -15.48
N MET A 89 -4.92 4.27 -14.15
CA MET A 89 -4.93 2.97 -13.49
C MET A 89 -6.14 2.15 -13.89
N VAL A 90 -7.30 2.80 -13.95
CA VAL A 90 -8.54 2.13 -14.33
C VAL A 90 -8.41 1.46 -15.68
N ARG A 91 -8.23 2.26 -16.72
CA ARG A 91 -8.09 1.74 -18.07
C ARG A 91 -6.90 0.79 -18.17
N LEU A 92 -5.79 1.16 -17.56
CA LEU A 92 -4.58 0.35 -17.58
C LEU A 92 -4.90 -1.08 -17.13
N ARG A 93 -4.75 -2.03 -18.05
CA ARG A 93 -5.02 -3.43 -17.74
C ARG A 93 -4.50 -3.80 -16.35
N GLU A 94 -3.41 -3.16 -15.94
CA GLU A 94 -2.81 -3.42 -14.65
C GLU A 94 -1.80 -2.34 -14.29
N PRO A 95 -1.69 -2.04 -12.98
CA PRO A 95 -0.76 -1.03 -12.48
C PRO A 95 0.71 -1.46 -12.61
N ASP A 96 1.47 -0.72 -13.40
CA ASP A 96 2.88 -1.03 -13.61
C ASP A 96 3.60 -1.16 -12.28
N TRP A 97 4.26 -2.29 -12.07
CA TRP A 97 4.99 -2.55 -10.83
C TRP A 97 5.96 -1.41 -10.55
N LYS A 98 6.81 -1.09 -11.52
CA LYS A 98 7.79 -0.02 -11.37
C LYS A 98 7.21 1.15 -10.61
N CYS A 99 5.95 1.48 -10.91
CA CYS A 99 5.27 2.59 -10.24
C CYS A 99 4.79 2.17 -8.86
N VAL A 100 3.90 1.18 -8.80
CA VAL A 100 3.37 0.69 -7.54
C VAL A 100 4.45 0.62 -6.47
N TYR A 101 5.49 -0.16 -6.75
CA TYR A 101 6.59 -0.32 -5.81
C TYR A 101 6.98 1.02 -5.19
N THR A 102 6.99 2.06 -6.02
CA THR A 102 7.35 3.40 -5.54
C THR A 102 6.39 3.86 -4.45
N TYR A 103 5.11 3.90 -4.77
CA TYR A 103 4.10 4.34 -3.82
C TYR A 103 4.30 3.68 -2.47
N ILE A 104 4.28 2.35 -2.45
CA ILE A 104 4.47 1.60 -1.22
C ILE A 104 5.64 2.14 -0.41
N GLN A 105 6.70 2.52 -1.11
CA GLN A 105 7.89 3.07 -0.46
C GLN A 105 7.64 4.50 0.00
N GLU A 106 7.00 5.29 -0.84
CA GLU A 106 6.70 6.68 -0.51
C GLU A 106 5.88 6.78 0.77
N PHE A 107 4.83 5.97 0.84
CA PHE A 107 3.96 5.95 2.01
C PHE A 107 4.68 5.37 3.23
N TYR A 108 5.29 4.21 3.04
CA TYR A 108 6.01 3.54 4.12
C TYR A 108 6.96 4.51 4.82
N ARG A 109 7.29 5.60 4.13
CA ARG A 109 8.19 6.60 4.68
C ARG A 109 7.43 7.61 5.55
N CYS A 110 6.17 7.84 5.20
CA CYS A 110 5.34 8.78 5.95
C CYS A 110 4.79 8.13 7.21
N LEU A 111 4.45 6.86 7.12
CA LEU A 111 3.91 6.12 8.26
C LEU A 111 4.89 6.15 9.43
N VAL A 112 6.15 5.83 9.14
CA VAL A 112 7.19 5.82 10.18
C VAL A 112 7.17 7.11 10.98
N GLN A 113 7.21 8.24 10.27
CA GLN A 113 7.20 9.55 10.93
C GLN A 113 6.05 9.65 11.93
N LYS A 114 4.84 9.34 11.49
CA LYS A 114 3.67 9.40 12.35
C LYS A 114 3.83 8.45 13.54
N GLY A 115 4.61 7.41 13.35
CA GLY A 115 4.83 6.45 14.42
C GLY A 115 4.02 5.19 14.24
N LEU A 116 3.60 4.92 13.01
CA LEU A 116 2.79 3.74 12.71
C LEU A 116 3.69 2.54 12.43
N VAL A 117 4.85 2.80 11.83
CA VAL A 117 5.79 1.73 11.51
C VAL A 117 7.15 1.99 12.16
N LYS A 118 7.67 0.97 12.84
CA LYS A 118 8.96 1.09 13.50
C LYS A 118 10.10 1.10 12.49
N THR A 119 11.21 1.74 12.85
CA THR A 119 12.37 1.82 11.97
C THR A 119 13.21 0.55 12.06
N LYS A 120 13.32 -0.16 10.94
CA LYS A 120 14.10 -1.39 10.89
C LYS A 120 15.56 -1.10 10.55
N LYS A 121 16.46 -1.43 11.46
CA LYS A 121 17.89 -1.20 11.25
C LYS A 121 18.39 -1.98 10.04
N SER A 122 18.99 -1.26 9.10
CA SER A 122 19.51 -1.87 7.88
C SER A 122 20.98 -1.52 7.68
N SER A 123 21.81 -2.55 7.51
CA SER A 123 23.24 -2.34 7.31
C SER A 123 23.50 -1.21 6.32
N GLY A 124 24.33 -0.25 6.73
CA GLY A 124 24.64 0.88 5.87
C GLY A 124 26.08 1.32 6.00
N PRO A 125 26.60 1.98 4.94
CA PRO A 125 27.98 2.47 4.92
C PRO A 125 28.19 3.63 5.88
N SER A 126 29.44 4.11 5.96
CA SER A 126 29.78 5.22 6.83
C SER A 126 29.81 6.53 6.06
N SER A 127 30.66 6.59 5.03
CA SER A 127 30.79 7.79 4.22
C SER A 127 29.69 7.85 3.17
N GLY A 128 28.51 8.32 3.57
CA GLY A 128 27.40 8.41 2.65
C GLY A 128 26.14 8.94 3.32
N GLY A 1 7.33 -13.15 8.96
CA GLY A 1 8.77 -13.20 9.05
C GLY A 1 9.45 -12.54 7.86
N SER A 2 10.54 -11.83 8.13
CA SER A 2 11.27 -11.14 7.07
C SER A 2 12.68 -11.72 6.91
N SER A 3 12.76 -13.05 6.96
CA SER A 3 14.04 -13.74 6.82
C SER A 3 14.56 -13.65 5.39
N GLY A 4 15.79 -13.16 5.23
CA GLY A 4 16.37 -13.03 3.91
C GLY A 4 15.65 -12.01 3.06
N SER A 5 16.21 -10.81 2.98
CA SER A 5 15.61 -9.73 2.19
C SER A 5 16.04 -9.83 0.74
N SER A 6 17.35 -9.87 0.50
CA SER A 6 17.89 -9.96 -0.84
C SER A 6 17.13 -9.04 -1.79
N GLY A 7 16.79 -7.85 -1.31
CA GLY A 7 16.06 -6.90 -2.13
C GLY A 7 14.95 -6.20 -1.36
N ILE A 8 14.63 -4.98 -1.77
CA ILE A 8 13.59 -4.20 -1.12
C ILE A 8 12.21 -4.53 -1.69
N LYS A 9 12.21 -5.14 -2.88
CA LYS A 9 10.95 -5.51 -3.53
C LYS A 9 10.29 -6.67 -2.81
N GLN A 10 11.09 -7.47 -2.11
CA GLN A 10 10.57 -8.62 -1.37
C GLN A 10 10.02 -8.19 -0.02
N MET A 11 10.78 -7.39 0.69
CA MET A 11 10.36 -6.90 2.01
C MET A 11 9.03 -6.16 1.91
N LEU A 12 8.83 -5.45 0.80
CA LEU A 12 7.60 -4.70 0.59
C LEU A 12 6.41 -5.63 0.49
N LEU A 13 6.51 -6.63 -0.36
CA LEU A 13 5.43 -7.60 -0.55
C LEU A 13 5.10 -8.30 0.76
N ASP A 14 6.13 -8.67 1.50
CA ASP A 14 5.96 -9.36 2.78
C ASP A 14 5.30 -8.44 3.81
N TRP A 15 5.74 -7.18 3.84
CA TRP A 15 5.20 -6.20 4.77
C TRP A 15 3.72 -5.93 4.46
N CYS A 16 3.44 -5.58 3.21
CA CYS A 16 2.07 -5.28 2.80
C CYS A 16 1.09 -6.26 3.43
N ARG A 17 1.41 -7.55 3.34
CA ARG A 17 0.55 -8.59 3.90
C ARG A 17 0.41 -8.42 5.41
N ALA A 18 1.54 -8.23 6.09
CA ALA A 18 1.53 -8.05 7.53
C ALA A 18 0.53 -6.99 7.96
N LYS A 19 0.32 -5.99 7.09
CA LYS A 19 -0.61 -4.91 7.38
C LYS A 19 -1.95 -5.15 6.69
N THR A 20 -1.97 -6.11 5.76
CA THR A 20 -3.18 -6.43 5.03
C THR A 20 -3.62 -7.87 5.30
N ARG A 21 -3.12 -8.44 6.39
CA ARG A 21 -3.45 -9.80 6.77
C ARG A 21 -4.61 -9.82 7.77
N GLY A 22 -5.70 -10.48 7.38
CA GLY A 22 -6.87 -10.56 8.25
C GLY A 22 -8.14 -10.18 7.53
N TYR A 23 -8.02 -9.34 6.51
CA TYR A 23 -9.18 -8.89 5.75
C TYR A 23 -9.71 -10.02 4.85
N GLU A 24 -10.82 -9.74 4.18
CA GLU A 24 -11.44 -10.73 3.29
C GLU A 24 -11.34 -10.28 1.83
N HIS A 25 -11.32 -11.25 0.93
CA HIS A 25 -11.23 -10.96 -0.49
C HIS A 25 -10.01 -10.10 -0.80
N VAL A 26 -8.95 -10.29 -0.03
CA VAL A 26 -7.71 -9.53 -0.22
C VAL A 26 -6.49 -10.44 -0.10
N ASP A 27 -5.62 -10.38 -1.10
CA ASP A 27 -4.41 -11.19 -1.10
C ASP A 27 -3.29 -10.49 -1.85
N ILE A 28 -2.26 -10.07 -1.11
CA ILE A 28 -1.13 -9.38 -1.70
C ILE A 28 0.01 -10.34 -2.02
N GLN A 29 -0.02 -10.91 -3.22
CA GLN A 29 1.01 -11.85 -3.64
C GLN A 29 2.01 -11.19 -4.59
N ASN A 30 1.56 -10.13 -5.26
CA ASN A 30 2.42 -9.41 -6.19
C ASN A 30 1.84 -8.03 -6.50
N PHE A 31 2.66 -7.17 -7.10
CA PHE A 31 2.23 -5.83 -7.45
C PHE A 31 1.94 -5.72 -8.95
N SER A 32 1.24 -6.72 -9.48
CA SER A 32 0.90 -6.74 -10.90
C SER A 32 -0.58 -6.42 -11.11
N SER A 33 -1.43 -7.30 -10.62
CA SER A 33 -2.88 -7.12 -10.75
C SER A 33 -3.56 -7.08 -9.38
N SER A 34 -2.97 -7.78 -8.42
CA SER A 34 -3.51 -7.83 -7.07
C SER A 34 -4.08 -6.47 -6.67
N TRP A 35 -3.40 -5.40 -7.06
CA TRP A 35 -3.84 -4.05 -6.74
C TRP A 35 -4.79 -3.53 -7.80
N SER A 36 -4.59 -3.96 -9.05
CA SER A 36 -5.44 -3.53 -10.15
C SER A 36 -6.91 -3.56 -9.76
N ASP A 37 -7.25 -4.48 -8.85
CA ASP A 37 -8.62 -4.61 -8.39
C ASP A 37 -9.09 -3.35 -7.68
N GLY A 38 -8.43 -3.02 -6.58
CA GLY A 38 -8.80 -1.83 -5.83
C GLY A 38 -8.81 -2.05 -4.34
N MET A 39 -9.73 -2.89 -3.87
CA MET A 39 -9.84 -3.19 -2.45
C MET A 39 -8.46 -3.28 -1.80
N ALA A 40 -7.55 -4.02 -2.45
CA ALA A 40 -6.19 -4.17 -1.94
C ALA A 40 -5.69 -2.89 -1.29
N PHE A 41 -5.43 -1.88 -2.11
CA PHE A 41 -4.95 -0.59 -1.60
C PHE A 41 -5.73 -0.17 -0.35
N CYS A 42 -7.05 -0.14 -0.47
CA CYS A 42 -7.90 0.25 0.65
C CYS A 42 -7.49 -0.46 1.92
N ALA A 43 -7.65 -1.78 1.95
CA ALA A 43 -7.29 -2.57 3.11
C ALA A 43 -5.95 -2.13 3.69
N LEU A 44 -4.91 -2.16 2.85
CA LEU A 44 -3.58 -1.75 3.28
C LEU A 44 -3.63 -0.47 4.11
N VAL A 45 -4.49 0.45 3.70
CA VAL A 45 -4.64 1.73 4.41
C VAL A 45 -5.49 1.55 5.67
N HIS A 46 -6.71 1.06 5.49
CA HIS A 46 -7.61 0.85 6.62
C HIS A 46 -6.85 0.33 7.84
N ASN A 47 -5.86 -0.53 7.60
CA ASN A 47 -5.06 -1.09 8.67
C ASN A 47 -4.44 0.01 9.53
N PHE A 48 -3.87 1.01 8.87
CA PHE A 48 -3.24 2.12 9.57
C PHE A 48 -4.30 3.06 10.15
N PHE A 49 -5.21 3.52 9.30
CA PHE A 49 -6.27 4.42 9.73
C PHE A 49 -7.64 3.88 9.33
N PRO A 50 -8.21 3.03 10.20
CA PRO A 50 -9.53 2.42 9.97
C PRO A 50 -10.66 3.44 10.06
N GLU A 51 -10.51 4.39 10.97
CA GLU A 51 -11.53 5.43 11.16
C GLU A 51 -11.58 6.37 9.97
N ALA A 52 -10.40 6.76 9.48
CA ALA A 52 -10.31 7.65 8.33
C ALA A 52 -11.35 7.31 7.28
N PHE A 53 -11.59 6.01 7.09
CA PHE A 53 -12.56 5.55 6.10
C PHE A 53 -12.98 4.12 6.40
N ASP A 54 -14.26 3.82 6.15
CA ASP A 54 -14.79 2.49 6.38
C ASP A 54 -14.42 1.55 5.23
N TYR A 55 -13.88 0.39 5.58
CA TYR A 55 -13.48 -0.60 4.58
C TYR A 55 -14.68 -1.43 4.13
N GLY A 56 -15.29 -2.14 5.07
CA GLY A 56 -16.44 -2.97 4.76
C GLY A 56 -17.47 -2.23 3.94
N GLN A 57 -17.45 -0.90 4.02
CA GLN A 57 -18.40 -0.07 3.29
C GLN A 57 -18.12 -0.11 1.78
N LEU A 58 -16.84 -0.17 1.43
CA LEU A 58 -16.44 -0.21 0.02
C LEU A 58 -16.94 -1.49 -0.64
N SER A 59 -16.75 -1.58 -1.95
CA SER A 59 -17.18 -2.75 -2.72
C SER A 59 -16.13 -3.16 -3.72
N PRO A 60 -16.09 -4.46 -4.06
CA PRO A 60 -15.14 -5.01 -5.03
C PRO A 60 -15.42 -4.55 -6.45
N GLN A 61 -16.69 -4.26 -6.74
CA GLN A 61 -17.09 -3.81 -8.07
C GLN A 61 -16.51 -2.43 -8.37
N ASN A 62 -16.32 -1.64 -7.32
CA ASN A 62 -15.77 -0.29 -7.48
C ASN A 62 -14.31 -0.34 -7.91
N ARG A 63 -14.06 0.04 -9.16
CA ARG A 63 -12.71 0.03 -9.70
C ARG A 63 -11.98 1.34 -9.37
N ARG A 64 -12.71 2.45 -9.46
CA ARG A 64 -12.13 3.75 -9.16
C ARG A 64 -12.20 4.06 -7.67
N GLN A 65 -13.43 4.15 -7.15
CA GLN A 65 -13.62 4.44 -5.74
C GLN A 65 -12.58 3.74 -4.88
N ASN A 66 -12.41 2.44 -5.09
CA ASN A 66 -11.44 1.65 -4.33
C ASN A 66 -10.08 2.34 -4.33
N PHE A 67 -9.64 2.78 -5.50
CA PHE A 67 -8.36 3.46 -5.63
C PHE A 67 -8.39 4.84 -4.98
N GLU A 68 -9.34 5.66 -5.42
CA GLU A 68 -9.48 7.01 -4.89
C GLU A 68 -9.50 6.99 -3.36
N VAL A 69 -10.56 6.41 -2.80
CA VAL A 69 -10.70 6.32 -1.35
C VAL A 69 -9.39 5.93 -0.69
N ALA A 70 -8.76 4.87 -1.21
CA ALA A 70 -7.49 4.40 -0.67
C ALA A 70 -6.46 5.52 -0.63
N PHE A 71 -6.48 6.38 -1.63
CA PHE A 71 -5.55 7.50 -1.71
C PHE A 71 -5.94 8.61 -0.75
N SER A 72 -7.06 9.28 -1.04
CA SER A 72 -7.53 10.36 -0.20
C SER A 72 -7.35 10.03 1.28
N SER A 73 -7.98 8.95 1.71
CA SER A 73 -7.88 8.53 3.11
C SER A 73 -6.47 8.74 3.65
N ALA A 74 -5.49 8.52 2.80
CA ALA A 74 -4.08 8.70 3.19
C ALA A 74 -3.72 10.17 3.27
N GLU A 75 -3.84 10.86 2.15
CA GLU A 75 -3.52 12.29 2.09
C GLU A 75 -4.17 13.04 3.25
N THR A 76 -5.24 12.47 3.79
CA THR A 76 -5.96 13.08 4.89
C THR A 76 -5.00 13.57 5.98
N HIS A 77 -4.40 12.62 6.69
CA HIS A 77 -3.46 12.95 7.75
C HIS A 77 -2.03 12.56 7.35
N ALA A 78 -1.93 11.73 6.32
CA ALA A 78 -0.63 11.28 5.84
C ALA A 78 -0.07 12.23 4.79
N ASP A 79 -0.96 12.96 4.13
CA ASP A 79 -0.56 13.91 3.10
C ASP A 79 0.48 13.29 2.16
N CYS A 80 0.17 12.11 1.65
CA CYS A 80 1.08 11.40 0.74
C CYS A 80 1.02 12.02 -0.66
N PRO A 81 2.20 12.12 -1.30
CA PRO A 81 2.31 12.69 -2.65
C PRO A 81 1.70 11.78 -3.70
N GLN A 82 0.40 11.92 -3.93
CA GLN A 82 -0.31 11.11 -4.91
C GLN A 82 0.51 10.98 -6.19
N LEU A 83 1.19 9.85 -6.34
CA LEU A 83 2.02 9.61 -7.53
C LEU A 83 1.21 8.92 -8.62
N LEU A 84 0.69 7.75 -8.31
CA LEU A 84 -0.12 7.00 -9.27
C LEU A 84 -1.26 7.84 -9.82
N ASP A 85 -1.79 7.46 -10.97
CA ASP A 85 -2.88 8.18 -11.59
C ASP A 85 -4.08 7.26 -11.80
N THR A 86 -4.91 7.14 -10.77
CA THR A 86 -6.11 6.30 -10.84
C THR A 86 -6.73 6.34 -12.23
N GLU A 87 -6.89 7.55 -12.76
CA GLU A 87 -7.48 7.73 -14.08
C GLU A 87 -6.81 6.82 -15.11
N ASP A 88 -5.48 6.77 -15.06
CA ASP A 88 -4.72 5.94 -15.99
C ASP A 88 -4.69 4.50 -15.52
N MET A 89 -4.71 4.30 -14.21
CA MET A 89 -4.67 2.96 -13.64
C MET A 89 -5.89 2.16 -14.08
N VAL A 90 -7.07 2.78 -14.01
CA VAL A 90 -8.30 2.12 -14.40
C VAL A 90 -8.20 1.55 -15.81
N ARG A 91 -8.15 2.43 -16.80
CA ARG A 91 -8.04 2.01 -18.19
C ARG A 91 -6.93 0.99 -18.37
N LEU A 92 -5.78 1.27 -17.77
CA LEU A 92 -4.63 0.36 -17.86
C LEU A 92 -4.97 -1.01 -17.30
N ARG A 93 -4.91 -2.03 -18.15
CA ARG A 93 -5.22 -3.39 -17.73
C ARG A 93 -4.65 -3.68 -16.34
N GLU A 94 -3.43 -3.21 -16.10
CA GLU A 94 -2.77 -3.42 -14.81
C GLU A 94 -1.75 -2.31 -14.54
N PRO A 95 -1.64 -1.91 -13.27
CA PRO A 95 -0.70 -0.87 -12.84
C PRO A 95 0.75 -1.32 -12.93
N ASP A 96 1.56 -0.55 -13.65
CA ASP A 96 2.98 -0.88 -13.81
C ASP A 96 3.63 -1.12 -12.46
N TRP A 97 4.02 -2.37 -12.23
CA TRP A 97 4.67 -2.75 -10.97
C TRP A 97 5.69 -1.70 -10.54
N LYS A 98 6.44 -1.18 -11.51
CA LYS A 98 7.45 -0.17 -11.25
C LYS A 98 6.84 1.02 -10.49
N CYS A 99 5.65 1.43 -10.91
CA CYS A 99 4.97 2.55 -10.28
C CYS A 99 4.49 2.18 -8.88
N VAL A 100 3.55 1.24 -8.81
CA VAL A 100 3.02 0.79 -7.54
C VAL A 100 4.12 0.64 -6.50
N TYR A 101 5.05 -0.27 -6.77
CA TYR A 101 6.16 -0.52 -5.85
C TYR A 101 6.59 0.77 -5.16
N THR A 102 6.63 1.86 -5.91
CA THR A 102 7.03 3.16 -5.38
C THR A 102 6.03 3.64 -4.33
N TYR A 103 4.77 3.74 -4.71
CA TYR A 103 3.72 4.19 -3.81
C TYR A 103 3.79 3.44 -2.47
N ILE A 104 4.44 2.29 -2.48
CA ILE A 104 4.58 1.48 -1.28
C ILE A 104 5.73 1.99 -0.42
N GLN A 105 6.85 2.30 -1.05
CA GLN A 105 8.02 2.80 -0.33
C GLN A 105 7.81 4.24 0.10
N GLU A 106 7.21 5.04 -0.77
CA GLU A 106 6.96 6.45 -0.48
C GLU A 106 5.96 6.59 0.66
N PHE A 107 4.95 5.72 0.67
CA PHE A 107 3.92 5.75 1.71
C PHE A 107 4.45 5.14 3.00
N TYR A 108 5.02 3.96 2.91
CA TYR A 108 5.56 3.27 4.07
C TYR A 108 6.57 4.15 4.81
N ARG A 109 7.26 5.00 4.06
CA ARG A 109 8.26 5.89 4.63
C ARG A 109 7.60 6.95 5.52
N CYS A 110 6.42 7.41 5.09
CA CYS A 110 5.70 8.42 5.86
C CYS A 110 5.27 7.88 7.22
N LEU A 111 4.65 6.71 7.21
CA LEU A 111 4.19 6.08 8.45
C LEU A 111 5.27 6.16 9.53
N VAL A 112 6.48 5.73 9.20
CA VAL A 112 7.59 5.77 10.14
C VAL A 112 7.64 7.09 10.88
N GLN A 113 7.52 8.19 10.14
CA GLN A 113 7.56 9.52 10.73
C GLN A 113 6.29 9.79 11.54
N LYS A 114 5.14 9.49 10.95
CA LYS A 114 3.87 9.70 11.61
C LYS A 114 3.86 9.03 12.98
N GLY A 115 4.47 7.86 13.08
CA GLY A 115 4.53 7.14 14.34
C GLY A 115 3.70 5.87 14.32
N LEU A 116 3.45 5.36 13.12
CA LEU A 116 2.67 4.13 12.97
C LEU A 116 3.57 2.91 12.97
N VAL A 117 4.70 3.02 12.29
CA VAL A 117 5.66 1.91 12.21
C VAL A 117 6.96 2.28 12.90
N LYS A 118 7.63 1.28 13.47
CA LYS A 118 8.90 1.48 14.16
C LYS A 118 10.00 1.88 13.17
N THR A 119 10.90 2.73 13.62
CA THR A 119 12.01 3.18 12.78
C THR A 119 12.58 2.03 11.96
N LYS A 120 12.73 2.25 10.65
CA LYS A 120 13.26 1.23 9.75
C LYS A 120 14.56 0.66 10.31
N LYS A 121 14.97 -0.49 9.78
CA LYS A 121 16.20 -1.13 10.21
C LYS A 121 17.40 -0.21 10.02
N SER A 122 18.48 -0.53 10.72
CA SER A 122 19.70 0.27 10.63
C SER A 122 20.06 0.56 9.17
N SER A 123 20.80 1.64 8.95
CA SER A 123 21.21 2.02 7.61
C SER A 123 22.35 1.14 7.11
N GLY A 124 22.85 1.44 5.91
CA GLY A 124 23.94 0.66 5.34
C GLY A 124 23.71 0.32 3.89
N PRO A 125 22.98 -0.78 3.64
CA PRO A 125 22.66 -1.24 2.29
C PRO A 125 21.70 -0.31 1.56
N SER A 126 21.15 0.65 2.30
CA SER A 126 20.19 1.60 1.73
C SER A 126 20.92 2.63 0.86
N SER A 127 21.44 2.17 -0.28
CA SER A 127 22.16 3.04 -1.19
C SER A 127 21.31 3.34 -2.43
N GLY A 128 20.30 2.50 -2.66
CA GLY A 128 19.44 2.70 -3.81
C GLY A 128 19.91 1.92 -5.02
N GLY A 1 5.74 -20.04 -1.61
CA GLY A 1 6.62 -20.84 -0.80
C GLY A 1 7.97 -20.18 -0.57
N SER A 2 8.78 -20.13 -1.62
CA SER A 2 10.10 -19.52 -1.54
C SER A 2 10.00 -18.04 -1.24
N SER A 3 10.30 -17.67 0.01
CA SER A 3 10.23 -16.28 0.43
C SER A 3 11.27 -15.99 1.52
N GLY A 4 12.32 -15.27 1.15
CA GLY A 4 13.37 -14.95 2.11
C GLY A 4 13.74 -13.48 2.07
N SER A 5 14.03 -12.91 3.24
CA SER A 5 14.40 -11.51 3.33
C SER A 5 15.56 -11.18 2.38
N SER A 6 15.25 -10.45 1.31
CA SER A 6 16.25 -10.08 0.33
C SER A 6 15.87 -8.79 -0.38
N GLY A 7 16.78 -7.82 -0.37
CA GLY A 7 16.51 -6.54 -1.01
C GLY A 7 15.41 -5.77 -0.33
N ILE A 8 14.71 -4.93 -1.10
CA ILE A 8 13.62 -4.13 -0.56
C ILE A 8 12.28 -4.64 -1.05
N LYS A 9 12.09 -4.65 -2.36
CA LYS A 9 10.84 -5.11 -2.96
C LYS A 9 10.32 -6.36 -2.25
N GLN A 10 11.25 -7.15 -1.71
CA GLN A 10 10.89 -8.36 -1.00
C GLN A 10 10.27 -8.04 0.36
N MET A 11 11.08 -7.49 1.26
CA MET A 11 10.61 -7.13 2.58
C MET A 11 9.30 -6.33 2.51
N LEU A 12 9.07 -5.71 1.36
CA LEU A 12 7.87 -4.90 1.15
C LEU A 12 6.65 -5.80 0.98
N LEU A 13 6.72 -6.71 0.01
CA LEU A 13 5.63 -7.63 -0.26
C LEU A 13 5.22 -8.38 0.99
N ASP A 14 6.21 -8.93 1.69
CA ASP A 14 5.96 -9.68 2.92
C ASP A 14 5.21 -8.83 3.93
N TRP A 15 5.63 -7.57 4.07
CA TRP A 15 5.01 -6.64 5.01
C TRP A 15 3.59 -6.29 4.56
N CYS A 16 3.49 -5.69 3.39
CA CYS A 16 2.19 -5.30 2.84
C CYS A 16 1.11 -6.33 3.18
N ARG A 17 1.43 -7.60 2.92
CA ARG A 17 0.49 -8.69 3.20
C ARG A 17 0.12 -8.72 4.67
N ALA A 18 1.13 -8.81 5.53
CA ALA A 18 0.90 -8.85 6.98
C ALA A 18 -0.20 -7.88 7.38
N LYS A 19 -0.08 -6.63 6.93
CA LYS A 19 -1.08 -5.61 7.24
C LYS A 19 -2.37 -5.84 6.48
N THR A 20 -2.25 -6.34 5.26
CA THR A 20 -3.41 -6.62 4.42
C THR A 20 -3.96 -8.01 4.69
N ARG A 21 -3.79 -8.48 5.92
CA ARG A 21 -4.28 -9.80 6.30
C ARG A 21 -5.73 -9.73 6.78
N GLY A 22 -6.46 -10.83 6.60
CA GLY A 22 -7.85 -10.87 7.02
C GLY A 22 -8.78 -10.32 5.98
N TYR A 23 -8.41 -9.18 5.39
CA TYR A 23 -9.23 -8.54 4.36
C TYR A 23 -9.72 -9.56 3.34
N GLU A 24 -11.03 -9.70 3.24
CA GLU A 24 -11.63 -10.64 2.30
C GLU A 24 -11.51 -10.14 0.86
N HIS A 25 -11.52 -11.06 -0.09
CA HIS A 25 -11.42 -10.71 -1.50
C HIS A 25 -10.19 -9.83 -1.75
N VAL A 26 -9.17 -10.00 -0.92
CA VAL A 26 -7.95 -9.22 -1.05
C VAL A 26 -6.72 -10.09 -0.85
N ASP A 27 -5.83 -10.09 -1.83
CA ASP A 27 -4.61 -10.88 -1.77
C ASP A 27 -3.47 -10.18 -2.49
N ILE A 28 -2.40 -9.87 -1.75
CA ILE A 28 -1.24 -9.20 -2.31
C ILE A 28 -0.09 -10.17 -2.53
N GLN A 29 -0.08 -10.80 -3.70
CA GLN A 29 0.97 -11.75 -4.04
C GLN A 29 2.13 -11.07 -4.77
N ASN A 30 1.80 -10.14 -5.65
CA ASN A 30 2.80 -9.41 -6.41
C ASN A 30 2.26 -8.04 -6.85
N PHE A 31 3.17 -7.11 -7.09
CA PHE A 31 2.80 -5.77 -7.51
C PHE A 31 2.54 -5.73 -9.02
N SER A 32 1.82 -6.73 -9.51
CA SER A 32 1.50 -6.80 -10.93
C SER A 32 0.00 -6.73 -11.16
N SER A 33 -0.73 -7.73 -10.66
CA SER A 33 -2.18 -7.77 -10.81
C SER A 33 -2.85 -8.10 -9.48
N SER A 34 -2.31 -7.53 -8.40
CA SER A 34 -2.86 -7.76 -7.06
C SER A 34 -3.53 -6.50 -6.52
N TRP A 35 -3.41 -5.40 -7.27
CA TRP A 35 -4.00 -4.14 -6.88
C TRP A 35 -5.02 -3.65 -7.90
N SER A 36 -4.83 -4.06 -9.15
CA SER A 36 -5.73 -3.68 -10.22
C SER A 36 -7.18 -3.62 -9.73
N ASP A 37 -7.56 -4.63 -8.95
CA ASP A 37 -8.92 -4.69 -8.42
C ASP A 37 -9.30 -3.38 -7.75
N GLY A 38 -8.55 -2.99 -6.71
CA GLY A 38 -8.83 -1.76 -6.00
C GLY A 38 -8.80 -1.93 -4.50
N MET A 39 -9.60 -2.87 -3.99
CA MET A 39 -9.65 -3.13 -2.56
C MET A 39 -8.24 -3.19 -1.96
N ALA A 40 -7.34 -3.84 -2.68
CA ALA A 40 -5.96 -3.97 -2.23
C ALA A 40 -5.51 -2.72 -1.47
N PHE A 41 -5.40 -1.61 -2.20
CA PHE A 41 -4.98 -0.35 -1.60
C PHE A 41 -5.79 -0.05 -0.34
N CYS A 42 -7.11 -0.03 -0.48
CA CYS A 42 -7.99 0.25 0.64
C CYS A 42 -7.58 -0.55 1.87
N ALA A 43 -7.58 -1.87 1.74
CA ALA A 43 -7.20 -2.76 2.84
C ALA A 43 -5.86 -2.34 3.44
N LEU A 44 -4.87 -2.13 2.57
CA LEU A 44 -3.54 -1.74 3.02
C LEU A 44 -3.61 -0.48 3.88
N VAL A 45 -4.33 0.53 3.39
CA VAL A 45 -4.48 1.78 4.13
C VAL A 45 -5.28 1.59 5.40
N HIS A 46 -6.55 1.20 5.24
CA HIS A 46 -7.44 0.98 6.37
C HIS A 46 -6.66 0.41 7.57
N ASN A 47 -5.79 -0.56 7.29
CA ASN A 47 -5.00 -1.19 8.34
C ASN A 47 -4.32 -0.13 9.22
N PHE A 48 -3.69 0.84 8.57
CA PHE A 48 -3.02 1.91 9.30
C PHE A 48 -4.02 2.83 9.97
N PHE A 49 -4.92 3.39 9.17
CA PHE A 49 -5.94 4.30 9.69
C PHE A 49 -7.34 3.76 9.42
N PRO A 50 -7.84 2.94 10.34
CA PRO A 50 -9.18 2.33 10.23
C PRO A 50 -10.29 3.35 10.40
N GLU A 51 -10.11 4.27 11.35
CA GLU A 51 -11.11 5.29 11.61
C GLU A 51 -11.20 6.28 10.45
N ALA A 52 -10.06 6.55 9.82
CA ALA A 52 -10.02 7.47 8.70
C ALA A 52 -11.15 7.18 7.71
N PHE A 53 -11.48 5.90 7.55
CA PHE A 53 -12.55 5.50 6.63
C PHE A 53 -12.98 4.06 6.91
N ASP A 54 -14.26 3.80 6.76
CA ASP A 54 -14.80 2.46 6.98
C ASP A 54 -14.51 1.54 5.79
N TYR A 55 -14.09 0.32 6.09
CA TYR A 55 -13.77 -0.65 5.05
C TYR A 55 -15.03 -1.37 4.57
N GLY A 56 -15.69 -2.07 5.49
CA GLY A 56 -16.89 -2.79 5.13
C GLY A 56 -17.85 -1.96 4.30
N GLN A 57 -17.80 -0.65 4.48
CA GLN A 57 -18.67 0.25 3.74
C GLN A 57 -18.36 0.21 2.25
N LEU A 58 -17.07 0.11 1.92
CA LEU A 58 -16.64 0.06 0.53
C LEU A 58 -17.08 -1.25 -0.13
N SER A 59 -16.88 -1.33 -1.44
CA SER A 59 -17.25 -2.53 -2.19
C SER A 59 -16.18 -2.90 -3.20
N PRO A 60 -16.10 -4.20 -3.52
CA PRO A 60 -15.12 -4.73 -4.48
C PRO A 60 -15.42 -4.29 -5.91
N GLN A 61 -16.69 -4.33 -6.28
CA GLN A 61 -17.11 -3.94 -7.63
C GLN A 61 -16.56 -2.56 -7.99
N ASN A 62 -16.39 -1.71 -6.98
CA ASN A 62 -15.87 -0.37 -7.19
C ASN A 62 -14.38 -0.40 -7.53
N ARG A 63 -14.07 -0.24 -8.81
CA ARG A 63 -12.69 -0.25 -9.26
C ARG A 63 -12.01 1.09 -8.98
N ARG A 64 -12.67 2.17 -9.39
CA ARG A 64 -12.13 3.51 -9.20
C ARG A 64 -12.17 3.89 -7.71
N GLN A 65 -13.38 4.06 -7.18
CA GLN A 65 -13.55 4.43 -5.78
C GLN A 65 -12.46 3.79 -4.92
N ASN A 66 -12.42 2.47 -4.92
CA ASN A 66 -11.44 1.73 -4.13
C ASN A 66 -10.09 2.46 -4.12
N PHE A 67 -9.62 2.81 -5.31
CA PHE A 67 -8.34 3.51 -5.45
C PHE A 67 -8.41 4.89 -4.79
N GLU A 68 -9.34 5.72 -5.26
CA GLU A 68 -9.51 7.06 -4.72
C GLU A 68 -9.53 7.04 -3.20
N VAL A 69 -10.55 6.40 -2.63
CA VAL A 69 -10.69 6.30 -1.18
C VAL A 69 -9.33 6.11 -0.51
N ALA A 70 -8.67 5.01 -0.86
CA ALA A 70 -7.35 4.71 -0.29
C ALA A 70 -6.40 5.89 -0.45
N PHE A 71 -6.37 6.46 -1.66
CA PHE A 71 -5.50 7.59 -1.95
C PHE A 71 -5.86 8.79 -1.09
N SER A 72 -7.03 9.39 -1.37
CA SER A 72 -7.49 10.54 -0.61
C SER A 72 -7.40 10.29 0.89
N SER A 73 -8.05 9.23 1.34
CA SER A 73 -8.05 8.88 2.76
C SER A 73 -6.71 9.21 3.40
N ALA A 74 -5.62 8.73 2.78
CA ALA A 74 -4.29 8.98 3.29
C ALA A 74 -3.98 10.47 3.34
N GLU A 75 -4.00 11.11 2.18
CA GLU A 75 -3.72 12.54 2.08
C GLU A 75 -4.39 13.29 3.22
N THR A 76 -5.46 12.72 3.76
CA THR A 76 -6.19 13.34 4.86
C THR A 76 -5.24 13.82 5.95
N HIS A 77 -4.54 12.89 6.58
CA HIS A 77 -3.60 13.22 7.63
C HIS A 77 -2.17 12.87 7.22
N ALA A 78 -2.05 11.94 6.28
CA ALA A 78 -0.73 11.53 5.79
C ALA A 78 -0.20 12.51 4.76
N ASP A 79 -1.10 13.16 4.05
CA ASP A 79 -0.72 14.13 3.02
C ASP A 79 0.35 13.55 2.11
N CYS A 80 0.07 12.38 1.55
CA CYS A 80 1.00 11.71 0.64
C CYS A 80 0.88 12.27 -0.77
N PRO A 81 2.04 12.48 -1.41
CA PRO A 81 2.08 13.02 -2.78
C PRO A 81 1.57 12.02 -3.81
N GLN A 82 0.26 11.97 -4.00
CA GLN A 82 -0.35 11.06 -4.96
C GLN A 82 0.54 10.89 -6.19
N LEU A 83 1.13 9.71 -6.33
CA LEU A 83 2.00 9.41 -7.47
C LEU A 83 1.26 8.61 -8.53
N LEU A 84 0.85 7.40 -8.16
CA LEU A 84 0.12 6.53 -9.08
C LEU A 84 -1.00 7.30 -9.78
N ASP A 85 -1.18 7.02 -11.07
CA ASP A 85 -2.21 7.67 -11.85
C ASP A 85 -3.49 6.85 -11.85
N THR A 86 -4.22 6.90 -10.74
CA THR A 86 -5.47 6.15 -10.61
C THR A 86 -6.24 6.13 -11.93
N GLU A 87 -6.38 7.30 -12.55
CA GLU A 87 -7.09 7.41 -13.82
C GLU A 87 -6.57 6.39 -14.82
N ASP A 88 -5.26 6.26 -14.91
CA ASP A 88 -4.64 5.32 -15.84
C ASP A 88 -4.67 3.90 -15.27
N MET A 89 -4.57 3.80 -13.95
CA MET A 89 -4.59 2.49 -13.29
C MET A 89 -5.91 1.77 -13.54
N VAL A 90 -7.01 2.52 -13.51
CA VAL A 90 -8.33 1.95 -13.74
C VAL A 90 -8.40 1.27 -15.10
N ARG A 91 -8.34 2.07 -16.16
CA ARG A 91 -8.39 1.55 -17.52
C ARG A 91 -7.32 0.48 -17.74
N LEU A 92 -6.12 0.76 -17.26
CA LEU A 92 -5.01 -0.18 -17.40
C LEU A 92 -5.36 -1.54 -16.85
N ARG A 93 -5.41 -2.54 -17.73
CA ARG A 93 -5.74 -3.91 -17.33
C ARG A 93 -5.05 -4.26 -16.01
N GLU A 94 -3.80 -3.83 -15.87
CA GLU A 94 -3.03 -4.12 -14.66
C GLU A 94 -2.02 -3.00 -14.40
N PRO A 95 -1.79 -2.71 -13.11
CA PRO A 95 -0.85 -1.67 -12.68
C PRO A 95 0.59 -2.06 -12.94
N ASP A 96 1.45 -1.06 -13.07
CA ASP A 96 2.87 -1.30 -13.32
C ASP A 96 3.65 -1.34 -12.00
N TRP A 97 4.31 -2.46 -11.74
CA TRP A 97 5.10 -2.62 -10.52
C TRP A 97 6.10 -1.49 -10.37
N LYS A 98 6.87 -1.24 -11.42
CA LYS A 98 7.88 -0.18 -11.40
C LYS A 98 7.31 1.08 -10.76
N CYS A 99 6.03 1.34 -11.00
CA CYS A 99 5.37 2.52 -10.46
C CYS A 99 4.81 2.24 -9.06
N VAL A 100 3.89 1.28 -8.99
CA VAL A 100 3.28 0.92 -7.72
C VAL A 100 4.31 0.89 -6.59
N TYR A 101 5.36 0.10 -6.79
CA TYR A 101 6.42 -0.02 -5.79
C TYR A 101 6.78 1.33 -5.21
N THR A 102 6.82 2.35 -6.08
CA THR A 102 7.15 3.70 -5.66
C THR A 102 6.20 4.20 -4.59
N TYR A 103 4.91 4.24 -4.92
CA TYR A 103 3.89 4.71 -3.99
C TYR A 103 4.10 4.08 -2.62
N ILE A 104 4.25 2.76 -2.59
CA ILE A 104 4.45 2.04 -1.33
C ILE A 104 5.65 2.59 -0.58
N GLN A 105 6.76 2.76 -1.28
CA GLN A 105 7.98 3.29 -0.68
C GLN A 105 7.76 4.68 -0.12
N GLU A 106 7.17 5.55 -0.94
CA GLU A 106 6.89 6.93 -0.54
C GLU A 106 6.01 6.96 0.71
N PHE A 107 4.88 6.27 0.64
CA PHE A 107 3.94 6.22 1.76
C PHE A 107 4.60 5.63 2.99
N TYR A 108 5.27 4.50 2.82
CA TYR A 108 5.95 3.82 3.92
C TYR A 108 6.80 4.81 4.72
N ARG A 109 7.56 5.64 4.01
CA ARG A 109 8.41 6.62 4.66
C ARG A 109 7.60 7.52 5.59
N CYS A 110 6.43 7.94 5.13
CA CYS A 110 5.55 8.80 5.91
C CYS A 110 5.11 8.11 7.20
N LEU A 111 4.48 6.96 7.05
CA LEU A 111 4.01 6.19 8.20
C LEU A 111 5.06 6.15 9.30
N VAL A 112 6.28 5.75 8.94
CA VAL A 112 7.38 5.67 9.89
C VAL A 112 7.45 6.94 10.74
N GLN A 113 7.32 8.09 10.10
CA GLN A 113 7.38 9.37 10.80
C GLN A 113 6.09 9.60 11.60
N LYS A 114 4.95 9.27 10.99
CA LYS A 114 3.67 9.45 11.64
C LYS A 114 3.63 8.73 12.99
N GLY A 115 4.28 7.57 13.05
CA GLY A 115 4.31 6.80 14.28
C GLY A 115 3.54 5.50 14.17
N LEU A 116 3.53 4.92 12.98
CA LEU A 116 2.82 3.66 12.74
C LEU A 116 3.80 2.50 12.72
N VAL A 117 4.95 2.70 12.08
CA VAL A 117 5.97 1.66 11.99
C VAL A 117 7.32 2.17 12.47
N LYS A 118 7.65 1.88 13.73
CA LYS A 118 8.91 2.31 14.31
C LYS A 118 9.87 1.13 14.46
N THR A 119 11.02 1.22 13.81
CA THR A 119 12.02 0.16 13.87
C THR A 119 13.43 0.74 13.92
N LYS A 120 14.39 -0.10 14.30
CA LYS A 120 15.79 0.32 14.38
C LYS A 120 16.34 0.62 12.98
N LYS A 121 16.50 1.90 12.67
CA LYS A 121 17.02 2.32 11.38
C LYS A 121 17.93 3.53 11.52
N SER A 122 19.05 3.50 10.81
CA SER A 122 20.02 4.60 10.87
C SER A 122 19.70 5.66 9.81
N SER A 123 19.38 6.87 10.27
CA SER A 123 19.05 7.96 9.37
C SER A 123 20.27 8.39 8.56
N GLY A 124 20.06 8.76 7.30
CA GLY A 124 21.15 9.19 6.45
C GLY A 124 21.58 10.61 6.74
N PRO A 125 22.75 11.00 6.20
CA PRO A 125 23.29 12.34 6.38
C PRO A 125 22.49 13.41 5.63
N SER A 126 21.71 14.18 6.38
CA SER A 126 20.90 15.23 5.79
C SER A 126 20.53 16.29 6.83
N SER A 127 20.44 17.54 6.39
CA SER A 127 20.10 18.64 7.29
C SER A 127 18.62 18.61 7.66
N GLY A 128 18.33 18.05 8.83
CA GLY A 128 16.95 17.96 9.28
C GLY A 128 16.65 16.66 10.00
N GLY A 1 18.39 -13.40 1.38
CA GLY A 1 18.42 -14.28 2.54
C GLY A 1 17.75 -15.62 2.27
N SER A 2 17.32 -16.29 3.33
CA SER A 2 16.67 -17.58 3.21
C SER A 2 15.23 -17.42 2.70
N SER A 3 14.53 -16.45 3.25
CA SER A 3 13.15 -16.19 2.88
C SER A 3 13.08 -15.19 1.72
N GLY A 4 12.25 -15.49 0.73
CA GLY A 4 12.10 -14.62 -0.41
C GLY A 4 13.43 -14.30 -1.07
N SER A 5 13.94 -13.10 -0.84
CA SER A 5 15.21 -12.68 -1.43
C SER A 5 15.72 -11.41 -0.75
N SER A 6 16.99 -11.10 -0.99
CA SER A 6 17.61 -9.91 -0.41
C SER A 6 17.09 -8.65 -1.08
N GLY A 7 17.05 -7.55 -0.32
CA GLY A 7 16.57 -6.29 -0.86
C GLY A 7 15.33 -5.79 -0.15
N ILE A 8 14.77 -4.69 -0.65
CA ILE A 8 13.58 -4.11 -0.05
C ILE A 8 12.34 -4.46 -0.86
N LYS A 9 12.53 -4.79 -2.13
CA LYS A 9 11.43 -5.14 -3.02
C LYS A 9 10.64 -6.32 -2.45
N GLN A 10 11.31 -7.16 -1.67
CA GLN A 10 10.66 -8.32 -1.06
C GLN A 10 9.99 -7.95 0.25
N MET A 11 10.80 -7.60 1.25
CA MET A 11 10.28 -7.22 2.55
C MET A 11 8.96 -6.47 2.42
N LEU A 12 8.86 -5.64 1.39
CA LEU A 12 7.65 -4.85 1.15
C LEU A 12 6.46 -5.77 0.89
N LEU A 13 6.65 -6.75 0.02
CA LEU A 13 5.58 -7.70 -0.31
C LEU A 13 5.22 -8.56 0.89
N ASP A 14 6.23 -8.91 1.69
CA ASP A 14 6.02 -9.72 2.88
C ASP A 14 5.47 -8.88 4.03
N TRP A 15 5.75 -7.59 3.99
CA TRP A 15 5.29 -6.67 5.02
C TRP A 15 3.83 -6.28 4.80
N CYS A 16 3.53 -5.82 3.59
CA CYS A 16 2.17 -5.41 3.24
C CYS A 16 1.17 -6.47 3.66
N ARG A 17 1.44 -7.73 3.31
CA ARG A 17 0.56 -8.83 3.65
C ARG A 17 0.16 -8.77 5.12
N ALA A 18 1.15 -8.83 6.00
CA ALA A 18 0.89 -8.78 7.43
C ALA A 18 -0.06 -7.63 7.78
N LYS A 19 0.16 -6.48 7.18
CA LYS A 19 -0.67 -5.30 7.43
C LYS A 19 -2.02 -5.45 6.73
N THR A 20 -2.08 -6.33 5.75
CA THR A 20 -3.31 -6.57 5.01
C THR A 20 -3.75 -8.03 5.10
N ARG A 21 -3.40 -8.67 6.21
CA ARG A 21 -3.75 -10.08 6.42
C ARG A 21 -5.10 -10.19 7.13
N GLY A 22 -6.04 -10.89 6.50
CA GLY A 22 -7.35 -11.07 7.08
C GLY A 22 -8.45 -10.52 6.21
N TYR A 23 -8.21 -9.35 5.62
CA TYR A 23 -9.20 -8.72 4.75
C TYR A 23 -9.69 -9.69 3.68
N GLU A 24 -11.00 -9.89 3.62
CA GLU A 24 -11.59 -10.78 2.65
C GLU A 24 -11.54 -10.18 1.25
N HIS A 25 -11.43 -11.05 0.24
CA HIS A 25 -11.37 -10.60 -1.15
C HIS A 25 -10.10 -9.80 -1.41
N VAL A 26 -8.99 -10.26 -0.84
CA VAL A 26 -7.71 -9.60 -1.00
C VAL A 26 -6.55 -10.60 -0.94
N ASP A 27 -5.46 -10.29 -1.63
CA ASP A 27 -4.29 -11.16 -1.65
C ASP A 27 -3.13 -10.48 -2.36
N ILE A 28 -2.07 -10.19 -1.61
CA ILE A 28 -0.89 -9.55 -2.17
C ILE A 28 0.15 -10.57 -2.59
N GLN A 29 0.08 -11.00 -3.84
CA GLN A 29 1.02 -11.98 -4.37
C GLN A 29 2.18 -11.30 -5.08
N ASN A 30 1.87 -10.23 -5.82
CA ASN A 30 2.89 -9.50 -6.56
C ASN A 30 2.39 -8.10 -6.92
N PHE A 31 3.29 -7.27 -7.45
CA PHE A 31 2.94 -5.91 -7.83
C PHE A 31 2.60 -5.83 -9.32
N SER A 32 1.83 -6.81 -9.80
CA SER A 32 1.44 -6.85 -11.21
C SER A 32 -0.07 -6.67 -11.35
N SER A 33 -0.83 -7.64 -10.86
CA SER A 33 -2.29 -7.59 -10.95
C SER A 33 -2.92 -7.92 -9.60
N SER A 34 -2.29 -7.45 -8.53
CA SER A 34 -2.79 -7.69 -7.18
C SER A 34 -3.59 -6.49 -6.68
N TRP A 35 -3.18 -5.30 -7.08
CA TRP A 35 -3.86 -4.08 -6.67
C TRP A 35 -4.86 -3.63 -7.72
N SER A 36 -4.63 -4.04 -8.97
CA SER A 36 -5.51 -3.67 -10.07
C SER A 36 -6.96 -3.68 -9.62
N ASP A 37 -7.32 -4.62 -8.75
CA ASP A 37 -8.68 -4.72 -8.24
C ASP A 37 -9.12 -3.41 -7.60
N GLY A 38 -8.43 -3.03 -6.53
CA GLY A 38 -8.77 -1.79 -5.84
C GLY A 38 -8.76 -1.96 -4.33
N MET A 39 -9.63 -2.82 -3.82
CA MET A 39 -9.72 -3.07 -2.39
C MET A 39 -8.33 -3.17 -1.77
N ALA A 40 -7.43 -3.87 -2.46
CA ALA A 40 -6.06 -4.04 -1.97
C ALA A 40 -5.58 -2.79 -1.24
N PHE A 41 -5.40 -1.71 -1.99
CA PHE A 41 -4.94 -0.45 -1.40
C PHE A 41 -5.78 -0.07 -0.18
N CYS A 42 -7.10 -0.03 -0.37
CA CYS A 42 -8.00 0.32 0.72
C CYS A 42 -7.64 -0.44 1.99
N ALA A 43 -7.63 -1.77 1.90
CA ALA A 43 -7.30 -2.60 3.04
C ALA A 43 -5.96 -2.19 3.66
N LEU A 44 -4.96 -2.00 2.81
CA LEU A 44 -3.63 -1.60 3.27
C LEU A 44 -3.71 -0.35 4.15
N VAL A 45 -4.45 0.64 3.69
CA VAL A 45 -4.61 1.88 4.43
C VAL A 45 -5.45 1.68 5.69
N HIS A 46 -6.68 1.22 5.50
CA HIS A 46 -7.59 0.98 6.62
C HIS A 46 -6.83 0.41 7.82
N ASN A 47 -5.93 -0.52 7.55
CA ASN A 47 -5.13 -1.14 8.60
C ASN A 47 -4.44 -0.09 9.46
N PHE A 48 -3.85 0.91 8.81
CA PHE A 48 -3.17 1.98 9.51
C PHE A 48 -4.16 2.92 10.18
N PHE A 49 -5.12 3.40 9.39
CA PHE A 49 -6.15 4.31 9.91
C PHE A 49 -7.55 3.77 9.63
N PRO A 50 -8.04 2.94 10.56
CA PRO A 50 -9.38 2.34 10.45
C PRO A 50 -10.50 3.36 10.62
N GLU A 51 -10.34 4.23 11.61
CA GLU A 51 -11.33 5.27 11.88
C GLU A 51 -11.39 6.29 10.75
N ALA A 52 -10.25 6.53 10.12
CA ALA A 52 -10.17 7.47 9.01
C ALA A 52 -11.31 7.26 8.02
N PHE A 53 -11.62 5.99 7.76
CA PHE A 53 -12.69 5.65 6.83
C PHE A 53 -13.11 4.20 7.00
N ASP A 54 -14.41 3.93 6.86
CA ASP A 54 -14.94 2.59 7.00
C ASP A 54 -14.58 1.74 5.78
N TYR A 55 -13.92 0.61 6.03
CA TYR A 55 -13.52 -0.29 4.96
C TYR A 55 -14.72 -1.07 4.42
N GLY A 56 -15.38 -1.82 5.30
CA GLY A 56 -16.53 -2.60 4.89
C GLY A 56 -17.50 -1.79 4.06
N GLN A 57 -17.54 -0.48 4.27
CA GLN A 57 -18.43 0.40 3.52
C GLN A 57 -18.12 0.36 2.03
N LEU A 58 -16.84 0.24 1.70
CA LEU A 58 -16.41 0.19 0.31
C LEU A 58 -16.90 -1.08 -0.37
N SER A 59 -16.93 -1.07 -1.70
CA SER A 59 -17.39 -2.22 -2.46
C SER A 59 -16.38 -2.59 -3.54
N PRO A 60 -16.37 -3.87 -3.94
CA PRO A 60 -15.46 -4.37 -4.98
C PRO A 60 -15.82 -3.85 -6.37
N GLN A 61 -17.10 -3.87 -6.69
CA GLN A 61 -17.58 -3.40 -7.99
C GLN A 61 -16.99 -2.03 -8.31
N ASN A 62 -16.55 -1.32 -7.27
CA ASN A 62 -15.97 0.01 -7.44
C ASN A 62 -14.48 -0.09 -7.80
N ARG A 63 -14.14 0.34 -9.00
CA ARG A 63 -12.75 0.31 -9.45
C ARG A 63 -12.03 1.59 -9.09
N ARG A 64 -12.68 2.72 -9.34
CA ARG A 64 -12.09 4.02 -9.05
C ARG A 64 -12.10 4.30 -7.54
N GLN A 65 -13.30 4.39 -6.97
CA GLN A 65 -13.46 4.63 -5.54
C GLN A 65 -12.38 3.90 -4.75
N ASN A 66 -12.28 2.59 -4.96
CA ASN A 66 -11.30 1.78 -4.25
C ASN A 66 -9.92 2.45 -4.27
N PHE A 67 -9.49 2.86 -5.45
CA PHE A 67 -8.20 3.52 -5.61
C PHE A 67 -8.22 4.92 -5.00
N GLU A 68 -9.11 5.76 -5.51
CA GLU A 68 -9.23 7.13 -5.01
C GLU A 68 -9.32 7.16 -3.50
N VAL A 69 -10.41 6.64 -2.96
CA VAL A 69 -10.61 6.61 -1.51
C VAL A 69 -9.32 6.25 -0.79
N ALA A 70 -8.67 5.19 -1.25
CA ALA A 70 -7.42 4.75 -0.64
C ALA A 70 -6.39 5.87 -0.63
N PHE A 71 -6.22 6.53 -1.76
CA PHE A 71 -5.27 7.62 -1.89
C PHE A 71 -5.68 8.81 -1.03
N SER A 72 -6.82 9.41 -1.38
CA SER A 72 -7.33 10.56 -0.63
C SER A 72 -7.35 10.29 0.86
N SER A 73 -8.03 9.20 1.25
CA SER A 73 -8.13 8.83 2.65
C SER A 73 -6.80 9.02 3.36
N ALA A 74 -5.73 8.52 2.75
CA ALA A 74 -4.39 8.64 3.34
C ALA A 74 -3.99 10.10 3.48
N GLU A 75 -4.08 10.85 2.38
CA GLU A 75 -3.72 12.26 2.40
C GLU A 75 -4.26 12.95 3.65
N THR A 76 -5.40 12.48 4.13
CA THR A 76 -6.02 13.05 5.32
C THR A 76 -4.97 13.49 6.33
N HIS A 77 -4.32 12.51 6.96
CA HIS A 77 -3.30 12.80 7.95
C HIS A 77 -1.92 12.39 7.43
N ALA A 78 -1.90 11.60 6.36
CA ALA A 78 -0.65 11.14 5.77
C ALA A 78 -0.14 12.13 4.74
N ASP A 79 -1.06 12.80 4.05
CA ASP A 79 -0.71 13.78 3.03
C ASP A 79 0.32 13.21 2.06
N CYS A 80 0.00 12.04 1.50
CA CYS A 80 0.88 11.38 0.54
C CYS A 80 0.63 11.89 -0.88
N PRO A 81 1.73 12.15 -1.61
CA PRO A 81 1.65 12.64 -2.99
C PRO A 81 1.14 11.58 -3.95
N GLN A 82 -0.12 11.70 -4.35
CA GLN A 82 -0.73 10.76 -5.28
C GLN A 82 0.09 10.64 -6.56
N LEU A 83 0.85 9.56 -6.69
CA LEU A 83 1.68 9.33 -7.86
C LEU A 83 0.89 8.58 -8.94
N LEU A 84 0.47 7.37 -8.62
CA LEU A 84 -0.30 6.56 -9.56
C LEU A 84 -1.47 7.34 -10.14
N ASP A 85 -1.78 7.08 -11.40
CA ASP A 85 -2.89 7.76 -12.06
C ASP A 85 -4.12 6.86 -12.12
N THR A 86 -4.92 6.89 -11.06
CA THR A 86 -6.12 6.07 -10.99
C THR A 86 -6.80 5.98 -12.35
N GLU A 87 -6.96 7.13 -13.00
CA GLU A 87 -7.60 7.17 -14.31
C GLU A 87 -6.95 6.19 -15.28
N ASP A 88 -5.62 6.17 -15.28
CA ASP A 88 -4.86 5.27 -16.15
C ASP A 88 -4.87 3.86 -15.61
N MET A 89 -4.87 3.75 -14.28
CA MET A 89 -4.87 2.44 -13.63
C MET A 89 -6.10 1.63 -14.02
N VAL A 90 -7.25 2.30 -14.07
CA VAL A 90 -8.50 1.64 -14.43
C VAL A 90 -8.41 1.03 -15.82
N ARG A 91 -8.32 1.89 -16.84
CA ARG A 91 -8.23 1.42 -18.22
C ARG A 91 -7.12 0.40 -18.38
N LEU A 92 -5.97 0.68 -17.77
CA LEU A 92 -4.82 -0.22 -17.85
C LEU A 92 -5.16 -1.58 -17.25
N ARG A 93 -5.09 -2.62 -18.08
CA ARG A 93 -5.39 -3.96 -17.64
C ARG A 93 -4.72 -4.26 -16.30
N GLU A 94 -3.49 -3.81 -16.16
CA GLU A 94 -2.74 -4.04 -14.92
C GLU A 94 -1.72 -2.91 -14.69
N PRO A 95 -1.53 -2.54 -13.42
CA PRO A 95 -0.59 -1.48 -13.04
C PRO A 95 0.85 -1.88 -13.24
N ASP A 96 1.74 -0.90 -13.35
CA ASP A 96 3.16 -1.14 -13.55
C ASP A 96 3.89 -1.16 -12.21
N TRP A 97 4.41 -2.32 -11.83
CA TRP A 97 5.14 -2.47 -10.58
C TRP A 97 6.07 -1.28 -10.36
N LYS A 98 6.68 -0.80 -11.43
CA LYS A 98 7.60 0.34 -11.34
C LYS A 98 7.00 1.46 -10.51
N CYS A 99 5.84 1.95 -10.94
CA CYS A 99 5.16 3.04 -10.24
C CYS A 99 4.53 2.52 -8.94
N VAL A 100 3.89 1.36 -9.03
CA VAL A 100 3.25 0.76 -7.86
C VAL A 100 4.19 0.76 -6.66
N TYR A 101 5.31 0.06 -6.79
CA TYR A 101 6.28 -0.02 -5.71
C TYR A 101 6.59 1.36 -5.15
N THR A 102 6.81 2.33 -6.03
CA THR A 102 7.11 3.69 -5.62
C THR A 102 6.15 4.16 -4.53
N TYR A 103 4.87 4.19 -4.84
CA TYR A 103 3.86 4.62 -3.89
C TYR A 103 4.05 3.93 -2.54
N ILE A 104 4.18 2.61 -2.58
CA ILE A 104 4.38 1.83 -1.36
C ILE A 104 5.55 2.36 -0.55
N GLN A 105 6.64 2.69 -1.24
CA GLN A 105 7.83 3.21 -0.58
C GLN A 105 7.58 4.61 -0.01
N GLU A 106 6.94 5.46 -0.82
CA GLU A 106 6.64 6.82 -0.40
C GLU A 106 5.84 6.82 0.89
N PHE A 107 4.70 6.14 0.88
CA PHE A 107 3.84 6.06 2.07
C PHE A 107 4.62 5.58 3.28
N TYR A 108 5.18 4.39 3.19
CA TYR A 108 5.95 3.82 4.29
C TYR A 108 6.84 4.88 4.94
N ARG A 109 7.57 5.61 4.11
CA ARG A 109 8.48 6.65 4.59
C ARG A 109 7.73 7.61 5.52
N CYS A 110 6.50 7.94 5.17
CA CYS A 110 5.69 8.85 5.96
C CYS A 110 5.23 8.18 7.25
N LEU A 111 4.63 7.00 7.12
CA LEU A 111 4.15 6.25 8.28
C LEU A 111 5.20 6.21 9.38
N VAL A 112 6.39 5.72 9.04
CA VAL A 112 7.48 5.62 9.99
C VAL A 112 7.62 6.92 10.81
N GLN A 113 7.57 8.05 10.12
CA GLN A 113 7.69 9.34 10.79
C GLN A 113 6.45 9.63 11.63
N LYS A 114 5.28 9.29 11.09
CA LYS A 114 4.02 9.52 11.79
C LYS A 114 4.01 8.79 13.14
N GLY A 115 4.62 7.61 13.17
CA GLY A 115 4.67 6.84 14.40
C GLY A 115 3.79 5.60 14.34
N LEU A 116 3.66 5.02 13.15
CA LEU A 116 2.85 3.83 12.97
C LEU A 116 3.72 2.59 12.79
N VAL A 117 4.76 2.72 11.98
CA VAL A 117 5.68 1.62 11.72
C VAL A 117 7.10 1.98 12.14
N LYS A 118 7.57 1.36 13.22
CA LYS A 118 8.91 1.60 13.72
C LYS A 118 9.96 1.04 12.77
N THR A 119 11.15 1.65 12.77
CA THR A 119 12.23 1.21 11.90
C THR A 119 13.15 0.22 12.63
N LYS A 120 12.55 -0.83 13.18
CA LYS A 120 13.30 -1.85 13.89
C LYS A 120 14.51 -2.31 13.07
N LYS A 121 14.48 -2.05 11.77
CA LYS A 121 15.56 -2.43 10.89
C LYS A 121 16.84 -1.68 11.25
N SER A 122 17.98 -2.34 11.08
CA SER A 122 19.26 -1.73 11.39
C SER A 122 20.24 -1.89 10.22
N SER A 123 20.76 -0.76 9.75
CA SER A 123 21.70 -0.77 8.63
C SER A 123 22.36 0.59 8.47
N GLY A 124 23.43 0.64 7.67
CA GLY A 124 24.14 1.88 7.45
C GLY A 124 24.45 2.12 5.99
N PRO A 125 24.50 3.40 5.58
CA PRO A 125 24.79 3.79 4.20
C PRO A 125 26.24 3.50 3.81
N SER A 126 27.00 2.93 4.74
CA SER A 126 28.40 2.61 4.50
C SER A 126 28.57 1.96 3.12
N SER A 127 29.80 2.00 2.61
CA SER A 127 30.10 1.42 1.31
C SER A 127 31.44 0.68 1.33
N GLY A 128 31.49 -0.46 0.67
CA GLY A 128 32.71 -1.25 0.62
C GLY A 128 32.98 -1.98 1.92
N GLY A 1 24.51 -3.40 11.91
CA GLY A 1 23.40 -2.46 12.07
C GLY A 1 23.19 -1.61 10.84
N SER A 2 22.22 -1.99 10.02
CA SER A 2 21.92 -1.26 8.80
C SER A 2 20.55 -1.65 8.24
N SER A 3 19.78 -0.66 7.83
CA SER A 3 18.45 -0.89 7.27
C SER A 3 18.54 -1.49 5.87
N GLY A 4 19.19 -0.76 4.97
CA GLY A 4 19.34 -1.23 3.60
C GLY A 4 19.81 -2.66 3.53
N SER A 5 19.24 -3.42 2.60
CA SER A 5 19.61 -4.83 2.43
C SER A 5 19.46 -5.25 0.97
N SER A 6 20.13 -6.35 0.62
CA SER A 6 20.09 -6.85 -0.75
C SER A 6 18.72 -7.45 -1.06
N GLY A 7 17.79 -6.61 -1.47
CA GLY A 7 16.45 -7.07 -1.78
C GLY A 7 15.39 -6.38 -0.96
N ILE A 8 14.85 -5.28 -1.48
CA ILE A 8 13.82 -4.52 -0.77
C ILE A 8 12.43 -4.86 -1.31
N LYS A 9 12.35 -5.06 -2.63
CA LYS A 9 11.08 -5.39 -3.27
C LYS A 9 10.39 -6.54 -2.54
N GLN A 10 11.16 -7.33 -1.81
CA GLN A 10 10.62 -8.45 -1.06
C GLN A 10 10.06 -8.00 0.28
N MET A 11 10.95 -7.56 1.17
CA MET A 11 10.53 -7.10 2.49
C MET A 11 9.23 -6.31 2.41
N LEU A 12 9.04 -5.60 1.31
CA LEU A 12 7.84 -4.80 1.11
C LEU A 12 6.62 -5.70 0.92
N LEU A 13 6.76 -6.70 0.07
CA LEU A 13 5.67 -7.63 -0.20
C LEU A 13 5.34 -8.45 1.04
N ASP A 14 6.34 -8.68 1.89
CA ASP A 14 6.16 -9.45 3.11
C ASP A 14 5.53 -8.58 4.20
N TRP A 15 5.75 -7.28 4.11
CA TRP A 15 5.21 -6.34 5.09
C TRP A 15 3.74 -6.03 4.80
N CYS A 16 3.48 -5.58 3.58
CA CYS A 16 2.12 -5.24 3.17
C CYS A 16 1.13 -6.28 3.68
N ARG A 17 1.43 -7.55 3.47
CA ARG A 17 0.57 -8.63 3.90
C ARG A 17 0.35 -8.59 5.41
N ALA A 18 1.45 -8.55 6.16
CA ALA A 18 1.38 -8.50 7.62
C ALA A 18 0.42 -7.41 8.08
N LYS A 19 0.26 -6.38 7.26
CA LYS A 19 -0.64 -5.28 7.59
C LYS A 19 -1.97 -5.41 6.85
N THR A 20 -1.97 -6.22 5.78
CA THR A 20 -3.17 -6.43 5.00
C THR A 20 -3.59 -7.91 5.03
N ARG A 21 -3.35 -8.56 6.15
CA ARG A 21 -3.70 -9.96 6.31
C ARG A 21 -5.09 -10.10 6.94
N GLY A 22 -5.75 -11.23 6.66
CA GLY A 22 -7.07 -11.46 7.21
C GLY A 22 -8.16 -10.79 6.40
N TYR A 23 -7.86 -9.61 5.86
CA TYR A 23 -8.82 -8.87 5.07
C TYR A 23 -9.42 -9.75 3.96
N GLU A 24 -10.74 -9.84 3.95
CA GLU A 24 -11.44 -10.65 2.95
C GLU A 24 -11.40 -9.97 1.58
N HIS A 25 -11.49 -10.78 0.54
CA HIS A 25 -11.46 -10.26 -0.83
C HIS A 25 -10.18 -9.49 -1.10
N VAL A 26 -9.11 -9.87 -0.40
CA VAL A 26 -7.82 -9.21 -0.56
C VAL A 26 -6.68 -10.22 -0.54
N ASP A 27 -5.68 -10.00 -1.38
CA ASP A 27 -4.54 -10.89 -1.46
C ASP A 27 -3.39 -10.24 -2.24
N ILE A 28 -2.29 -9.97 -1.54
CA ILE A 28 -1.13 -9.36 -2.17
C ILE A 28 -0.06 -10.39 -2.50
N GLN A 29 -0.02 -10.80 -3.77
CA GLN A 29 0.95 -11.79 -4.22
C GLN A 29 2.10 -11.12 -4.96
N ASN A 30 1.81 -10.00 -5.62
CA ASN A 30 2.82 -9.27 -6.38
C ASN A 30 2.28 -7.91 -6.82
N PHE A 31 3.19 -6.99 -7.12
CA PHE A 31 2.82 -5.66 -7.57
C PHE A 31 2.58 -5.64 -9.07
N SER A 32 1.77 -6.57 -9.56
CA SER A 32 1.47 -6.65 -10.98
C SER A 32 0.01 -6.31 -11.25
N SER A 33 -0.88 -7.23 -10.90
CA SER A 33 -2.31 -7.02 -11.11
C SER A 33 -3.10 -7.43 -9.87
N SER A 34 -2.45 -7.37 -8.71
CA SER A 34 -3.09 -7.73 -7.46
C SER A 34 -3.78 -6.52 -6.83
N TRP A 35 -3.40 -5.34 -7.28
CA TRP A 35 -3.98 -4.10 -6.76
C TRP A 35 -5.06 -3.58 -7.70
N SER A 36 -4.96 -3.94 -8.97
CA SER A 36 -5.93 -3.50 -9.97
C SER A 36 -7.36 -3.63 -9.44
N ASP A 37 -7.60 -4.67 -8.65
CA ASP A 37 -8.91 -4.91 -8.07
C ASP A 37 -9.43 -3.67 -7.37
N GLY A 38 -8.62 -3.12 -6.47
CA GLY A 38 -9.01 -1.93 -5.73
C GLY A 38 -8.94 -2.12 -4.23
N MET A 39 -9.84 -2.95 -3.70
CA MET A 39 -9.87 -3.21 -2.27
C MET A 39 -8.46 -3.33 -1.70
N ALA A 40 -7.59 -4.01 -2.44
CA ALA A 40 -6.21 -4.20 -2.02
C ALA A 40 -5.63 -2.91 -1.44
N PHE A 41 -5.61 -1.86 -2.26
CA PHE A 41 -5.09 -0.57 -1.83
C PHE A 41 -5.78 -0.09 -0.55
N CYS A 42 -7.10 -0.26 -0.51
CA CYS A 42 -7.89 0.15 0.64
C CYS A 42 -7.41 -0.56 1.91
N ALA A 43 -7.65 -1.86 1.98
CA ALA A 43 -7.25 -2.64 3.14
C ALA A 43 -5.93 -2.14 3.72
N LEU A 44 -4.86 -2.26 2.94
CA LEU A 44 -3.54 -1.81 3.37
C LEU A 44 -3.65 -0.53 4.20
N VAL A 45 -4.41 0.43 3.70
CA VAL A 45 -4.60 1.70 4.39
C VAL A 45 -5.45 1.52 5.65
N HIS A 46 -6.68 1.06 5.45
CA HIS A 46 -7.60 0.83 6.57
C HIS A 46 -6.85 0.29 7.78
N ASN A 47 -5.92 -0.63 7.54
CA ASN A 47 -5.14 -1.24 8.61
C ASN A 47 -4.51 -0.16 9.50
N PHE A 48 -3.91 0.84 8.87
CA PHE A 48 -3.27 1.92 9.61
C PHE A 48 -4.31 2.89 10.16
N PHE A 49 -5.15 3.42 9.27
CA PHE A 49 -6.20 4.35 9.67
C PHE A 49 -7.59 3.80 9.34
N PRO A 50 -8.14 3.01 10.27
CA PRO A 50 -9.47 2.40 10.11
C PRO A 50 -10.59 3.43 10.16
N GLU A 51 -10.49 4.35 11.12
CA GLU A 51 -11.50 5.39 11.28
C GLU A 51 -11.50 6.34 10.09
N ALA A 52 -10.31 6.68 9.61
CA ALA A 52 -10.17 7.57 8.46
C ALA A 52 -11.25 7.30 7.42
N PHE A 53 -11.54 6.02 7.20
CA PHE A 53 -12.55 5.62 6.23
C PHE A 53 -13.04 4.21 6.50
N ASP A 54 -14.27 3.91 6.06
CA ASP A 54 -14.85 2.60 6.25
C ASP A 54 -14.44 1.65 5.12
N TYR A 55 -13.92 0.48 5.48
CA TYR A 55 -13.49 -0.50 4.50
C TYR A 55 -14.64 -1.42 4.12
N GLY A 56 -15.55 -1.65 5.06
CA GLY A 56 -16.70 -2.50 4.81
C GLY A 56 -17.79 -1.80 4.05
N GLN A 57 -17.62 -0.51 3.82
CA GLN A 57 -18.60 0.29 3.09
C GLN A 57 -18.34 0.25 1.58
N LEU A 58 -17.07 0.09 1.22
CA LEU A 58 -16.69 0.03 -0.19
C LEU A 58 -17.13 -1.28 -0.82
N SER A 59 -17.07 -1.33 -2.15
CA SER A 59 -17.46 -2.54 -2.88
C SER A 59 -16.38 -2.95 -3.87
N PRO A 60 -16.32 -4.25 -4.16
CA PRO A 60 -15.33 -4.81 -5.10
C PRO A 60 -15.61 -4.41 -6.54
N GLN A 61 -16.87 -4.11 -6.83
CA GLN A 61 -17.27 -3.72 -8.17
C GLN A 61 -16.72 -2.34 -8.53
N ASN A 62 -16.43 -1.55 -7.50
CA ASN A 62 -15.88 -0.21 -7.70
C ASN A 62 -14.38 -0.25 -7.93
N ARG A 63 -13.96 0.07 -9.15
CA ARG A 63 -12.55 0.07 -9.50
C ARG A 63 -11.90 1.41 -9.18
N ARG A 64 -12.66 2.48 -9.35
CA ARG A 64 -12.17 3.83 -9.08
C ARG A 64 -12.19 4.12 -7.58
N GLN A 65 -13.38 4.18 -7.00
CA GLN A 65 -13.52 4.46 -5.58
C GLN A 65 -12.43 3.76 -4.77
N ASN A 66 -12.36 2.44 -4.90
CA ASN A 66 -11.35 1.66 -4.18
C ASN A 66 -9.99 2.34 -4.24
N PHE A 67 -9.62 2.84 -5.41
CA PHE A 67 -8.35 3.52 -5.60
C PHE A 67 -8.37 4.90 -4.96
N GLU A 68 -9.26 5.76 -5.46
CA GLU A 68 -9.39 7.12 -4.95
C GLU A 68 -9.30 7.13 -3.43
N VAL A 69 -10.21 6.40 -2.78
CA VAL A 69 -10.24 6.33 -1.33
C VAL A 69 -8.85 6.07 -0.77
N ALA A 70 -8.31 4.89 -1.04
CA ALA A 70 -6.99 4.52 -0.56
C ALA A 70 -6.05 5.72 -0.56
N PHE A 71 -6.11 6.51 -1.62
CA PHE A 71 -5.26 7.69 -1.75
C PHE A 71 -5.73 8.80 -0.80
N SER A 72 -6.93 9.31 -1.05
CA SER A 72 -7.48 10.37 -0.22
C SER A 72 -7.37 10.03 1.26
N SER A 73 -7.99 8.92 1.64
CA SER A 73 -7.97 8.47 3.03
C SER A 73 -6.61 8.72 3.66
N ALA A 74 -5.56 8.58 2.86
CA ALA A 74 -4.20 8.80 3.33
C ALA A 74 -3.88 10.28 3.44
N GLU A 75 -3.95 10.98 2.31
CA GLU A 75 -3.67 12.42 2.28
C GLU A 75 -4.30 13.12 3.49
N THR A 76 -5.40 12.57 3.97
CA THR A 76 -6.10 13.15 5.12
C THR A 76 -5.12 13.66 6.16
N HIS A 77 -4.41 12.74 6.81
CA HIS A 77 -3.43 13.09 7.83
C HIS A 77 -2.02 12.75 7.37
N ALA A 78 -1.92 11.80 6.45
CA ALA A 78 -0.62 11.37 5.93
C ALA A 78 -0.13 12.32 4.84
N ASP A 79 -1.06 13.08 4.26
CA ASP A 79 -0.72 14.03 3.20
C ASP A 79 0.29 13.43 2.23
N CYS A 80 -0.03 12.24 1.72
CA CYS A 80 0.85 11.56 0.78
C CYS A 80 0.68 12.10 -0.64
N PRO A 81 1.80 12.35 -1.32
CA PRO A 81 1.80 12.88 -2.69
C PRO A 81 1.29 11.86 -3.70
N GLN A 82 -0.02 11.77 -3.85
CA GLN A 82 -0.62 10.82 -4.78
C GLN A 82 0.15 10.79 -6.09
N LEU A 83 0.95 9.75 -6.28
CA LEU A 83 1.74 9.60 -7.49
C LEU A 83 0.96 8.87 -8.58
N LEU A 84 0.58 7.63 -8.29
CA LEU A 84 -0.19 6.83 -9.24
C LEU A 84 -1.40 7.60 -9.76
N ASP A 85 -1.74 7.39 -11.02
CA ASP A 85 -2.88 8.07 -11.63
C ASP A 85 -4.06 7.10 -11.78
N THR A 86 -4.85 7.00 -10.73
CA THR A 86 -6.02 6.11 -10.75
C THR A 86 -6.69 6.11 -12.11
N GLU A 87 -6.91 7.30 -12.66
CA GLU A 87 -7.55 7.43 -13.96
C GLU A 87 -6.95 6.44 -14.97
N ASP A 88 -5.62 6.36 -14.98
CA ASP A 88 -4.93 5.46 -15.88
C ASP A 88 -4.88 4.04 -15.32
N MET A 89 -4.84 3.94 -13.99
CA MET A 89 -4.80 2.65 -13.32
C MET A 89 -6.06 1.84 -13.61
N VAL A 90 -7.15 2.54 -13.90
CA VAL A 90 -8.42 1.89 -14.20
C VAL A 90 -8.39 1.24 -15.58
N ARG A 91 -8.30 2.07 -16.61
CA ARG A 91 -8.26 1.57 -17.99
C ARG A 91 -7.12 0.59 -18.18
N LEU A 92 -5.98 0.89 -17.58
CA LEU A 92 -4.79 0.04 -17.69
C LEU A 92 -5.11 -1.38 -17.21
N ARG A 93 -4.97 -2.34 -18.12
CA ARG A 93 -5.23 -3.73 -17.78
C ARG A 93 -4.72 -4.07 -16.39
N GLU A 94 -3.56 -3.53 -16.04
CA GLU A 94 -2.97 -3.78 -14.74
C GLU A 94 -1.90 -2.74 -14.42
N PRO A 95 -1.75 -2.41 -13.12
CA PRO A 95 -0.77 -1.43 -12.66
C PRO A 95 0.66 -1.94 -12.80
N ASP A 96 1.55 -1.09 -13.31
CA ASP A 96 2.95 -1.45 -13.48
C ASP A 96 3.68 -1.46 -12.13
N TRP A 97 4.45 -2.53 -11.90
CA TRP A 97 5.20 -2.66 -10.66
C TRP A 97 6.11 -1.46 -10.44
N LYS A 98 6.80 -1.03 -11.51
CA LYS A 98 7.70 0.10 -11.44
C LYS A 98 7.05 1.27 -10.71
N CYS A 99 5.80 1.54 -11.06
CA CYS A 99 5.05 2.65 -10.44
C CYS A 99 4.57 2.26 -9.05
N VAL A 100 3.67 1.29 -8.99
CA VAL A 100 3.13 0.84 -7.71
C VAL A 100 4.20 0.82 -6.63
N TYR A 101 5.23 0.00 -6.82
CA TYR A 101 6.31 -0.11 -5.87
C TYR A 101 6.68 1.26 -5.30
N THR A 102 6.71 2.27 -6.18
CA THR A 102 7.05 3.63 -5.77
C THR A 102 6.11 4.12 -4.67
N TYR A 103 4.81 3.95 -4.89
CA TYR A 103 3.81 4.38 -3.92
C TYR A 103 4.07 3.75 -2.55
N ILE A 104 4.24 2.43 -2.54
CA ILE A 104 4.49 1.70 -1.31
C ILE A 104 5.66 2.30 -0.55
N GLN A 105 6.73 2.62 -1.27
CA GLN A 105 7.92 3.21 -0.66
C GLN A 105 7.63 4.61 -0.14
N GLU A 106 7.01 5.44 -0.98
CA GLU A 106 6.67 6.80 -0.60
C GLU A 106 5.82 6.83 0.66
N PHE A 107 4.67 6.17 0.61
CA PHE A 107 3.76 6.11 1.74
C PHE A 107 4.45 5.53 2.97
N TYR A 108 4.99 4.33 2.82
CA TYR A 108 5.69 3.67 3.92
C TYR A 108 6.56 4.65 4.68
N ARG A 109 7.35 5.43 3.95
CA ARG A 109 8.24 6.42 4.55
C ARG A 109 7.45 7.38 5.46
N CYS A 110 6.29 7.81 4.98
CA CYS A 110 5.45 8.72 5.76
C CYS A 110 5.04 8.09 7.09
N LEU A 111 4.69 6.82 7.05
CA LEU A 111 4.28 6.10 8.25
C LEU A 111 5.40 6.08 9.29
N VAL A 112 6.57 5.61 8.87
CA VAL A 112 7.73 5.53 9.75
C VAL A 112 7.91 6.83 10.53
N GLN A 113 7.65 7.95 9.86
CA GLN A 113 7.79 9.27 10.48
C GLN A 113 6.60 9.57 11.38
N LYS A 114 5.42 9.13 10.95
CA LYS A 114 4.20 9.36 11.72
C LYS A 114 4.25 8.61 13.05
N GLY A 115 5.01 7.51 13.08
CA GLY A 115 5.13 6.74 14.29
C GLY A 115 4.16 5.57 14.34
N LEU A 116 3.74 5.11 13.16
CA LEU A 116 2.82 3.99 13.05
C LEU A 116 3.55 2.66 12.96
N VAL A 117 4.60 2.63 12.15
CA VAL A 117 5.40 1.42 11.97
C VAL A 117 6.83 1.63 12.46
N LYS A 118 7.12 1.07 13.64
CA LYS A 118 8.46 1.19 14.22
C LYS A 118 9.46 0.31 13.48
N THR A 119 10.51 0.94 12.96
CA THR A 119 11.55 0.22 12.23
C THR A 119 12.10 -0.93 13.05
N LYS A 120 12.71 -1.91 12.37
CA LYS A 120 13.28 -3.07 13.04
C LYS A 120 14.69 -3.35 12.51
N LYS A 121 15.65 -3.42 13.44
CA LYS A 121 17.04 -3.69 13.07
C LYS A 121 17.14 -4.95 12.22
N SER A 122 18.31 -5.15 11.62
CA SER A 122 18.54 -6.33 10.78
C SER A 122 20.03 -6.56 10.56
N SER A 123 20.41 -7.82 10.36
CA SER A 123 21.81 -8.17 10.15
C SER A 123 22.02 -8.69 8.72
N GLY A 124 22.94 -8.05 8.01
CA GLY A 124 23.23 -8.46 6.65
C GLY A 124 24.05 -7.42 5.90
N PRO A 125 24.87 -7.89 4.94
CA PRO A 125 25.73 -7.02 4.14
C PRO A 125 24.93 -6.16 3.16
N SER A 126 25.41 -4.95 2.90
CA SER A 126 24.74 -4.04 1.98
C SER A 126 25.45 -4.00 0.63
N SER A 127 26.78 -3.88 0.67
CA SER A 127 27.57 -3.82 -0.55
C SER A 127 27.70 -5.20 -1.18
N GLY A 128 27.21 -5.34 -2.41
CA GLY A 128 27.27 -6.61 -3.10
C GLY A 128 28.32 -6.62 -4.19
N GLY A 1 27.87 -11.33 5.96
CA GLY A 1 28.56 -11.09 4.72
C GLY A 1 28.31 -9.70 4.17
N SER A 2 28.91 -9.40 3.02
CA SER A 2 28.75 -8.08 2.41
C SER A 2 28.20 -8.21 0.99
N SER A 3 27.23 -9.11 0.82
CA SER A 3 26.63 -9.34 -0.49
C SER A 3 25.21 -9.89 -0.34
N GLY A 4 24.26 -9.29 -1.05
CA GLY A 4 22.89 -9.73 -0.98
C GLY A 4 21.97 -8.93 -1.90
N SER A 5 21.24 -9.63 -2.75
CA SER A 5 20.32 -8.98 -3.68
C SER A 5 18.87 -9.26 -3.31
N SER A 6 18.59 -9.24 -2.01
CA SER A 6 17.24 -9.51 -1.52
C SER A 6 16.21 -8.68 -2.30
N GLY A 7 16.44 -7.37 -2.38
CA GLY A 7 15.53 -6.51 -3.10
C GLY A 7 14.43 -5.95 -2.21
N ILE A 8 14.29 -4.64 -2.21
CA ILE A 8 13.27 -3.98 -1.40
C ILE A 8 11.86 -4.38 -1.85
N LYS A 9 11.74 -4.82 -3.10
CA LYS A 9 10.46 -5.23 -3.65
C LYS A 9 9.89 -6.41 -2.87
N GLN A 10 10.79 -7.24 -2.32
CA GLN A 10 10.38 -8.41 -1.56
C GLN A 10 9.99 -8.02 -0.14
N MET A 11 10.93 -7.42 0.59
CA MET A 11 10.69 -7.00 1.96
C MET A 11 9.34 -6.30 2.08
N LEU A 12 8.98 -5.54 1.06
CA LEU A 12 7.71 -4.81 1.05
C LEU A 12 6.53 -5.78 1.04
N LEU A 13 6.42 -6.56 -0.03
CA LEU A 13 5.34 -7.53 -0.16
C LEU A 13 5.08 -8.23 1.17
N ASP A 14 6.13 -8.77 1.77
CA ASP A 14 6.01 -9.47 3.05
C ASP A 14 5.35 -8.58 4.09
N TRP A 15 5.76 -7.31 4.12
CA TRP A 15 5.21 -6.34 5.08
C TRP A 15 3.75 -6.05 4.77
N CYS A 16 3.48 -5.63 3.55
CA CYS A 16 2.12 -5.31 3.13
C CYS A 16 1.14 -6.39 3.58
N ARG A 17 1.55 -7.65 3.42
CA ARG A 17 0.71 -8.78 3.81
C ARG A 17 0.44 -8.76 5.31
N ALA A 18 1.50 -8.63 6.10
CA ALA A 18 1.38 -8.60 7.55
C ALA A 18 0.28 -7.62 7.98
N LYS A 19 0.33 -6.41 7.44
CA LYS A 19 -0.66 -5.39 7.78
C LYS A 19 -2.02 -5.72 7.17
N THR A 20 -2.00 -6.17 5.91
CA THR A 20 -3.22 -6.52 5.21
C THR A 20 -3.66 -7.94 5.53
N ARG A 21 -3.39 -8.37 6.77
CA ARG A 21 -3.76 -9.71 7.20
C ARG A 21 -5.23 -9.78 7.58
N GLY A 22 -5.85 -10.93 7.34
CA GLY A 22 -7.25 -11.10 7.67
C GLY A 22 -8.17 -10.62 6.57
N TYR A 23 -7.80 -9.51 5.94
CA TYR A 23 -8.60 -8.94 4.86
C TYR A 23 -9.02 -10.01 3.86
N GLU A 24 -10.32 -10.27 3.78
CA GLU A 24 -10.84 -11.27 2.86
C GLU A 24 -10.77 -10.78 1.42
N HIS A 25 -10.96 -11.70 0.48
CA HIS A 25 -10.91 -11.36 -0.95
C HIS A 25 -9.69 -10.51 -1.26
N VAL A 26 -8.66 -10.64 -0.43
CA VAL A 26 -7.43 -9.88 -0.63
C VAL A 26 -6.20 -10.79 -0.54
N ASP A 27 -5.30 -10.64 -1.49
CA ASP A 27 -4.08 -11.45 -1.53
C ASP A 27 -2.98 -10.74 -2.32
N ILE A 28 -1.98 -10.24 -1.61
CA ILE A 28 -0.86 -9.55 -2.25
C ILE A 28 0.27 -10.52 -2.59
N GLN A 29 0.26 -11.00 -3.83
CA GLN A 29 1.28 -11.93 -4.29
C GLN A 29 2.34 -11.22 -5.13
N ASN A 30 1.88 -10.27 -5.94
CA ASN A 30 2.79 -9.51 -6.80
C ASN A 30 2.25 -8.11 -7.05
N PHE A 31 3.14 -7.19 -7.40
CA PHE A 31 2.76 -5.81 -7.67
C PHE A 31 2.47 -5.60 -9.15
N SER A 32 1.67 -6.51 -9.72
CA SER A 32 1.31 -6.43 -11.14
C SER A 32 -0.20 -6.35 -11.31
N SER A 33 -0.88 -7.44 -11.00
CA SER A 33 -2.33 -7.50 -11.13
C SER A 33 -2.99 -7.93 -9.81
N SER A 34 -2.28 -7.69 -8.71
CA SER A 34 -2.78 -8.07 -7.39
C SER A 34 -3.62 -6.94 -6.80
N TRP A 35 -3.24 -5.70 -7.09
CA TRP A 35 -3.95 -4.54 -6.59
C TRP A 35 -4.98 -4.05 -7.60
N SER A 36 -4.74 -4.35 -8.87
CA SER A 36 -5.64 -3.93 -9.93
C SER A 36 -7.09 -3.97 -9.47
N ASP A 37 -7.39 -4.93 -8.60
CA ASP A 37 -8.74 -5.09 -8.07
C ASP A 37 -9.23 -3.78 -7.44
N GLY A 38 -8.53 -3.32 -6.41
CA GLY A 38 -8.90 -2.10 -5.73
C GLY A 38 -8.84 -2.21 -4.23
N MET A 39 -9.72 -3.02 -3.65
CA MET A 39 -9.77 -3.22 -2.21
C MET A 39 -8.35 -3.34 -1.65
N ALA A 40 -7.49 -4.05 -2.36
CA ALA A 40 -6.10 -4.23 -1.92
C ALA A 40 -5.56 -2.94 -1.30
N PHE A 41 -5.56 -1.86 -2.07
CA PHE A 41 -5.07 -0.58 -1.59
C PHE A 41 -5.82 -0.13 -0.33
N CYS A 42 -7.15 -0.25 -0.37
CA CYS A 42 -7.97 0.14 0.75
C CYS A 42 -7.56 -0.60 2.02
N ALA A 43 -7.70 -1.92 2.00
CA ALA A 43 -7.34 -2.74 3.15
C ALA A 43 -6.01 -2.30 3.75
N LEU A 44 -5.00 -2.15 2.90
CA LEU A 44 -3.68 -1.71 3.35
C LEU A 44 -3.78 -0.43 4.15
N VAL A 45 -4.49 0.55 3.60
CA VAL A 45 -4.65 1.84 4.27
C VAL A 45 -5.48 1.70 5.54
N HIS A 46 -6.72 1.24 5.39
CA HIS A 46 -7.61 1.05 6.54
C HIS A 46 -6.84 0.55 7.75
N ASN A 47 -5.92 -0.38 7.52
CA ASN A 47 -5.11 -0.94 8.60
C ASN A 47 -4.46 0.16 9.43
N PHE A 48 -3.87 1.14 8.76
CA PHE A 48 -3.23 2.26 9.43
C PHE A 48 -4.26 3.22 10.00
N PHE A 49 -5.16 3.69 9.13
CA PHE A 49 -6.20 4.63 9.55
C PHE A 49 -7.58 4.06 9.26
N PRO A 50 -8.11 3.27 10.22
CA PRO A 50 -9.43 2.66 10.08
C PRO A 50 -10.56 3.68 10.16
N GLU A 51 -10.43 4.62 11.08
CA GLU A 51 -11.45 5.66 11.26
C GLU A 51 -11.51 6.56 10.04
N ALA A 52 -10.35 6.87 9.47
CA ALA A 52 -10.28 7.72 8.30
C ALA A 52 -11.40 7.40 7.31
N PHE A 53 -11.65 6.11 7.10
CA PHE A 53 -12.70 5.68 6.18
C PHE A 53 -13.18 4.28 6.53
N ASP A 54 -14.40 3.95 6.11
CA ASP A 54 -14.97 2.64 6.38
C ASP A 54 -14.57 1.63 5.31
N TYR A 55 -14.38 0.38 5.72
CA TYR A 55 -13.99 -0.67 4.79
C TYR A 55 -15.22 -1.38 4.22
N GLY A 56 -15.96 -2.04 5.09
CA GLY A 56 -17.15 -2.75 4.66
C GLY A 56 -18.11 -1.88 3.89
N GLN A 57 -17.96 -0.56 4.05
CA GLN A 57 -18.82 0.40 3.36
C GLN A 57 -18.53 0.41 1.87
N LEU A 58 -17.27 0.21 1.51
CA LEU A 58 -16.87 0.20 0.11
C LEU A 58 -17.25 -1.12 -0.56
N SER A 59 -17.16 -1.15 -1.89
CA SER A 59 -17.51 -2.35 -2.65
C SER A 59 -16.41 -2.69 -3.64
N PRO A 60 -16.33 -3.99 -4.01
CA PRO A 60 -15.32 -4.47 -4.96
C PRO A 60 -15.59 -3.99 -6.38
N GLN A 61 -16.85 -4.00 -6.79
CA GLN A 61 -17.24 -3.56 -8.12
C GLN A 61 -16.68 -2.16 -8.40
N ASN A 62 -16.42 -1.41 -7.35
CA ASN A 62 -15.89 -0.05 -7.49
C ASN A 62 -14.39 -0.08 -7.76
N ARG A 63 -14.01 0.11 -9.02
CA ARG A 63 -12.61 0.11 -9.41
C ARG A 63 -11.94 1.44 -9.05
N ARG A 64 -12.73 2.52 -9.07
CA ARG A 64 -12.21 3.84 -8.75
C ARG A 64 -12.20 4.07 -7.24
N GLN A 65 -13.39 4.16 -6.65
CA GLN A 65 -13.51 4.37 -5.22
C GLN A 65 -12.40 3.66 -4.46
N ASN A 66 -12.26 2.37 -4.69
CA ASN A 66 -11.22 1.57 -4.03
C ASN A 66 -9.87 2.26 -4.12
N PHE A 67 -9.51 2.69 -5.32
CA PHE A 67 -8.24 3.37 -5.56
C PHE A 67 -8.24 4.75 -4.90
N GLU A 68 -9.23 5.57 -5.24
CA GLU A 68 -9.34 6.91 -4.69
C GLU A 68 -9.27 6.89 -3.17
N VAL A 69 -10.32 6.37 -2.55
CA VAL A 69 -10.38 6.28 -1.09
C VAL A 69 -9.01 5.96 -0.50
N ALA A 70 -8.43 4.85 -0.94
CA ALA A 70 -7.11 4.43 -0.46
C ALA A 70 -6.13 5.60 -0.48
N PHE A 71 -6.04 6.26 -1.62
CA PHE A 71 -5.13 7.40 -1.77
C PHE A 71 -5.61 8.60 -0.95
N SER A 72 -6.77 9.14 -1.34
CA SER A 72 -7.33 10.29 -0.65
C SER A 72 -7.25 10.11 0.87
N SER A 73 -7.92 9.07 1.37
CA SER A 73 -7.92 8.80 2.80
C SER A 73 -6.53 9.00 3.40
N ALA A 74 -5.50 8.65 2.63
CA ALA A 74 -4.13 8.80 3.08
C ALA A 74 -3.71 10.27 3.09
N GLU A 75 -3.91 10.94 1.96
CA GLU A 75 -3.54 12.34 1.84
C GLU A 75 -4.21 13.17 2.93
N THR A 76 -5.20 12.59 3.60
CA THR A 76 -5.93 13.28 4.66
C THR A 76 -4.98 13.74 5.75
N HIS A 77 -4.42 12.79 6.50
CA HIS A 77 -3.49 13.11 7.57
C HIS A 77 -2.08 12.65 7.22
N ALA A 78 -1.96 11.87 6.16
CA ALA A 78 -0.66 11.38 5.72
C ALA A 78 -0.04 12.30 4.67
N ASP A 79 -0.89 13.10 4.02
CA ASP A 79 -0.42 14.03 3.00
C ASP A 79 0.60 13.36 2.08
N CYS A 80 0.26 12.17 1.58
CA CYS A 80 1.15 11.44 0.69
C CYS A 80 1.14 12.04 -0.71
N PRO A 81 2.33 12.13 -1.32
CA PRO A 81 2.49 12.67 -2.67
C PRO A 81 1.90 11.77 -3.74
N GLN A 82 0.61 11.93 -4.00
CA GLN A 82 -0.07 11.12 -5.01
C GLN A 82 0.80 10.94 -6.24
N LEU A 83 1.35 9.74 -6.40
CA LEU A 83 2.20 9.44 -7.54
C LEU A 83 1.41 8.76 -8.65
N LEU A 84 0.87 7.58 -8.35
CA LEU A 84 0.08 6.83 -9.32
C LEU A 84 -1.07 7.67 -9.86
N ASP A 85 -1.54 7.33 -11.06
CA ASP A 85 -2.63 8.05 -11.69
C ASP A 85 -3.86 7.16 -11.82
N THR A 86 -4.64 7.06 -10.74
CA THR A 86 -5.85 6.25 -10.73
C THR A 86 -6.52 6.26 -12.09
N GLU A 87 -6.81 7.46 -12.61
CA GLU A 87 -7.46 7.59 -13.90
C GLU A 87 -6.84 6.66 -14.93
N ASP A 88 -5.51 6.63 -14.97
CA ASP A 88 -4.79 5.77 -15.91
C ASP A 88 -4.78 4.32 -15.41
N MET A 89 -4.83 4.15 -14.09
CA MET A 89 -4.81 2.82 -13.50
C MET A 89 -6.09 2.06 -13.84
N VAL A 90 -7.21 2.76 -13.84
CA VAL A 90 -8.51 2.16 -14.16
C VAL A 90 -8.49 1.52 -15.54
N ARG A 91 -8.34 2.35 -16.56
CA ARG A 91 -8.30 1.86 -17.94
C ARG A 91 -7.21 0.82 -18.12
N LEU A 92 -6.02 1.10 -17.58
CA LEU A 92 -4.90 0.19 -17.69
C LEU A 92 -5.24 -1.17 -17.09
N ARG A 93 -5.22 -2.20 -17.93
CA ARG A 93 -5.54 -3.56 -17.48
C ARG A 93 -4.88 -3.84 -16.13
N GLU A 94 -3.67 -3.34 -15.94
CA GLU A 94 -2.94 -3.55 -14.69
C GLU A 94 -1.92 -2.44 -14.47
N PRO A 95 -1.75 -2.05 -13.20
CA PRO A 95 -0.80 -1.00 -12.81
C PRO A 95 0.65 -1.42 -12.99
N ASP A 96 1.48 -0.49 -13.45
CA ASP A 96 2.90 -0.77 -13.66
C ASP A 96 3.61 -1.00 -12.34
N TRP A 97 4.12 -2.21 -12.14
CA TRP A 97 4.83 -2.56 -10.91
C TRP A 97 5.81 -1.47 -10.53
N LYS A 98 6.59 -1.00 -11.50
CA LYS A 98 7.57 0.04 -11.26
C LYS A 98 6.97 1.18 -10.44
N CYS A 99 5.77 1.60 -10.82
CA CYS A 99 5.09 2.69 -10.12
C CYS A 99 4.55 2.21 -8.77
N VAL A 100 3.65 1.23 -8.81
CA VAL A 100 3.07 0.68 -7.59
C VAL A 100 4.13 0.52 -6.50
N TYR A 101 5.17 -0.23 -6.81
CA TYR A 101 6.25 -0.48 -5.85
C TYR A 101 6.71 0.83 -5.22
N THR A 102 6.83 1.86 -6.04
CA THR A 102 7.26 3.17 -5.56
C THR A 102 6.33 3.71 -4.48
N TYR A 103 5.07 3.88 -4.84
CA TYR A 103 4.07 4.39 -3.90
C TYR A 103 4.20 3.70 -2.54
N ILE A 104 4.17 2.37 -2.56
CA ILE A 104 4.28 1.59 -1.33
C ILE A 104 5.49 2.03 -0.51
N GLN A 105 6.59 2.31 -1.21
CA GLN A 105 7.82 2.74 -0.54
C GLN A 105 7.67 4.15 0.00
N GLU A 106 7.21 5.06 -0.84
CA GLU A 106 7.02 6.45 -0.44
C GLU A 106 6.10 6.55 0.77
N PHE A 107 4.91 5.99 0.65
CA PHE A 107 3.94 6.02 1.74
C PHE A 107 4.53 5.43 3.02
N TYR A 108 5.06 4.21 2.91
CA TYR A 108 5.66 3.54 4.05
C TYR A 108 6.52 4.50 4.87
N ARG A 109 7.36 5.25 4.17
CA ARG A 109 8.25 6.21 4.82
C ARG A 109 7.45 7.17 5.69
N CYS A 110 6.30 7.61 5.19
CA CYS A 110 5.45 8.54 5.92
C CYS A 110 5.01 7.93 7.26
N LEU A 111 4.41 6.76 7.20
CA LEU A 111 3.94 6.08 8.41
C LEU A 111 4.97 6.18 9.52
N VAL A 112 6.22 5.88 9.20
CA VAL A 112 7.30 5.95 10.17
C VAL A 112 7.35 7.31 10.86
N GLN A 113 7.11 8.36 10.09
CA GLN A 113 7.13 9.72 10.62
C GLN A 113 5.99 9.92 11.62
N LYS A 114 4.77 9.60 11.19
CA LYS A 114 3.60 9.74 12.04
C LYS A 114 3.73 8.88 13.30
N GLY A 115 4.45 7.77 13.17
CA GLY A 115 4.64 6.89 14.30
C GLY A 115 3.72 5.69 14.25
N LEU A 116 3.47 5.18 13.05
CA LEU A 116 2.61 4.03 12.87
C LEU A 116 3.42 2.73 12.79
N VAL A 117 4.50 2.76 12.02
CA VAL A 117 5.36 1.60 11.86
C VAL A 117 6.65 1.76 12.66
N LYS A 118 7.05 0.69 13.34
CA LYS A 118 8.27 0.72 14.15
C LYS A 118 9.35 -0.17 13.52
N THR A 119 10.06 0.37 12.55
CA THR A 119 11.12 -0.36 11.87
C THR A 119 12.50 0.10 12.33
N LYS A 120 13.32 -0.84 12.77
CA LYS A 120 14.67 -0.52 13.23
C LYS A 120 15.64 -0.42 12.06
N LYS A 121 16.75 0.27 12.28
CA LYS A 121 17.77 0.44 11.25
C LYS A 121 19.01 -0.39 11.55
N SER A 122 19.34 -1.30 10.64
CA SER A 122 20.50 -2.16 10.81
C SER A 122 21.64 -1.41 11.48
N SER A 123 21.95 -0.23 10.96
CA SER A 123 23.02 0.60 11.52
C SER A 123 22.46 1.70 12.40
N GLY A 124 23.13 1.94 13.53
CA GLY A 124 22.67 2.98 14.44
C GLY A 124 22.82 4.36 13.86
N PRO A 125 21.95 5.29 14.32
CA PRO A 125 21.96 6.67 13.85
C PRO A 125 23.18 7.45 14.33
N SER A 126 23.52 8.52 13.63
CA SER A 126 24.67 9.34 13.98
C SER A 126 24.34 10.83 13.88
N SER A 127 24.33 11.51 15.02
CA SER A 127 24.02 12.93 15.06
C SER A 127 24.30 13.51 16.44
N GLY A 128 24.83 14.73 16.47
CA GLY A 128 25.14 15.38 17.73
C GLY A 128 26.25 16.41 17.60
N GLY A 1 9.85 -20.15 9.64
CA GLY A 1 10.95 -19.36 9.12
C GLY A 1 11.33 -19.75 7.70
N SER A 2 12.58 -20.17 7.53
CA SER A 2 13.06 -20.57 6.21
C SER A 2 12.94 -19.42 5.22
N SER A 3 13.32 -18.22 5.64
CA SER A 3 13.25 -17.04 4.79
C SER A 3 14.60 -16.32 4.75
N GLY A 4 14.75 -15.43 3.79
CA GLY A 4 15.99 -14.68 3.65
C GLY A 4 15.86 -13.50 2.72
N SER A 5 15.10 -12.48 3.15
CA SER A 5 14.89 -11.28 2.34
C SER A 5 16.22 -10.72 1.86
N SER A 6 16.45 -10.79 0.55
CA SER A 6 17.69 -10.29 -0.05
C SER A 6 17.54 -8.82 -0.45
N GLY A 7 16.47 -8.53 -1.19
CA GLY A 7 16.23 -7.16 -1.63
C GLY A 7 15.10 -6.50 -0.86
N ILE A 8 14.74 -5.29 -1.28
CA ILE A 8 13.66 -4.55 -0.63
C ILE A 8 12.31 -4.89 -1.26
N LYS A 9 12.35 -5.40 -2.48
CA LYS A 9 11.13 -5.78 -3.20
C LYS A 9 10.37 -6.86 -2.44
N GLN A 10 11.10 -7.67 -1.68
CA GLN A 10 10.49 -8.74 -0.91
C GLN A 10 9.94 -8.22 0.41
N MET A 11 10.82 -7.65 1.23
CA MET A 11 10.41 -7.11 2.53
C MET A 11 9.10 -6.34 2.40
N LEU A 12 8.94 -5.64 1.29
CA LEU A 12 7.72 -4.86 1.05
C LEU A 12 6.51 -5.77 0.89
N LEU A 13 6.68 -6.85 0.13
CA LEU A 13 5.59 -7.79 -0.11
C LEU A 13 5.28 -8.58 1.16
N ASP A 14 6.31 -8.81 1.98
CA ASP A 14 6.14 -9.55 3.23
C ASP A 14 5.54 -8.66 4.31
N TRP A 15 5.75 -7.36 4.18
CA TRP A 15 5.22 -6.40 5.16
C TRP A 15 3.75 -6.13 4.91
N CYS A 16 3.41 -5.75 3.68
CA CYS A 16 2.03 -5.46 3.31
C CYS A 16 1.09 -6.55 3.81
N ARG A 17 1.46 -7.80 3.53
CA ARG A 17 0.65 -8.94 3.94
C ARG A 17 0.26 -8.83 5.41
N ALA A 18 1.25 -8.59 6.26
CA ALA A 18 1.01 -8.46 7.70
C ALA A 18 -0.01 -7.36 7.98
N LYS A 19 0.14 -6.23 7.30
CA LYS A 19 -0.77 -5.10 7.47
C LYS A 19 -2.09 -5.35 6.76
N THR A 20 -2.16 -6.45 6.01
CA THR A 20 -3.37 -6.81 5.28
C THR A 20 -3.71 -8.28 5.46
N ARG A 21 -3.37 -8.82 6.63
CA ARG A 21 -3.63 -10.23 6.92
C ARG A 21 -4.89 -10.38 7.76
N GLY A 22 -5.61 -9.27 7.94
CA GLY A 22 -6.83 -9.31 8.73
C GLY A 22 -8.05 -8.89 7.92
N TYR A 23 -7.94 -8.98 6.60
CA TYR A 23 -9.03 -8.61 5.72
C TYR A 23 -9.60 -9.83 5.00
N GLU A 24 -10.66 -9.63 4.24
CA GLU A 24 -11.30 -10.71 3.50
C GLU A 24 -11.27 -10.43 1.99
N HIS A 25 -11.27 -11.50 1.21
CA HIS A 25 -11.24 -11.37 -0.25
C HIS A 25 -10.05 -10.54 -0.69
N VAL A 26 -8.91 -10.73 -0.03
CA VAL A 26 -7.70 -9.99 -0.37
C VAL A 26 -6.47 -10.89 -0.32
N ASP A 27 -5.62 -10.77 -1.33
CA ASP A 27 -4.40 -11.57 -1.40
C ASP A 27 -3.28 -10.81 -2.11
N ILE A 28 -2.20 -10.55 -1.38
CA ILE A 28 -1.07 -9.82 -1.93
C ILE A 28 0.03 -10.79 -2.37
N GLN A 29 0.08 -11.07 -3.67
CA GLN A 29 1.08 -11.98 -4.22
C GLN A 29 2.12 -11.21 -5.03
N ASN A 30 1.69 -10.09 -5.63
CA ASN A 30 2.58 -9.27 -6.43
C ASN A 30 2.02 -7.87 -6.61
N PHE A 31 2.82 -6.98 -7.20
CA PHE A 31 2.39 -5.61 -7.43
C PHE A 31 1.98 -5.39 -8.88
N SER A 32 1.27 -6.36 -9.44
CA SER A 32 0.81 -6.28 -10.82
C SER A 32 -0.70 -6.09 -10.88
N SER A 33 -1.44 -7.14 -10.53
CA SER A 33 -2.90 -7.08 -10.55
C SER A 33 -3.47 -7.08 -9.14
N SER A 34 -2.81 -7.81 -8.25
CA SER A 34 -3.24 -7.90 -6.86
C SER A 34 -3.84 -6.57 -6.39
N TRP A 35 -3.31 -5.47 -6.92
CA TRP A 35 -3.80 -4.14 -6.57
C TRP A 35 -4.77 -3.61 -7.60
N SER A 36 -4.53 -3.98 -8.86
CA SER A 36 -5.39 -3.54 -9.96
C SER A 36 -6.87 -3.59 -9.55
N ASP A 37 -7.21 -4.58 -8.72
CA ASP A 37 -8.58 -4.74 -8.26
C ASP A 37 -9.07 -3.48 -7.54
N GLY A 38 -8.42 -3.16 -6.42
CA GLY A 38 -8.80 -1.99 -5.66
C GLY A 38 -8.75 -2.23 -4.16
N MET A 39 -9.68 -3.02 -3.65
CA MET A 39 -9.74 -3.32 -2.23
C MET A 39 -8.34 -3.43 -1.64
N ALA A 40 -7.43 -4.06 -2.38
CA ALA A 40 -6.05 -4.22 -1.94
C ALA A 40 -5.53 -2.95 -1.29
N PHE A 41 -5.33 -1.92 -2.11
CA PHE A 41 -4.82 -0.64 -1.62
C PHE A 41 -5.60 -0.18 -0.40
N CYS A 42 -6.93 -0.22 -0.50
CA CYS A 42 -7.80 0.20 0.60
C CYS A 42 -7.40 -0.49 1.89
N ALA A 43 -7.60 -1.81 1.95
CA ALA A 43 -7.25 -2.58 3.13
C ALA A 43 -5.93 -2.12 3.73
N LEU A 44 -4.88 -2.13 2.92
CA LEU A 44 -3.56 -1.71 3.36
C LEU A 44 -3.64 -0.41 4.16
N VAL A 45 -4.43 0.53 3.67
CA VAL A 45 -4.60 1.82 4.33
C VAL A 45 -5.45 1.68 5.59
N HIS A 46 -6.69 1.24 5.41
CA HIS A 46 -7.61 1.06 6.53
C HIS A 46 -6.88 0.51 7.75
N ASN A 47 -5.94 -0.40 7.51
CA ASN A 47 -5.18 -1.01 8.58
C ASN A 47 -4.54 0.06 9.47
N PHE A 48 -3.90 1.04 8.84
CA PHE A 48 -3.25 2.12 9.57
C PHE A 48 -4.29 3.07 10.16
N PHE A 49 -5.23 3.51 9.33
CA PHE A 49 -6.27 4.42 9.77
C PHE A 49 -7.65 3.90 9.37
N PRO A 50 -8.23 3.05 10.24
CA PRO A 50 -9.55 2.46 9.99
C PRO A 50 -10.67 3.49 10.10
N GLU A 51 -10.51 4.44 11.03
CA GLU A 51 -11.51 5.48 11.24
C GLU A 51 -11.57 6.42 10.03
N ALA A 52 -10.40 6.78 9.52
CA ALA A 52 -10.32 7.68 8.37
C ALA A 52 -11.38 7.34 7.34
N PHE A 53 -11.54 6.05 7.05
CA PHE A 53 -12.52 5.60 6.07
C PHE A 53 -12.98 4.18 6.39
N ASP A 54 -14.17 3.82 5.89
CA ASP A 54 -14.71 2.49 6.11
C ASP A 54 -14.25 1.52 5.04
N TYR A 55 -14.13 0.25 5.41
CA TYR A 55 -13.69 -0.78 4.47
C TYR A 55 -14.88 -1.55 3.90
N GLY A 56 -15.55 -2.31 4.75
CA GLY A 56 -16.70 -3.09 4.32
C GLY A 56 -17.72 -2.23 3.58
N GLN A 57 -17.69 -0.93 3.82
CA GLN A 57 -18.61 -0.01 3.18
C GLN A 57 -18.38 0.05 1.68
N LEU A 58 -17.12 -0.08 1.28
CA LEU A 58 -16.76 -0.03 -0.13
C LEU A 58 -17.18 -1.32 -0.84
N SER A 59 -17.14 -1.29 -2.17
CA SER A 59 -17.53 -2.45 -2.96
C SER A 59 -16.43 -2.83 -3.94
N PRO A 60 -16.38 -4.13 -4.31
CA PRO A 60 -15.39 -4.64 -5.25
C PRO A 60 -15.60 -4.14 -6.67
N GLN A 61 -16.85 -3.86 -7.01
CA GLN A 61 -17.19 -3.37 -8.34
C GLN A 61 -16.77 -1.91 -8.50
N ASN A 62 -16.28 -1.32 -7.43
CA ASN A 62 -15.84 0.08 -7.46
C ASN A 62 -14.33 0.17 -7.71
N ARG A 63 -13.88 -0.51 -8.76
CA ARG A 63 -12.46 -0.50 -9.11
C ARG A 63 -11.88 0.91 -9.03
N ARG A 64 -12.73 1.90 -9.31
CA ARG A 64 -12.30 3.30 -9.26
C ARG A 64 -12.25 3.80 -7.82
N GLN A 65 -13.41 3.88 -7.19
CA GLN A 65 -13.50 4.36 -5.81
C GLN A 65 -12.40 3.74 -4.95
N ASN A 66 -12.32 2.41 -4.97
CA ASN A 66 -11.31 1.69 -4.19
C ASN A 66 -9.97 2.42 -4.24
N PHE A 67 -9.55 2.79 -5.45
CA PHE A 67 -8.28 3.49 -5.63
C PHE A 67 -8.35 4.89 -5.05
N GLU A 68 -9.31 5.68 -5.53
CA GLU A 68 -9.47 7.05 -5.06
C GLU A 68 -9.47 7.10 -3.53
N VAL A 69 -10.49 6.49 -2.93
CA VAL A 69 -10.60 6.47 -1.48
C VAL A 69 -9.29 6.08 -0.82
N ALA A 70 -8.59 5.13 -1.42
CA ALA A 70 -7.31 4.66 -0.90
C ALA A 70 -6.27 5.78 -0.93
N PHE A 71 -6.37 6.64 -1.92
CA PHE A 71 -5.44 7.76 -2.06
C PHE A 71 -5.82 8.91 -1.14
N SER A 72 -7.12 9.23 -1.11
CA SER A 72 -7.61 10.32 -0.27
C SER A 72 -7.44 9.98 1.20
N SER A 73 -7.89 8.79 1.60
CA SER A 73 -7.79 8.35 2.98
C SER A 73 -6.38 8.55 3.51
N ALA A 74 -5.40 8.54 2.61
CA ALA A 74 -4.00 8.71 2.98
C ALA A 74 -3.65 10.19 3.08
N GLU A 75 -3.96 10.94 2.03
CA GLU A 75 -3.66 12.37 2.01
C GLU A 75 -4.35 13.09 3.17
N THR A 76 -5.34 12.43 3.77
CA THR A 76 -6.08 13.00 4.89
C THR A 76 -5.13 13.44 6.00
N HIS A 77 -4.48 12.48 6.63
CA HIS A 77 -3.54 12.77 7.72
C HIS A 77 -2.12 12.35 7.34
N ALA A 78 -2.01 11.61 6.24
CA ALA A 78 -0.71 11.15 5.77
C ALA A 78 -0.16 12.08 4.69
N ASP A 79 -1.00 13.00 4.23
CA ASP A 79 -0.60 13.95 3.20
C ASP A 79 0.34 13.30 2.19
N CYS A 80 -0.02 12.10 1.75
CA CYS A 80 0.80 11.37 0.79
C CYS A 80 0.56 11.89 -0.63
N PRO A 81 1.66 12.01 -1.40
CA PRO A 81 1.59 12.49 -2.78
C PRO A 81 0.93 11.50 -3.72
N GLN A 82 -0.01 11.98 -4.53
CA GLN A 82 -0.71 11.13 -5.48
C GLN A 82 0.08 10.97 -6.78
N LEU A 83 1.05 10.07 -6.76
CA LEU A 83 1.89 9.83 -7.93
C LEU A 83 1.09 9.14 -9.02
N LEU A 84 0.60 7.94 -8.74
CA LEU A 84 -0.19 7.19 -9.70
C LEU A 84 -1.42 7.97 -10.15
N ASP A 85 -1.75 7.87 -11.43
CA ASP A 85 -2.92 8.57 -11.97
C ASP A 85 -4.12 7.63 -12.08
N THR A 86 -4.91 7.58 -11.02
CA THR A 86 -6.09 6.72 -10.99
C THR A 86 -6.73 6.63 -12.37
N GLU A 87 -7.14 7.77 -12.91
CA GLU A 87 -7.77 7.82 -14.23
C GLU A 87 -7.08 6.87 -15.19
N ASP A 88 -5.75 6.93 -15.23
CA ASP A 88 -4.98 6.07 -16.11
C ASP A 88 -4.91 4.64 -15.56
N MET A 89 -5.02 4.51 -14.25
CA MET A 89 -4.97 3.21 -13.60
C MET A 89 -6.20 2.38 -13.95
N VAL A 90 -7.37 2.98 -13.84
CA VAL A 90 -8.62 2.29 -14.15
C VAL A 90 -8.55 1.63 -15.53
N ARG A 91 -8.48 2.45 -16.57
CA ARG A 91 -8.41 1.95 -17.94
C ARG A 91 -7.27 0.95 -18.09
N LEU A 92 -6.13 1.26 -17.48
CA LEU A 92 -4.97 0.38 -17.55
C LEU A 92 -5.30 -1.00 -17.01
N ARG A 93 -5.06 -2.03 -17.83
CA ARG A 93 -5.34 -3.40 -17.43
C ARG A 93 -4.73 -3.71 -16.06
N GLU A 94 -3.57 -3.12 -15.79
CA GLU A 94 -2.90 -3.32 -14.51
C GLU A 94 -1.79 -2.29 -14.31
N PRO A 95 -1.64 -1.83 -13.07
CA PRO A 95 -0.63 -0.83 -12.71
C PRO A 95 0.78 -1.40 -12.77
N ASP A 96 1.64 -0.75 -13.55
CA ASP A 96 3.03 -1.19 -13.70
C ASP A 96 3.71 -1.29 -12.34
N TRP A 97 4.34 -2.43 -12.09
CA TRP A 97 5.03 -2.65 -10.83
C TRP A 97 5.99 -1.51 -10.52
N LYS A 98 6.78 -1.13 -11.51
CA LYS A 98 7.74 -0.05 -11.35
C LYS A 98 7.10 1.16 -10.66
N CYS A 99 5.88 1.49 -11.07
CA CYS A 99 5.16 2.61 -10.49
C CYS A 99 4.67 2.28 -9.09
N VAL A 100 3.78 1.29 -9.00
CA VAL A 100 3.24 0.88 -7.70
C VAL A 100 4.33 0.82 -6.64
N TYR A 101 5.32 -0.03 -6.86
CA TYR A 101 6.42 -0.18 -5.91
C TYR A 101 6.83 1.17 -5.34
N THR A 102 6.84 2.19 -6.19
CA THR A 102 7.21 3.54 -5.76
C THR A 102 6.30 4.04 -4.64
N TYR A 103 5.01 4.12 -4.93
CA TYR A 103 4.04 4.58 -3.95
C TYR A 103 4.26 3.90 -2.60
N ILE A 104 4.20 2.57 -2.61
CA ILE A 104 4.40 1.79 -1.39
C ILE A 104 5.57 2.32 -0.58
N GLN A 105 6.72 2.45 -1.23
CA GLN A 105 7.93 2.95 -0.58
C GLN A 105 7.71 4.36 -0.04
N GLU A 106 7.09 5.21 -0.85
CA GLU A 106 6.82 6.59 -0.46
C GLU A 106 5.96 6.64 0.80
N PHE A 107 4.80 5.99 0.75
CA PHE A 107 3.89 5.96 1.90
C PHE A 107 4.59 5.41 3.14
N TYR A 108 5.37 4.34 2.94
CA TYR A 108 6.09 3.71 4.04
C TYR A 108 6.87 4.75 4.84
N ARG A 109 7.60 5.60 4.13
CA ARG A 109 8.40 6.64 4.76
C ARG A 109 7.53 7.57 5.61
N CYS A 110 6.31 7.81 5.14
CA CYS A 110 5.38 8.68 5.85
C CYS A 110 4.97 8.05 7.18
N LEU A 111 4.67 6.76 7.16
CA LEU A 111 4.28 6.04 8.37
C LEU A 111 5.36 6.13 9.44
N VAL A 112 6.57 5.70 9.08
CA VAL A 112 7.69 5.73 10.01
C VAL A 112 7.76 7.06 10.76
N GLN A 113 7.62 8.15 10.02
CA GLN A 113 7.66 9.48 10.62
C GLN A 113 6.57 9.65 11.67
N LYS A 114 5.33 9.37 11.27
CA LYS A 114 4.19 9.48 12.18
C LYS A 114 4.39 8.58 13.40
N GLY A 115 5.20 7.55 13.24
CA GLY A 115 5.46 6.62 14.34
C GLY A 115 4.58 5.40 14.28
N LEU A 116 4.04 5.11 13.10
CA LEU A 116 3.17 3.96 12.90
C LEU A 116 4.00 2.69 12.73
N VAL A 117 5.00 2.75 11.86
CA VAL A 117 5.86 1.60 11.61
C VAL A 117 7.25 1.81 12.22
N LYS A 118 7.78 0.78 12.85
CA LYS A 118 9.10 0.85 13.47
C LYS A 118 10.14 1.33 12.46
N THR A 119 11.21 1.93 12.97
CA THR A 119 12.28 2.45 12.12
C THR A 119 12.90 1.32 11.29
N LYS A 120 13.30 1.65 10.07
CA LYS A 120 13.91 0.68 9.18
C LYS A 120 14.78 -0.31 9.95
N LYS A 121 14.44 -1.59 9.86
CA LYS A 121 15.20 -2.63 10.55
C LYS A 121 16.54 -2.87 9.87
N SER A 122 17.51 -3.37 10.64
CA SER A 122 18.83 -3.65 10.10
C SER A 122 18.88 -5.03 9.46
N SER A 123 19.92 -5.29 8.69
CA SER A 123 20.09 -6.57 8.01
C SER A 123 21.08 -7.45 8.76
N GLY A 124 20.94 -8.76 8.61
CA GLY A 124 21.83 -9.70 9.27
C GLY A 124 21.11 -10.59 10.26
N PRO A 125 21.87 -11.30 11.10
CA PRO A 125 21.32 -12.21 12.11
C PRO A 125 20.63 -11.46 13.23
N SER A 126 19.35 -11.13 13.04
CA SER A 126 18.59 -10.42 14.05
C SER A 126 17.95 -11.38 15.04
N SER A 127 18.46 -11.37 16.27
CA SER A 127 17.94 -12.25 17.31
C SER A 127 16.42 -12.31 17.26
N GLY A 128 15.90 -13.44 16.75
CA GLY A 128 14.46 -13.60 16.66
C GLY A 128 14.06 -15.06 16.53
N GLY A 1 21.02 -24.21 0.88
CA GLY A 1 21.42 -23.11 0.03
C GLY A 1 22.18 -22.04 0.79
N SER A 2 22.40 -20.90 0.15
CA SER A 2 23.14 -19.79 0.76
C SER A 2 22.18 -18.82 1.44
N SER A 3 22.64 -18.21 2.53
CA SER A 3 21.82 -17.26 3.26
C SER A 3 22.14 -15.82 2.85
N GLY A 4 21.45 -15.36 1.81
CA GLY A 4 21.68 -14.01 1.33
C GLY A 4 20.45 -13.13 1.47
N SER A 5 20.01 -12.91 2.71
CA SER A 5 18.84 -12.09 2.98
C SER A 5 19.06 -10.66 2.53
N SER A 6 18.47 -10.30 1.40
CA SER A 6 18.61 -8.95 0.86
C SER A 6 17.54 -8.67 -0.20
N GLY A 7 17.16 -7.40 -0.33
CA GLY A 7 16.14 -7.04 -1.30
C GLY A 7 15.00 -6.27 -0.68
N ILE A 8 14.62 -5.16 -1.31
CA ILE A 8 13.53 -4.34 -0.81
C ILE A 8 12.20 -4.74 -1.44
N LYS A 9 12.25 -5.19 -2.69
CA LYS A 9 11.06 -5.61 -3.41
C LYS A 9 10.38 -6.77 -2.69
N GLN A 10 11.17 -7.56 -1.97
CA GLN A 10 10.64 -8.71 -1.24
C GLN A 10 10.11 -8.28 0.13
N MET A 11 10.98 -7.64 0.92
CA MET A 11 10.59 -7.19 2.25
C MET A 11 9.25 -6.47 2.21
N LEU A 12 9.04 -5.69 1.15
CA LEU A 12 7.81 -4.94 0.99
C LEU A 12 6.61 -5.88 0.82
N LEU A 13 6.75 -6.84 -0.08
CA LEU A 13 5.69 -7.81 -0.35
C LEU A 13 5.29 -8.53 0.93
N ASP A 14 6.28 -8.89 1.74
CA ASP A 14 6.03 -9.59 3.00
C ASP A 14 5.39 -8.65 4.02
N TRP A 15 5.76 -7.38 3.98
CA TRP A 15 5.22 -6.38 4.90
C TRP A 15 3.76 -6.09 4.59
N CYS A 16 3.48 -5.83 3.31
CA CYS A 16 2.12 -5.53 2.89
C CYS A 16 1.13 -6.52 3.49
N ARG A 17 1.42 -7.81 3.35
CA ARG A 17 0.55 -8.85 3.88
C ARG A 17 0.34 -8.66 5.39
N ALA A 18 1.43 -8.70 6.14
CA ALA A 18 1.36 -8.54 7.58
C ALA A 18 0.30 -7.51 7.97
N LYS A 19 0.41 -6.31 7.43
CA LYS A 19 -0.54 -5.24 7.72
C LYS A 19 -1.90 -5.54 7.10
N THR A 20 -1.88 -6.10 5.89
CA THR A 20 -3.12 -6.44 5.19
C THR A 20 -3.55 -7.87 5.51
N ARG A 21 -3.34 -8.28 6.75
CA ARG A 21 -3.70 -9.62 7.19
C ARG A 21 -5.18 -9.69 7.55
N GLY A 22 -5.79 -10.86 7.37
CA GLY A 22 -7.19 -11.03 7.67
C GLY A 22 -8.10 -10.58 6.54
N TYR A 23 -7.85 -9.37 6.05
CA TYR A 23 -8.65 -8.83 4.96
C TYR A 23 -9.08 -9.92 3.98
N GLU A 24 -10.39 -10.07 3.81
CA GLU A 24 -10.93 -11.08 2.91
C GLU A 24 -10.86 -10.60 1.47
N HIS A 25 -10.77 -11.56 0.53
CA HIS A 25 -10.69 -11.23 -0.89
C HIS A 25 -9.47 -10.39 -1.20
N VAL A 26 -8.43 -10.56 -0.38
CA VAL A 26 -7.18 -9.82 -0.57
C VAL A 26 -5.97 -10.73 -0.42
N ASP A 27 -5.26 -10.94 -1.52
CA ASP A 27 -4.07 -11.79 -1.51
C ASP A 27 -2.89 -11.09 -2.18
N ILE A 28 -1.99 -10.54 -1.36
CA ILE A 28 -0.82 -9.84 -1.88
C ILE A 28 0.31 -10.83 -2.19
N GLN A 29 0.56 -11.02 -3.49
CA GLN A 29 1.61 -11.94 -3.92
C GLN A 29 2.57 -11.24 -4.87
N ASN A 30 2.06 -10.27 -5.63
CA ASN A 30 2.87 -9.53 -6.59
C ASN A 30 2.16 -8.25 -7.02
N PHE A 31 2.95 -7.19 -7.22
CA PHE A 31 2.40 -5.90 -7.64
C PHE A 31 2.04 -5.91 -9.12
N SER A 32 1.20 -6.86 -9.50
CA SER A 32 0.78 -6.99 -10.90
C SER A 32 -0.74 -6.88 -11.02
N SER A 33 -1.44 -7.78 -10.34
CA SER A 33 -2.90 -7.79 -10.37
C SER A 33 -3.48 -7.63 -8.97
N SER A 34 -2.67 -7.97 -7.97
CA SER A 34 -3.11 -7.87 -6.57
C SER A 34 -3.59 -6.46 -6.26
N TRP A 35 -3.17 -5.50 -7.07
CA TRP A 35 -3.56 -4.11 -6.87
C TRP A 35 -4.28 -3.57 -8.10
N SER A 36 -4.89 -4.47 -8.87
CA SER A 36 -5.62 -4.08 -10.07
C SER A 36 -7.11 -3.98 -9.80
N ASP A 37 -7.53 -4.50 -8.66
CA ASP A 37 -8.95 -4.47 -8.27
C ASP A 37 -9.28 -3.16 -7.57
N GLY A 38 -8.57 -2.87 -6.49
CA GLY A 38 -8.81 -1.65 -5.75
C GLY A 38 -8.87 -1.88 -4.24
N MET A 39 -9.77 -2.76 -3.82
CA MET A 39 -9.92 -3.07 -2.40
C MET A 39 -8.57 -3.19 -1.72
N ALA A 40 -7.62 -3.83 -2.40
CA ALA A 40 -6.28 -4.01 -1.85
C ALA A 40 -5.81 -2.75 -1.14
N PHE A 41 -5.49 -1.71 -1.91
CA PHE A 41 -5.02 -0.45 -1.35
C PHE A 41 -5.81 -0.10 -0.10
N CYS A 42 -7.13 -0.15 -0.19
CA CYS A 42 -8.00 0.17 0.93
C CYS A 42 -7.66 -0.69 2.14
N ALA A 43 -7.42 -1.97 1.90
CA ALA A 43 -7.07 -2.90 2.98
C ALA A 43 -5.77 -2.51 3.65
N LEU A 44 -4.78 -2.15 2.84
CA LEU A 44 -3.46 -1.76 3.35
C LEU A 44 -3.56 -0.46 4.14
N VAL A 45 -4.35 0.47 3.63
CA VAL A 45 -4.54 1.77 4.29
C VAL A 45 -5.44 1.63 5.51
N HIS A 46 -6.69 1.27 5.28
CA HIS A 46 -7.65 1.10 6.37
C HIS A 46 -6.98 0.56 7.62
N ASN A 47 -6.10 -0.42 7.43
CA ASN A 47 -5.38 -1.03 8.54
C ASN A 47 -4.78 0.03 9.44
N PHE A 48 -4.08 0.98 8.83
CA PHE A 48 -3.43 2.07 9.57
C PHE A 48 -4.48 3.00 10.18
N PHE A 49 -5.21 3.69 9.32
CA PHE A 49 -6.24 4.62 9.77
C PHE A 49 -7.63 4.08 9.48
N PRO A 50 -8.16 3.28 10.42
CA PRO A 50 -9.50 2.68 10.29
C PRO A 50 -10.62 3.71 10.39
N GLU A 51 -10.33 4.82 11.06
CA GLU A 51 -11.31 5.88 11.23
C GLU A 51 -11.33 6.81 10.02
N ALA A 52 -10.19 6.91 9.34
CA ALA A 52 -10.07 7.76 8.16
C ALA A 52 -11.20 7.47 7.17
N PHE A 53 -11.44 6.20 6.91
CA PHE A 53 -12.49 5.80 5.98
C PHE A 53 -13.01 4.41 6.31
N ASP A 54 -14.17 4.06 5.76
CA ASP A 54 -14.77 2.75 6.00
C ASP A 54 -14.40 1.77 4.89
N TYR A 55 -13.99 0.57 5.29
CA TYR A 55 -13.60 -0.46 4.33
C TYR A 55 -14.80 -1.32 3.93
N GLY A 56 -15.52 -1.82 4.93
CA GLY A 56 -16.68 -2.64 4.67
C GLY A 56 -17.73 -1.92 3.84
N GLN A 57 -17.73 -0.60 3.91
CA GLN A 57 -18.70 0.20 3.17
C GLN A 57 -18.39 0.18 1.67
N LEU A 58 -17.10 0.07 1.34
CA LEU A 58 -16.67 0.03 -0.05
C LEU A 58 -17.18 -1.23 -0.73
N SER A 59 -17.00 -1.28 -2.05
CA SER A 59 -17.44 -2.44 -2.84
C SER A 59 -16.39 -2.83 -3.87
N PRO A 60 -16.32 -4.13 -4.20
CA PRO A 60 -15.37 -4.66 -5.17
C PRO A 60 -15.70 -4.23 -6.59
N GLN A 61 -16.97 -3.94 -6.84
CA GLN A 61 -17.42 -3.51 -8.16
C GLN A 61 -16.89 -2.13 -8.50
N ASN A 62 -16.51 -1.37 -7.46
CA ASN A 62 -15.98 -0.02 -7.65
C ASN A 62 -14.49 -0.07 -7.98
N ARG A 63 -14.15 0.39 -9.18
CA ARG A 63 -12.76 0.41 -9.61
C ARG A 63 -12.08 1.73 -9.25
N ARG A 64 -12.85 2.81 -9.31
CA ARG A 64 -12.33 4.14 -8.98
C ARG A 64 -12.39 4.39 -7.48
N GLN A 65 -13.59 4.41 -6.93
CA GLN A 65 -13.79 4.64 -5.50
C GLN A 65 -12.72 3.92 -4.68
N ASN A 66 -12.56 2.62 -4.95
CA ASN A 66 -11.58 1.81 -4.24
C ASN A 66 -10.24 2.53 -4.17
N PHE A 67 -9.73 2.95 -5.32
CA PHE A 67 -8.46 3.66 -5.38
C PHE A 67 -8.55 5.03 -4.73
N GLU A 68 -9.39 5.89 -5.31
CA GLU A 68 -9.58 7.24 -4.78
C GLU A 68 -9.59 7.23 -3.25
N VAL A 69 -10.57 6.53 -2.69
CA VAL A 69 -10.71 6.44 -1.23
C VAL A 69 -9.37 6.11 -0.58
N ALA A 70 -8.73 5.04 -1.04
CA ALA A 70 -7.44 4.63 -0.49
C ALA A 70 -6.44 5.77 -0.54
N PHE A 71 -6.25 6.35 -1.73
CA PHE A 71 -5.32 7.45 -1.89
C PHE A 71 -5.64 8.60 -0.94
N SER A 72 -6.77 9.26 -1.18
CA SER A 72 -7.20 10.38 -0.34
C SER A 72 -7.03 10.04 1.14
N SER A 73 -7.66 8.94 1.56
CA SER A 73 -7.59 8.50 2.94
C SER A 73 -6.21 8.74 3.53
N ALA A 74 -5.19 8.66 2.68
CA ALA A 74 -3.81 8.87 3.11
C ALA A 74 -3.50 10.37 3.22
N GLU A 75 -3.54 11.06 2.09
CA GLU A 75 -3.27 12.50 2.06
C GLU A 75 -3.94 13.20 3.23
N THR A 76 -5.05 12.62 3.71
CA THR A 76 -5.79 13.20 4.82
C THR A 76 -4.86 13.67 5.93
N HIS A 77 -4.23 12.71 6.61
CA HIS A 77 -3.32 13.02 7.70
C HIS A 77 -1.89 12.66 7.32
N ALA A 78 -1.75 11.78 6.33
CA ALA A 78 -0.44 11.34 5.87
C ALA A 78 0.12 12.28 4.81
N ASP A 79 -0.78 13.04 4.17
CA ASP A 79 -0.38 13.99 3.13
C ASP A 79 0.53 13.32 2.10
N CYS A 80 0.24 12.05 1.82
CA CYS A 80 1.02 11.30 0.84
C CYS A 80 0.74 11.78 -0.58
N PRO A 81 1.80 11.87 -1.40
CA PRO A 81 1.69 12.32 -2.79
C PRO A 81 0.98 11.30 -3.66
N GLN A 82 0.16 11.80 -4.58
CA GLN A 82 -0.58 10.93 -5.49
C GLN A 82 0.18 10.72 -6.79
N LEU A 83 1.11 9.78 -6.79
CA LEU A 83 1.91 9.48 -7.97
C LEU A 83 1.09 8.75 -9.02
N LEU A 84 0.52 7.61 -8.62
CA LEU A 84 -0.30 6.80 -9.53
C LEU A 84 -1.47 7.63 -10.08
N ASP A 85 -1.87 7.32 -11.30
CA ASP A 85 -2.98 8.03 -11.94
C ASP A 85 -4.20 7.12 -12.05
N THR A 86 -5.05 7.13 -11.02
CA THR A 86 -6.25 6.31 -11.02
C THR A 86 -6.88 6.25 -12.40
N GLU A 87 -7.06 7.41 -13.02
CA GLU A 87 -7.66 7.49 -14.34
C GLU A 87 -7.00 6.49 -15.29
N ASP A 88 -5.68 6.42 -15.25
CA ASP A 88 -4.94 5.51 -16.11
C ASP A 88 -4.96 4.09 -15.55
N MET A 89 -5.02 3.99 -14.22
CA MET A 89 -5.06 2.68 -13.56
C MET A 89 -6.29 1.89 -13.98
N VAL A 90 -7.44 2.56 -14.02
CA VAL A 90 -8.69 1.91 -14.41
C VAL A 90 -8.56 1.25 -15.78
N ARG A 91 -8.47 2.07 -16.81
CA ARG A 91 -8.35 1.57 -18.17
C ARG A 91 -7.30 0.46 -18.25
N LEU A 92 -6.16 0.68 -17.61
CA LEU A 92 -5.08 -0.31 -17.60
C LEU A 92 -5.46 -1.52 -16.75
N ARG A 93 -5.66 -2.65 -17.42
CA ARG A 93 -6.03 -3.88 -16.71
C ARG A 93 -5.14 -4.10 -15.50
N GLU A 94 -3.87 -3.69 -15.61
CA GLU A 94 -2.93 -3.84 -14.52
C GLU A 94 -2.02 -2.61 -14.42
N PRO A 95 -1.69 -2.22 -13.17
CA PRO A 95 -0.83 -1.07 -12.91
C PRO A 95 0.61 -1.32 -13.31
N ASP A 96 1.43 -0.28 -13.24
CA ASP A 96 2.84 -0.38 -13.59
C ASP A 96 3.70 -0.62 -12.35
N TRP A 97 4.11 -1.87 -12.15
CA TRP A 97 4.93 -2.22 -11.00
C TRP A 97 5.90 -1.10 -10.65
N LYS A 98 6.68 -0.68 -11.64
CA LYS A 98 7.65 0.38 -11.44
C LYS A 98 7.09 1.47 -10.53
N CYS A 99 5.87 1.90 -10.82
CA CYS A 99 5.21 2.93 -10.02
C CYS A 99 4.77 2.38 -8.67
N VAL A 100 3.90 1.37 -8.71
CA VAL A 100 3.39 0.75 -7.50
C VAL A 100 4.45 0.74 -6.40
N TYR A 101 5.53 0.01 -6.65
CA TYR A 101 6.62 -0.08 -5.68
C TYR A 101 7.01 1.29 -5.15
N THR A 102 7.00 2.29 -6.03
CA THR A 102 7.35 3.65 -5.65
C THR A 102 6.42 4.16 -4.56
N TYR A 103 5.12 4.12 -4.81
CA TYR A 103 4.14 4.58 -3.83
C TYR A 103 4.29 3.84 -2.51
N ILE A 104 4.39 2.52 -2.58
CA ILE A 104 4.54 1.69 -1.40
C ILE A 104 5.72 2.16 -0.55
N GLN A 105 6.80 2.55 -1.22
CA GLN A 105 7.99 3.03 -0.53
C GLN A 105 7.78 4.41 0.07
N GLU A 106 7.09 5.27 -0.69
CA GLU A 106 6.81 6.62 -0.23
C GLU A 106 6.01 6.62 1.07
N PHE A 107 4.83 6.00 1.02
CA PHE A 107 3.97 5.92 2.20
C PHE A 107 4.75 5.37 3.41
N TYR A 108 5.51 4.31 3.17
CA TYR A 108 6.29 3.68 4.23
C TYR A 108 7.13 4.72 4.97
N ARG A 109 7.40 5.84 4.30
CA ARG A 109 8.19 6.91 4.90
C ARG A 109 7.32 7.81 5.76
N CYS A 110 6.05 7.93 5.39
CA CYS A 110 5.11 8.78 6.13
C CYS A 110 4.65 8.08 7.40
N LEU A 111 4.32 6.80 7.29
CA LEU A 111 3.87 6.03 8.44
C LEU A 111 4.92 6.04 9.55
N VAL A 112 6.17 5.82 9.18
CA VAL A 112 7.26 5.81 10.15
C VAL A 112 7.24 7.07 11.01
N GLN A 113 7.08 8.22 10.36
CA GLN A 113 7.06 9.50 11.06
C GLN A 113 5.94 9.52 12.11
N LYS A 114 4.71 9.27 11.65
CA LYS A 114 3.57 9.27 12.55
C LYS A 114 3.75 8.24 13.67
N GLY A 115 4.68 7.31 13.47
CA GLY A 115 4.95 6.29 14.47
C GLY A 115 4.03 5.09 14.33
N LEU A 116 3.64 4.80 13.10
CA LEU A 116 2.76 3.67 12.82
C LEU A 116 3.57 2.42 12.48
N VAL A 117 4.62 2.60 11.68
CA VAL A 117 5.47 1.49 11.28
C VAL A 117 6.85 1.60 11.94
N LYS A 118 7.00 0.96 13.09
CA LYS A 118 8.26 0.97 13.82
C LYS A 118 9.30 0.10 13.13
N THR A 119 10.50 0.64 12.94
CA THR A 119 11.58 -0.09 12.29
C THR A 119 12.88 0.06 13.07
N LYS A 120 13.72 -0.97 13.01
CA LYS A 120 15.00 -0.97 13.71
C LYS A 120 15.72 0.37 13.50
N LYS A 121 15.79 1.16 14.57
CA LYS A 121 16.45 2.46 14.51
C LYS A 121 17.07 2.82 15.86
N SER A 122 18.11 3.64 15.83
CA SER A 122 18.78 4.06 17.06
C SER A 122 18.32 5.44 17.49
N SER A 123 18.24 5.65 18.80
CA SER A 123 17.81 6.92 19.35
C SER A 123 18.98 7.87 19.55
N GLY A 124 19.97 7.41 20.31
CA GLY A 124 21.15 8.22 20.58
C GLY A 124 21.47 8.34 22.05
N PRO A 125 22.20 9.40 22.42
CA PRO A 125 22.59 9.64 23.81
C PRO A 125 21.40 10.05 24.67
N SER A 126 21.57 9.94 26.00
CA SER A 126 20.51 10.30 26.93
C SER A 126 20.23 11.79 26.89
N SER A 127 19.06 12.15 26.37
CA SER A 127 18.66 13.55 26.28
C SER A 127 18.12 14.06 27.60
N GLY A 128 18.74 15.11 28.13
CA GLY A 128 18.31 15.68 29.39
C GLY A 128 18.40 17.19 29.42
N GLY A 1 24.53 -12.42 10.31
CA GLY A 1 25.11 -13.30 9.31
C GLY A 1 25.50 -12.58 8.04
N SER A 2 26.04 -13.32 7.08
CA SER A 2 26.47 -12.74 5.82
C SER A 2 25.63 -13.29 4.66
N SER A 3 25.47 -14.61 4.63
CA SER A 3 24.70 -15.26 3.58
C SER A 3 23.21 -15.03 3.77
N GLY A 4 22.73 -13.88 3.31
CA GLY A 4 21.32 -13.56 3.44
C GLY A 4 20.63 -13.39 2.10
N SER A 5 19.51 -12.68 2.09
CA SER A 5 18.75 -12.45 0.88
C SER A 5 18.57 -10.95 0.62
N SER A 6 18.70 -10.57 -0.65
CA SER A 6 18.55 -9.17 -1.03
C SER A 6 17.27 -8.95 -1.84
N GLY A 7 16.89 -7.69 -2.00
CA GLY A 7 15.68 -7.37 -2.75
C GLY A 7 14.61 -6.75 -1.88
N ILE A 8 14.55 -5.43 -1.86
CA ILE A 8 13.56 -4.72 -1.06
C ILE A 8 12.15 -5.16 -1.42
N LYS A 9 11.90 -5.35 -2.71
CA LYS A 9 10.59 -5.78 -3.18
C LYS A 9 10.04 -6.90 -2.31
N GLN A 10 10.93 -7.64 -1.66
CA GLN A 10 10.52 -8.73 -0.79
C GLN A 10 9.96 -8.21 0.53
N MET A 11 10.84 -7.65 1.36
CA MET A 11 10.43 -7.11 2.65
C MET A 11 9.14 -6.31 2.52
N LEU A 12 8.87 -5.81 1.32
CA LEU A 12 7.68 -5.02 1.05
C LEU A 12 6.44 -5.92 0.96
N LEU A 13 6.53 -6.96 0.15
CA LEU A 13 5.43 -7.90 -0.02
C LEU A 13 5.12 -8.62 1.29
N ASP A 14 6.17 -9.00 2.01
CA ASP A 14 6.01 -9.69 3.29
C ASP A 14 5.38 -8.77 4.33
N TRP A 15 5.65 -7.47 4.20
CA TRP A 15 5.11 -6.49 5.14
C TRP A 15 3.65 -6.17 4.82
N CYS A 16 3.40 -5.70 3.60
CA CYS A 16 2.05 -5.36 3.17
C CYS A 16 1.06 -6.44 3.59
N ARG A 17 1.47 -7.69 3.45
CA ARG A 17 0.62 -8.83 3.81
C ARG A 17 0.29 -8.81 5.29
N ALA A 18 1.33 -8.79 6.12
CA ALA A 18 1.14 -8.77 7.57
C ALA A 18 0.11 -7.73 7.98
N LYS A 19 0.27 -6.51 7.46
CA LYS A 19 -0.65 -5.42 7.77
C LYS A 19 -2.04 -5.69 7.19
N THR A 20 -2.07 -6.36 6.04
CA THR A 20 -3.33 -6.69 5.39
C THR A 20 -3.82 -8.08 5.79
N ARG A 21 -3.40 -8.52 6.97
CA ARG A 21 -3.79 -9.84 7.47
C ARG A 21 -5.23 -9.83 7.96
N GLY A 22 -5.95 -10.92 7.71
CA GLY A 22 -7.33 -11.01 8.13
C GLY A 22 -8.29 -10.51 7.08
N TYR A 23 -7.97 -9.37 6.48
CA TYR A 23 -8.82 -8.77 5.46
C TYR A 23 -9.36 -9.84 4.51
N GLU A 24 -10.69 -9.97 4.47
CA GLU A 24 -11.33 -10.94 3.61
C GLU A 24 -11.43 -10.43 2.18
N HIS A 25 -11.38 -11.34 1.21
CA HIS A 25 -11.47 -10.98 -0.20
C HIS A 25 -10.24 -10.18 -0.63
N VAL A 26 -9.11 -10.45 0.02
CA VAL A 26 -7.86 -9.75 -0.30
C VAL A 26 -6.69 -10.72 -0.33
N ASP A 27 -5.78 -10.50 -1.28
CA ASP A 27 -4.60 -11.36 -1.41
C ASP A 27 -3.48 -10.62 -2.12
N ILE A 28 -2.39 -10.38 -1.40
CA ILE A 28 -1.23 -9.68 -1.97
C ILE A 28 -0.15 -10.66 -2.40
N GLN A 29 -0.10 -10.94 -3.70
CA GLN A 29 0.90 -11.86 -4.24
C GLN A 29 1.97 -11.10 -5.03
N ASN A 30 1.60 -9.94 -5.55
CA ASN A 30 2.53 -9.13 -6.33
C ASN A 30 1.93 -7.75 -6.62
N PHE A 31 2.74 -6.87 -7.22
CA PHE A 31 2.30 -5.53 -7.54
C PHE A 31 2.03 -5.40 -9.04
N SER A 32 1.42 -6.42 -9.63
CA SER A 32 1.12 -6.42 -11.05
C SER A 32 -0.38 -6.17 -11.28
N SER A 33 -1.20 -7.09 -10.79
CA SER A 33 -2.65 -6.96 -10.95
C SER A 33 -3.35 -7.10 -9.61
N SER A 34 -2.75 -7.87 -8.70
CA SER A 34 -3.32 -8.08 -7.38
C SER A 34 -3.95 -6.79 -6.84
N TRP A 35 -3.44 -5.66 -7.31
CA TRP A 35 -3.95 -4.36 -6.88
C TRP A 35 -4.94 -3.79 -7.89
N SER A 36 -4.71 -4.10 -9.16
CA SER A 36 -5.58 -3.62 -10.23
C SER A 36 -7.04 -3.58 -9.77
N ASP A 37 -7.40 -4.48 -8.87
CA ASP A 37 -8.75 -4.56 -8.34
C ASP A 37 -9.11 -3.28 -7.59
N GLY A 38 -8.36 -3.00 -6.52
CA GLY A 38 -8.61 -1.82 -5.73
C GLY A 38 -8.66 -2.11 -4.24
N MET A 39 -9.62 -2.92 -3.84
CA MET A 39 -9.78 -3.29 -2.44
C MET A 39 -8.42 -3.38 -1.74
N ALA A 40 -7.53 -4.17 -2.32
CA ALA A 40 -6.19 -4.35 -1.75
C ALA A 40 -5.69 -3.05 -1.12
N PHE A 41 -5.37 -2.07 -1.95
CA PHE A 41 -4.88 -0.78 -1.48
C PHE A 41 -5.68 -0.32 -0.26
N CYS A 42 -7.00 -0.29 -0.40
CA CYS A 42 -7.87 0.14 0.68
C CYS A 42 -7.54 -0.61 1.98
N ALA A 43 -7.37 -1.92 1.86
CA ALA A 43 -7.05 -2.75 3.02
C ALA A 43 -5.73 -2.33 3.66
N LEU A 44 -4.70 -2.20 2.83
CA LEU A 44 -3.38 -1.81 3.31
C LEU A 44 -3.47 -0.51 4.11
N VAL A 45 -4.26 0.43 3.62
CA VAL A 45 -4.43 1.72 4.29
C VAL A 45 -5.31 1.58 5.52
N HIS A 46 -6.57 1.21 5.30
CA HIS A 46 -7.51 1.04 6.40
C HIS A 46 -6.82 0.52 7.64
N ASN A 47 -5.93 -0.45 7.45
CA ASN A 47 -5.20 -1.05 8.57
C ASN A 47 -4.56 0.03 9.44
N PHE A 48 -3.87 0.98 8.80
CA PHE A 48 -3.23 2.07 9.51
C PHE A 48 -4.26 3.04 10.08
N PHE A 49 -5.07 3.60 9.21
CA PHE A 49 -6.11 4.55 9.62
C PHE A 49 -7.50 4.00 9.31
N PRO A 50 -8.05 3.22 10.25
CA PRO A 50 -9.38 2.63 10.11
C PRO A 50 -10.49 3.67 10.18
N GLU A 51 -10.32 4.65 11.06
CA GLU A 51 -11.31 5.70 11.23
C GLU A 51 -11.34 6.62 10.00
N ALA A 52 -10.18 6.89 9.45
CA ALA A 52 -10.06 7.75 8.27
C ALA A 52 -11.15 7.43 7.26
N PHE A 53 -11.48 6.15 7.12
CA PHE A 53 -12.50 5.72 6.17
C PHE A 53 -12.89 4.27 6.43
N ASP A 54 -13.98 3.83 5.82
CA ASP A 54 -14.47 2.47 5.97
C ASP A 54 -14.07 1.61 4.77
N TYR A 55 -13.40 0.50 5.05
CA TYR A 55 -12.96 -0.41 3.99
C TYR A 55 -14.10 -1.34 3.57
N GLY A 56 -14.61 -2.12 4.53
CA GLY A 56 -15.69 -3.03 4.23
C GLY A 56 -16.88 -2.35 3.60
N GLN A 57 -16.93 -1.03 3.71
CA GLN A 57 -18.03 -0.25 3.14
C GLN A 57 -17.87 -0.12 1.63
N LEU A 58 -16.63 -0.09 1.16
CA LEU A 58 -16.35 0.03 -0.26
C LEU A 58 -16.80 -1.22 -1.02
N SER A 59 -16.59 -1.21 -2.33
CA SER A 59 -16.98 -2.34 -3.17
C SER A 59 -15.82 -2.79 -4.05
N PRO A 60 -15.75 -4.10 -4.31
CA PRO A 60 -14.69 -4.69 -5.13
C PRO A 60 -14.83 -4.32 -6.61
N GLN A 61 -16.07 -4.27 -7.08
CA GLN A 61 -16.34 -3.93 -8.47
C GLN A 61 -15.79 -2.55 -8.81
N ASN A 62 -15.76 -1.68 -7.81
CA ASN A 62 -15.25 -0.32 -7.99
C ASN A 62 -13.75 -0.32 -8.21
N ARG A 63 -13.33 -0.12 -9.45
CA ARG A 63 -11.91 -0.09 -9.80
C ARG A 63 -11.30 1.29 -9.51
N ARG A 64 -12.14 2.32 -9.56
CA ARG A 64 -11.69 3.67 -9.31
C ARG A 64 -11.85 4.04 -7.84
N GLN A 65 -13.09 4.31 -7.43
CA GLN A 65 -13.37 4.67 -6.04
C GLN A 65 -12.43 3.95 -5.09
N ASN A 66 -12.23 2.66 -5.32
CA ASN A 66 -11.35 1.85 -4.49
C ASN A 66 -9.97 2.50 -4.35
N PHE A 67 -9.39 2.86 -5.48
CA PHE A 67 -8.08 3.49 -5.50
C PHE A 67 -8.14 4.91 -4.95
N GLU A 68 -9.04 5.72 -5.50
CA GLU A 68 -9.21 7.09 -5.07
C GLU A 68 -9.38 7.16 -3.56
N VAL A 69 -10.43 6.53 -3.05
CA VAL A 69 -10.70 6.53 -1.62
C VAL A 69 -9.45 6.23 -0.82
N ALA A 70 -8.78 5.13 -1.16
CA ALA A 70 -7.55 4.73 -0.49
C ALA A 70 -6.51 5.85 -0.51
N PHE A 71 -6.51 6.62 -1.61
CA PHE A 71 -5.57 7.72 -1.77
C PHE A 71 -5.95 8.88 -0.87
N SER A 72 -7.17 9.37 -1.01
CA SER A 72 -7.66 10.49 -0.22
C SER A 72 -7.50 10.21 1.27
N SER A 73 -8.09 9.11 1.72
CA SER A 73 -8.02 8.73 3.14
C SER A 73 -6.64 9.04 3.71
N ALA A 74 -5.60 8.58 3.02
CA ALA A 74 -4.23 8.80 3.46
C ALA A 74 -3.88 10.29 3.45
N GLU A 75 -3.95 10.90 2.27
CA GLU A 75 -3.64 12.32 2.13
C GLU A 75 -4.25 13.11 3.28
N THR A 76 -5.31 12.59 3.87
CA THR A 76 -5.99 13.26 4.97
C THR A 76 -4.99 13.70 6.03
N HIS A 77 -4.39 12.75 6.72
CA HIS A 77 -3.41 13.04 7.76
C HIS A 77 -2.00 12.63 7.32
N ALA A 78 -1.93 11.68 6.39
CA ALA A 78 -0.66 11.20 5.89
C ALA A 78 -0.07 12.16 4.86
N ASP A 79 -0.93 12.96 4.25
CA ASP A 79 -0.51 13.93 3.25
C ASP A 79 0.50 13.31 2.28
N CYS A 80 0.11 12.18 1.70
CA CYS A 80 0.98 11.48 0.75
C CYS A 80 0.89 12.10 -0.64
N PRO A 81 2.04 12.26 -1.30
CA PRO A 81 2.12 12.84 -2.64
C PRO A 81 1.54 11.92 -3.71
N GLN A 82 0.23 12.01 -3.92
CA GLN A 82 -0.44 11.18 -4.91
C GLN A 82 0.40 11.06 -6.18
N LEU A 83 0.83 9.83 -6.48
CA LEU A 83 1.63 9.57 -7.66
C LEU A 83 0.82 8.89 -8.75
N LEU A 84 0.12 7.82 -8.36
CA LEU A 84 -0.71 7.07 -9.31
C LEU A 84 -1.91 7.91 -9.76
N ASP A 85 -2.54 7.49 -10.84
CA ASP A 85 -3.70 8.19 -11.38
C ASP A 85 -4.86 7.23 -11.63
N THR A 86 -5.73 7.09 -10.64
CA THR A 86 -6.87 6.19 -10.75
C THR A 86 -7.43 6.18 -12.18
N GLU A 87 -7.64 7.38 -12.73
CA GLU A 87 -8.17 7.50 -14.07
C GLU A 87 -7.41 6.60 -15.05
N ASP A 88 -6.09 6.59 -14.94
CA ASP A 88 -5.25 5.77 -15.81
C ASP A 88 -5.16 4.34 -15.28
N MET A 89 -5.21 4.21 -13.95
CA MET A 89 -5.14 2.89 -13.32
C MET A 89 -6.37 2.05 -13.66
N VAL A 90 -7.49 2.73 -13.91
CA VAL A 90 -8.73 2.04 -14.24
C VAL A 90 -8.67 1.43 -15.64
N ARG A 91 -8.60 2.30 -16.65
CA ARG A 91 -8.53 1.84 -18.04
C ARG A 91 -7.35 0.91 -18.25
N LEU A 92 -6.26 1.15 -17.51
CA LEU A 92 -5.07 0.32 -17.61
C LEU A 92 -5.34 -1.10 -17.15
N ARG A 93 -5.16 -2.05 -18.05
CA ARG A 93 -5.38 -3.46 -17.73
C ARG A 93 -4.82 -3.81 -16.36
N GLU A 94 -3.69 -3.19 -16.01
CA GLU A 94 -3.05 -3.43 -14.72
C GLU A 94 -1.88 -2.47 -14.51
N PRO A 95 -1.70 -2.04 -13.26
CA PRO A 95 -0.62 -1.11 -12.89
C PRO A 95 0.76 -1.77 -12.97
N ASP A 96 1.76 -0.98 -13.31
CA ASP A 96 3.12 -1.47 -13.42
C ASP A 96 3.90 -1.24 -12.12
N TRP A 97 4.44 -2.32 -11.57
CA TRP A 97 5.20 -2.23 -10.32
C TRP A 97 6.00 -0.94 -10.27
N LYS A 98 6.49 -0.49 -11.42
CA LYS A 98 7.27 0.74 -11.51
C LYS A 98 6.59 1.87 -10.72
N CYS A 99 5.30 2.07 -10.98
CA CYS A 99 4.55 3.12 -10.29
C CYS A 99 4.03 2.62 -8.95
N VAL A 100 3.56 1.38 -8.92
CA VAL A 100 3.04 0.78 -7.70
C VAL A 100 4.10 0.77 -6.59
N TYR A 101 5.12 -0.06 -6.78
CA TYR A 101 6.20 -0.19 -5.81
C TYR A 101 6.56 1.18 -5.22
N THR A 102 6.69 2.17 -6.10
CA THR A 102 7.03 3.53 -5.67
C THR A 102 6.07 4.02 -4.59
N TYR A 103 4.78 3.95 -4.87
CA TYR A 103 3.77 4.38 -3.92
C TYR A 103 3.94 3.68 -2.58
N ILE A 104 4.30 2.40 -2.63
CA ILE A 104 4.49 1.62 -1.42
C ILE A 104 5.65 2.17 -0.59
N GLN A 105 6.79 2.40 -1.23
CA GLN A 105 7.96 2.93 -0.55
C GLN A 105 7.71 4.35 -0.05
N GLU A 106 7.18 5.20 -0.92
CA GLU A 106 6.89 6.59 -0.57
C GLU A 106 6.00 6.65 0.66
N PHE A 107 4.90 5.90 0.64
CA PHE A 107 3.97 5.88 1.75
C PHE A 107 4.64 5.33 3.02
N TYR A 108 5.20 4.13 2.91
CA TYR A 108 5.88 3.50 4.05
C TYR A 108 6.76 4.51 4.78
N ARG A 109 7.45 5.35 4.02
CA ARG A 109 8.33 6.36 4.58
C ARG A 109 7.56 7.29 5.52
N CYS A 110 6.38 7.70 5.08
CA CYS A 110 5.55 8.60 5.88
C CYS A 110 5.13 7.93 7.18
N LEU A 111 4.60 6.72 7.09
CA LEU A 111 4.17 5.99 8.26
C LEU A 111 5.22 6.03 9.36
N VAL A 112 6.46 5.70 9.00
CA VAL A 112 7.56 5.70 9.96
C VAL A 112 7.61 7.02 10.72
N GLN A 113 7.49 8.12 10.01
CA GLN A 113 7.53 9.44 10.63
C GLN A 113 6.27 9.68 11.46
N LYS A 114 5.12 9.32 10.91
CA LYS A 114 3.84 9.50 11.59
C LYS A 114 3.87 8.80 12.96
N GLY A 115 4.54 7.65 13.03
CA GLY A 115 4.62 6.92 14.27
C GLY A 115 3.82 5.63 14.24
N LEU A 116 3.70 5.04 13.05
CA LEU A 116 2.96 3.80 12.88
C LEU A 116 3.91 2.61 12.80
N VAL A 117 5.00 2.77 12.06
CA VAL A 117 5.99 1.71 11.91
C VAL A 117 7.27 2.03 12.69
N LYS A 118 7.55 1.23 13.70
CA LYS A 118 8.75 1.42 14.52
C LYS A 118 9.98 0.84 13.83
N THR A 119 11.16 1.30 14.25
CA THR A 119 12.41 0.84 13.68
C THR A 119 12.78 -0.54 14.22
N LYS A 120 12.40 -1.58 13.50
CA LYS A 120 12.69 -2.96 13.90
C LYS A 120 12.65 -3.90 12.70
N LYS A 121 13.74 -4.62 12.49
CA LYS A 121 13.83 -5.56 11.37
C LYS A 121 12.75 -6.64 11.49
N SER A 122 12.46 -7.30 10.39
CA SER A 122 11.44 -8.35 10.36
C SER A 122 12.01 -9.64 9.76
N SER A 123 12.56 -9.54 8.57
CA SER A 123 13.14 -10.70 7.88
C SER A 123 14.59 -10.90 8.30
N GLY A 124 14.83 -11.89 9.15
CA GLY A 124 16.17 -12.19 9.61
C GLY A 124 16.68 -13.51 9.10
N PRO A 125 16.53 -14.57 9.93
CA PRO A 125 16.98 -15.91 9.58
C PRO A 125 16.13 -16.54 8.47
N SER A 126 16.80 -17.06 7.45
CA SER A 126 16.12 -17.68 6.32
C SER A 126 16.80 -18.99 5.92
N SER A 127 16.09 -20.10 6.08
CA SER A 127 16.62 -21.40 5.74
C SER A 127 15.67 -22.16 4.81
N GLY A 128 16.23 -22.85 3.83
CA GLY A 128 15.42 -23.61 2.90
C GLY A 128 15.93 -25.02 2.68
N GLY A 1 17.99 -19.48 4.91
CA GLY A 1 17.74 -18.14 5.41
C GLY A 1 16.38 -17.60 4.99
N SER A 2 15.43 -17.63 5.91
CA SER A 2 14.08 -17.16 5.62
C SER A 2 14.11 -15.89 4.78
N SER A 3 15.02 -14.98 5.13
CA SER A 3 15.15 -13.72 4.41
C SER A 3 16.63 -13.32 4.28
N GLY A 4 16.98 -12.74 3.15
CA GLY A 4 18.35 -12.32 2.91
C GLY A 4 18.45 -10.91 2.37
N SER A 5 19.35 -10.71 1.42
CA SER A 5 19.53 -9.38 0.82
C SER A 5 19.05 -9.38 -0.63
N SER A 6 17.92 -10.02 -0.87
CA SER A 6 17.35 -10.09 -2.22
C SER A 6 17.00 -8.69 -2.74
N GLY A 7 16.38 -7.89 -1.87
CA GLY A 7 16.00 -6.55 -2.27
C GLY A 7 14.80 -6.03 -1.50
N ILE A 8 14.63 -4.71 -1.47
CA ILE A 8 13.52 -4.10 -0.77
C ILE A 8 12.18 -4.52 -1.37
N LYS A 9 12.13 -4.58 -2.70
CA LYS A 9 10.91 -4.97 -3.39
C LYS A 9 10.25 -6.16 -2.71
N GLN A 10 11.05 -6.94 -2.00
CA GLN A 10 10.53 -8.11 -1.28
C GLN A 10 9.94 -7.71 0.07
N MET A 11 10.80 -7.28 0.98
CA MET A 11 10.37 -6.86 2.30
C MET A 11 9.04 -6.13 2.23
N LEU A 12 8.82 -5.39 1.15
CA LEU A 12 7.59 -4.63 0.95
C LEU A 12 6.41 -5.56 0.79
N LEU A 13 6.52 -6.50 -0.15
CA LEU A 13 5.45 -7.46 -0.40
C LEU A 13 5.09 -8.23 0.86
N ASP A 14 6.09 -8.66 1.61
CA ASP A 14 5.88 -9.38 2.85
C ASP A 14 5.15 -8.53 3.87
N TRP A 15 5.62 -7.30 4.04
CA TRP A 15 5.01 -6.38 5.00
C TRP A 15 3.56 -6.09 4.62
N CYS A 16 3.35 -5.65 3.39
CA CYS A 16 2.00 -5.35 2.91
C CYS A 16 1.00 -6.39 3.38
N ARG A 17 1.36 -7.66 3.20
CA ARG A 17 0.49 -8.76 3.60
C ARG A 17 0.22 -8.72 5.10
N ALA A 18 1.29 -8.76 5.89
CA ALA A 18 1.17 -8.72 7.35
C ALA A 18 0.04 -7.79 7.78
N LYS A 19 0.11 -6.54 7.34
CA LYS A 19 -0.92 -5.56 7.68
C LYS A 19 -2.24 -5.89 7.01
N THR A 20 -2.19 -6.21 5.72
CA THR A 20 -3.38 -6.55 4.96
C THR A 20 -3.77 -8.01 5.17
N ARG A 21 -3.59 -8.50 6.39
CA ARG A 21 -3.93 -9.87 6.73
C ARG A 21 -5.38 -9.99 7.16
N GLY A 22 -5.96 -11.17 6.94
CA GLY A 22 -7.35 -11.39 7.32
C GLY A 22 -8.32 -10.84 6.29
N TYR A 23 -8.06 -9.62 5.83
CA TYR A 23 -8.93 -8.98 4.85
C TYR A 23 -9.45 -9.99 3.83
N GLU A 24 -10.77 -10.04 3.68
CA GLU A 24 -11.39 -10.97 2.74
C GLU A 24 -11.35 -10.42 1.32
N HIS A 25 -11.31 -11.32 0.34
CA HIS A 25 -11.26 -10.92 -1.06
C HIS A 25 -10.02 -10.06 -1.34
N VAL A 26 -8.90 -10.44 -0.74
CA VAL A 26 -7.66 -9.71 -0.92
C VAL A 26 -6.45 -10.64 -0.83
N ASP A 27 -5.52 -10.49 -1.77
CA ASP A 27 -4.32 -11.31 -1.79
C ASP A 27 -3.18 -10.59 -2.50
N ILE A 28 -2.15 -10.23 -1.75
CA ILE A 28 -1.00 -9.53 -2.30
C ILE A 28 0.10 -10.52 -2.68
N GLN A 29 0.12 -10.90 -3.96
CA GLN A 29 1.13 -11.83 -4.45
C GLN A 29 2.26 -11.09 -5.17
N ASN A 30 1.92 -9.99 -5.82
CA ASN A 30 2.91 -9.19 -6.54
C ASN A 30 2.32 -7.84 -6.94
N PHE A 31 3.19 -6.83 -7.00
CA PHE A 31 2.76 -5.48 -7.38
C PHE A 31 2.54 -5.37 -8.88
N SER A 32 1.70 -6.26 -9.42
CA SER A 32 1.41 -6.28 -10.84
C SER A 32 -0.10 -6.26 -11.08
N SER A 33 -0.79 -7.28 -10.60
CA SER A 33 -2.23 -7.38 -10.76
C SER A 33 -2.90 -7.76 -9.45
N SER A 34 -2.36 -7.25 -8.35
CA SER A 34 -2.91 -7.53 -7.03
C SER A 34 -3.69 -6.34 -6.50
N TRP A 35 -3.34 -5.15 -6.96
CA TRP A 35 -4.03 -3.93 -6.54
C TRP A 35 -5.02 -3.46 -7.60
N SER A 36 -4.75 -3.82 -8.86
CA SER A 36 -5.62 -3.44 -9.96
C SER A 36 -7.09 -3.48 -9.55
N ASP A 37 -7.46 -4.50 -8.77
CA ASP A 37 -8.82 -4.64 -8.30
C ASP A 37 -9.29 -3.38 -7.59
N GLY A 38 -8.65 -3.08 -6.46
CA GLY A 38 -9.01 -1.90 -5.69
C GLY A 38 -8.96 -2.14 -4.20
N MET A 39 -9.90 -2.92 -3.69
CA MET A 39 -9.95 -3.22 -2.26
C MET A 39 -8.55 -3.34 -1.68
N ALA A 40 -7.69 -4.07 -2.38
CA ALA A 40 -6.31 -4.26 -1.93
C ALA A 40 -5.78 -3.02 -1.23
N PHE A 41 -5.59 -1.95 -1.98
CA PHE A 41 -5.08 -0.69 -1.44
C PHE A 41 -5.89 -0.29 -0.20
N CYS A 42 -7.20 -0.24 -0.34
CA CYS A 42 -8.07 0.14 0.78
C CYS A 42 -7.70 -0.63 2.04
N ALA A 43 -7.71 -1.96 1.95
CA ALA A 43 -7.36 -2.80 3.09
C ALA A 43 -6.04 -2.38 3.71
N LEU A 44 -5.02 -2.22 2.87
CA LEU A 44 -3.70 -1.81 3.34
C LEU A 44 -3.77 -0.52 4.14
N VAL A 45 -4.47 0.47 3.59
CA VAL A 45 -4.61 1.76 4.27
C VAL A 45 -5.48 1.62 5.52
N HIS A 46 -6.74 1.28 5.33
CA HIS A 46 -7.66 1.11 6.44
C HIS A 46 -6.93 0.58 7.68
N ASN A 47 -6.11 -0.44 7.48
CA ASN A 47 -5.35 -1.05 8.56
C ASN A 47 -4.66 0.02 9.40
N PHE A 48 -3.97 0.94 8.73
CA PHE A 48 -3.25 2.01 9.41
C PHE A 48 -4.22 2.96 10.11
N PHE A 49 -5.10 3.58 9.32
CA PHE A 49 -6.08 4.52 9.86
C PHE A 49 -7.50 4.03 9.58
N PRO A 50 -8.05 3.24 10.52
CA PRO A 50 -9.41 2.70 10.39
C PRO A 50 -10.49 3.77 10.52
N GLU A 51 -10.31 4.66 11.50
CA GLU A 51 -11.27 5.74 11.73
C GLU A 51 -11.28 6.72 10.56
N ALA A 52 -10.15 6.83 9.87
CA ALA A 52 -10.02 7.72 8.73
C ALA A 52 -11.14 7.48 7.73
N PHE A 53 -11.45 6.21 7.49
CA PHE A 53 -12.50 5.84 6.55
C PHE A 53 -12.97 4.41 6.78
N ASP A 54 -14.25 4.15 6.51
CA ASP A 54 -14.82 2.83 6.70
C ASP A 54 -14.42 1.90 5.56
N TYR A 55 -14.07 0.67 5.90
CA TYR A 55 -13.65 -0.32 4.91
C TYR A 55 -14.87 -1.08 4.36
N GLY A 56 -15.53 -1.82 5.25
CA GLY A 56 -16.69 -2.59 4.85
C GLY A 56 -17.64 -1.80 3.96
N GLN A 57 -17.73 -0.50 4.23
CA GLN A 57 -18.61 0.37 3.45
C GLN A 57 -18.25 0.31 1.97
N LEU A 58 -16.96 0.28 1.68
CA LEU A 58 -16.47 0.23 0.30
C LEU A 58 -16.97 -1.03 -0.41
N SER A 59 -16.87 -1.04 -1.73
CA SER A 59 -17.31 -2.18 -2.52
C SER A 59 -16.25 -2.59 -3.52
N PRO A 60 -16.22 -3.89 -3.87
CA PRO A 60 -15.25 -4.44 -4.81
C PRO A 60 -15.51 -3.97 -6.24
N GLN A 61 -16.78 -3.98 -6.65
CA GLN A 61 -17.15 -3.55 -7.99
C GLN A 61 -16.55 -2.19 -8.32
N ASN A 62 -16.35 -1.37 -7.29
CA ASN A 62 -15.79 -0.04 -7.47
C ASN A 62 -14.30 -0.12 -7.75
N ARG A 63 -13.94 -0.02 -9.03
CA ARG A 63 -12.54 -0.08 -9.44
C ARG A 63 -11.84 1.24 -9.16
N ARG A 64 -12.56 2.34 -9.32
CA ARG A 64 -12.01 3.67 -9.09
C ARG A 64 -12.08 4.04 -7.61
N GLN A 65 -13.30 4.30 -7.12
CA GLN A 65 -13.50 4.66 -5.73
C GLN A 65 -12.50 3.95 -4.83
N ASN A 66 -12.42 2.63 -4.98
CA ASN A 66 -11.52 1.82 -4.18
C ASN A 66 -10.13 2.45 -4.13
N PHE A 67 -9.60 2.81 -5.30
CA PHE A 67 -8.29 3.43 -5.39
C PHE A 67 -8.30 4.84 -4.80
N GLU A 68 -9.30 5.63 -5.20
CA GLU A 68 -9.42 7.00 -4.72
C GLU A 68 -9.49 7.03 -3.20
N VAL A 69 -10.56 6.48 -2.64
CA VAL A 69 -10.75 6.45 -1.19
C VAL A 69 -9.43 6.14 -0.47
N ALA A 70 -8.77 5.07 -0.90
CA ALA A 70 -7.50 4.68 -0.31
C ALA A 70 -6.49 5.82 -0.36
N PHE A 71 -6.40 6.47 -1.50
CA PHE A 71 -5.47 7.59 -1.68
C PHE A 71 -5.87 8.77 -0.80
N SER A 72 -7.08 9.26 -1.01
CA SER A 72 -7.59 10.40 -0.24
C SER A 72 -7.46 10.14 1.26
N SER A 73 -8.11 9.08 1.73
CA SER A 73 -8.08 8.73 3.15
C SER A 73 -6.71 9.05 3.74
N ALA A 74 -5.65 8.59 3.09
CA ALA A 74 -4.30 8.84 3.56
C ALA A 74 -3.98 10.33 3.57
N GLU A 75 -3.95 10.94 2.38
CA GLU A 75 -3.65 12.35 2.26
C GLU A 75 -4.30 13.14 3.39
N THR A 76 -5.39 12.61 3.93
CA THR A 76 -6.10 13.27 5.02
C THR A 76 -5.14 13.75 6.10
N HIS A 77 -4.41 12.81 6.70
CA HIS A 77 -3.45 13.12 7.75
C HIS A 77 -2.03 12.78 7.31
N ALA A 78 -1.92 11.84 6.37
CA ALA A 78 -0.62 11.43 5.87
C ALA A 78 -0.09 12.41 4.83
N ASP A 79 -1.00 13.01 4.07
CA ASP A 79 -0.62 13.98 3.06
C ASP A 79 0.35 13.35 2.05
N CYS A 80 0.08 12.13 1.65
CA CYS A 80 0.92 11.41 0.70
C CYS A 80 0.69 11.92 -0.72
N PRO A 81 1.78 12.11 -1.47
CA PRO A 81 1.72 12.60 -2.85
C PRO A 81 1.13 11.56 -3.80
N GLN A 82 0.01 11.92 -4.42
CA GLN A 82 -0.65 11.01 -5.36
C GLN A 82 0.18 10.84 -6.63
N LEU A 83 1.01 9.80 -6.65
CA LEU A 83 1.86 9.53 -7.80
C LEU A 83 1.10 8.69 -8.84
N LEU A 84 0.56 7.56 -8.40
CA LEU A 84 -0.18 6.68 -9.30
C LEU A 84 -1.36 7.42 -9.93
N ASP A 85 -1.62 7.11 -11.20
CA ASP A 85 -2.73 7.74 -11.91
C ASP A 85 -3.92 6.79 -12.01
N THR A 86 -4.78 6.83 -10.99
CA THR A 86 -5.96 5.98 -10.94
C THR A 86 -6.65 5.94 -12.31
N GLU A 87 -6.84 7.10 -12.92
CA GLU A 87 -7.48 7.19 -14.22
C GLU A 87 -6.80 6.27 -15.23
N ASP A 88 -5.48 6.14 -15.11
CA ASP A 88 -4.71 5.29 -16.00
C ASP A 88 -4.65 3.86 -15.47
N MET A 89 -4.71 3.72 -14.16
CA MET A 89 -4.65 2.41 -13.53
C MET A 89 -5.87 1.57 -13.90
N VAL A 90 -7.03 2.21 -13.94
CA VAL A 90 -8.28 1.52 -14.28
C VAL A 90 -8.17 0.87 -15.66
N ARG A 91 -8.00 1.70 -16.68
CA ARG A 91 -7.88 1.21 -18.05
C ARG A 91 -6.66 0.30 -18.20
N LEU A 92 -5.55 0.70 -17.60
CA LEU A 92 -4.32 -0.07 -17.67
C LEU A 92 -4.57 -1.53 -17.29
N ARG A 93 -4.30 -2.43 -18.23
CA ARG A 93 -4.50 -3.86 -17.99
C ARG A 93 -4.11 -4.24 -16.57
N GLU A 94 -3.00 -3.66 -16.08
CA GLU A 94 -2.53 -3.93 -14.73
C GLU A 94 -1.47 -2.90 -14.32
N PRO A 95 -1.49 -2.53 -13.04
CA PRO A 95 -0.54 -1.55 -12.48
C PRO A 95 0.88 -2.11 -12.39
N ASP A 96 1.73 -1.68 -13.30
CA ASP A 96 3.12 -2.13 -13.32
C ASP A 96 3.85 -1.70 -12.06
N TRP A 97 4.53 -2.64 -11.42
CA TRP A 97 5.27 -2.36 -10.20
C TRP A 97 6.10 -1.09 -10.35
N LYS A 98 6.74 -0.94 -11.51
CA LYS A 98 7.56 0.23 -11.77
C LYS A 98 6.98 1.48 -11.10
N CYS A 99 5.65 1.53 -11.02
CA CYS A 99 4.97 2.67 -10.41
C CYS A 99 4.51 2.32 -8.99
N VAL A 100 3.69 1.29 -8.88
CA VAL A 100 3.17 0.86 -7.59
C VAL A 100 4.26 0.92 -6.51
N TYR A 101 5.37 0.25 -6.77
CA TYR A 101 6.48 0.22 -5.83
C TYR A 101 6.82 1.64 -5.35
N THR A 102 6.82 2.58 -6.29
CA THR A 102 7.11 3.97 -5.96
C THR A 102 6.22 4.49 -4.84
N TYR A 103 4.91 4.33 -5.02
CA TYR A 103 3.96 4.79 -4.03
C TYR A 103 4.11 4.00 -2.72
N ILE A 104 3.98 2.68 -2.82
CA ILE A 104 4.10 1.81 -1.65
C ILE A 104 5.22 2.29 -0.73
N GLN A 105 6.40 2.50 -1.31
CA GLN A 105 7.55 2.96 -0.54
C GLN A 105 7.34 4.39 -0.05
N GLU A 106 6.84 5.25 -0.95
CA GLU A 106 6.60 6.64 -0.60
C GLU A 106 5.75 6.76 0.65
N PHE A 107 4.67 5.98 0.70
CA PHE A 107 3.76 6.00 1.84
C PHE A 107 4.44 5.43 3.09
N TYR A 108 4.89 4.18 2.99
CA TYR A 108 5.56 3.53 4.10
C TYR A 108 6.52 4.48 4.81
N ARG A 109 7.32 5.19 4.02
CA ARG A 109 8.28 6.15 4.56
C ARG A 109 7.59 7.17 5.45
N CYS A 110 6.42 7.63 5.03
CA CYS A 110 5.66 8.62 5.78
C CYS A 110 5.19 8.03 7.11
N LEU A 111 4.55 6.88 7.05
CA LEU A 111 4.05 6.21 8.24
C LEU A 111 5.14 6.09 9.30
N VAL A 112 6.32 5.64 8.88
CA VAL A 112 7.44 5.49 9.79
C VAL A 112 7.68 6.76 10.59
N GLN A 113 7.52 7.91 9.94
CA GLN A 113 7.71 9.19 10.61
C GLN A 113 6.62 9.44 11.64
N LYS A 114 5.37 9.20 11.25
CA LYS A 114 4.24 9.40 12.15
C LYS A 114 4.38 8.54 13.40
N GLY A 115 4.95 7.35 13.23
CA GLY A 115 5.14 6.47 14.37
C GLY A 115 4.23 5.26 14.31
N LEU A 116 3.87 4.85 13.09
CA LEU A 116 3.00 3.69 12.91
C LEU A 116 3.81 2.41 12.75
N VAL A 117 4.84 2.47 11.90
CA VAL A 117 5.69 1.32 11.65
C VAL A 117 7.10 1.56 12.18
N LYS A 118 7.39 1.04 13.37
CA LYS A 118 8.71 1.20 13.98
C LYS A 118 9.80 0.96 12.96
N THR A 119 10.78 1.87 12.93
CA THR A 119 11.90 1.76 12.00
C THR A 119 12.54 0.38 12.07
N LYS A 120 13.42 0.09 11.11
CA LYS A 120 14.11 -1.20 11.07
C LYS A 120 15.45 -1.12 11.79
N LYS A 121 16.01 -2.29 12.10
CA LYS A 121 17.29 -2.35 12.78
C LYS A 121 18.45 -2.11 11.82
N SER A 122 18.11 -1.72 10.59
CA SER A 122 19.12 -1.45 9.58
C SER A 122 19.92 -0.19 9.91
N SER A 123 21.19 -0.20 9.55
CA SER A 123 22.06 0.94 9.82
C SER A 123 22.07 1.90 8.63
N GLY A 124 22.82 3.00 8.78
CA GLY A 124 22.89 3.99 7.72
C GLY A 124 24.30 4.50 7.50
N PRO A 125 24.73 5.43 8.34
CA PRO A 125 26.08 6.02 8.26
C PRO A 125 27.17 5.02 8.63
N SER A 126 28.41 5.38 8.33
CA SER A 126 29.55 4.51 8.62
C SER A 126 29.32 3.76 9.93
N SER A 127 29.29 2.43 9.84
CA SER A 127 29.09 1.60 11.02
C SER A 127 29.22 0.11 10.66
N GLY A 128 30.04 -0.60 11.42
CA GLY A 128 30.24 -2.01 11.17
C GLY A 128 30.40 -2.81 12.45
N GLY A 1 9.61 -18.11 12.56
CA GLY A 1 10.75 -17.98 11.68
C GLY A 1 10.55 -16.88 10.65
N SER A 2 11.61 -16.59 9.89
CA SER A 2 11.56 -15.56 8.87
C SER A 2 12.07 -16.08 7.53
N SER A 3 11.28 -15.89 6.48
CA SER A 3 11.64 -16.35 5.15
C SER A 3 13.13 -16.12 4.88
N GLY A 4 13.58 -14.89 5.08
CA GLY A 4 14.97 -14.55 4.86
C GLY A 4 15.32 -14.43 3.39
N SER A 5 14.81 -13.39 2.74
CA SER A 5 15.06 -13.17 1.33
C SER A 5 16.08 -12.05 1.12
N SER A 6 16.32 -11.70 -0.13
CA SER A 6 17.28 -10.65 -0.47
C SER A 6 16.61 -9.53 -1.26
N GLY A 7 16.98 -8.29 -0.95
CA GLY A 7 16.40 -7.16 -1.65
C GLY A 7 15.27 -6.51 -0.87
N ILE A 8 14.80 -5.37 -1.35
CA ILE A 8 13.72 -4.65 -0.69
C ILE A 8 12.37 -4.99 -1.32
N LYS A 9 12.36 -5.16 -2.64
CA LYS A 9 11.13 -5.48 -3.37
C LYS A 9 10.42 -6.66 -2.71
N GLN A 10 11.17 -7.48 -1.98
CA GLN A 10 10.61 -8.64 -1.30
C GLN A 10 10.00 -8.24 0.04
N MET A 11 10.84 -7.78 0.96
CA MET A 11 10.39 -7.37 2.28
C MET A 11 9.10 -6.56 2.18
N LEU A 12 8.99 -5.76 1.12
CA LEU A 12 7.80 -4.94 0.92
C LEU A 12 6.56 -5.80 0.72
N LEU A 13 6.69 -6.83 -0.12
CA LEU A 13 5.58 -7.74 -0.39
C LEU A 13 5.17 -8.50 0.88
N ASP A 14 6.17 -8.99 1.60
CA ASP A 14 5.92 -9.74 2.83
C ASP A 14 5.27 -8.85 3.89
N TRP A 15 5.76 -7.63 4.00
CA TRP A 15 5.23 -6.68 4.98
C TRP A 15 3.80 -6.29 4.63
N CYS A 16 3.60 -5.81 3.41
CA CYS A 16 2.26 -5.41 2.96
C CYS A 16 1.20 -6.38 3.48
N ARG A 17 1.43 -7.67 3.28
CA ARG A 17 0.50 -8.69 3.73
C ARG A 17 0.32 -8.65 5.24
N ALA A 18 1.45 -8.65 5.96
CA ALA A 18 1.41 -8.61 7.42
C ALA A 18 0.34 -7.65 7.92
N LYS A 19 0.26 -6.48 7.30
CA LYS A 19 -0.73 -5.48 7.68
C LYS A 19 -2.08 -5.76 7.03
N THR A 20 -2.04 -6.43 5.87
CA THR A 20 -3.26 -6.76 5.15
C THR A 20 -3.69 -8.20 5.43
N ARG A 21 -3.33 -8.70 6.60
CA ARG A 21 -3.68 -10.07 6.98
C ARG A 21 -5.13 -10.15 7.44
N GLY A 22 -5.88 -11.09 6.88
CA GLY A 22 -7.27 -11.25 7.24
C GLY A 22 -8.22 -10.62 6.24
N TYR A 23 -7.92 -9.38 5.86
CA TYR A 23 -8.75 -8.66 4.89
C TYR A 23 -9.27 -9.60 3.81
N GLU A 24 -10.60 -9.76 3.77
CA GLU A 24 -11.22 -10.64 2.78
C GLU A 24 -11.18 -10.00 1.40
N HIS A 25 -11.04 -10.84 0.37
CA HIS A 25 -10.99 -10.37 -1.01
C HIS A 25 -9.74 -9.52 -1.24
N VAL A 26 -8.62 -9.93 -0.66
CA VAL A 26 -7.36 -9.21 -0.80
C VAL A 26 -6.17 -10.16 -0.74
N ASP A 27 -5.35 -10.15 -1.78
CA ASP A 27 -4.17 -11.01 -1.83
C ASP A 27 -3.04 -10.32 -2.59
N ILE A 28 -1.97 -9.99 -1.88
CA ILE A 28 -0.82 -9.34 -2.49
C ILE A 28 0.25 -10.36 -2.89
N GLN A 29 0.13 -10.88 -4.10
CA GLN A 29 1.08 -11.87 -4.60
C GLN A 29 2.22 -11.18 -5.34
N ASN A 30 1.90 -10.15 -6.09
CA ASN A 30 2.90 -9.41 -6.85
C ASN A 30 2.41 -8.00 -7.18
N PHE A 31 3.34 -7.06 -7.27
CA PHE A 31 2.99 -5.67 -7.57
C PHE A 31 2.70 -5.51 -9.06
N SER A 32 1.86 -6.40 -9.60
CA SER A 32 1.49 -6.35 -11.00
C SER A 32 -0.02 -6.23 -11.17
N SER A 33 -0.74 -7.30 -10.86
CA SER A 33 -2.19 -7.31 -10.97
C SER A 33 -2.84 -7.78 -9.68
N SER A 34 -2.32 -7.30 -8.55
CA SER A 34 -2.84 -7.68 -7.24
C SER A 34 -3.67 -6.55 -6.64
N TRP A 35 -3.34 -5.32 -7.00
CA TRP A 35 -4.05 -4.16 -6.50
C TRP A 35 -5.04 -3.64 -7.55
N SER A 36 -4.75 -3.90 -8.82
CA SER A 36 -5.60 -3.45 -9.91
C SER A 36 -7.08 -3.49 -9.49
N ASP A 37 -7.42 -4.46 -8.66
CA ASP A 37 -8.79 -4.61 -8.18
C ASP A 37 -9.27 -3.33 -7.51
N GLY A 38 -8.59 -2.95 -6.43
CA GLY A 38 -8.97 -1.75 -5.70
C GLY A 38 -8.94 -1.94 -4.20
N MET A 39 -9.83 -2.79 -3.70
CA MET A 39 -9.90 -3.06 -2.26
C MET A 39 -8.50 -3.19 -1.66
N ALA A 40 -7.65 -3.98 -2.32
CA ALA A 40 -6.28 -4.18 -1.85
C ALA A 40 -5.73 -2.91 -1.22
N PHE A 41 -5.60 -1.86 -2.01
CA PHE A 41 -5.08 -0.58 -1.54
C PHE A 41 -5.78 -0.16 -0.25
N CYS A 42 -7.11 -0.01 -0.32
CA CYS A 42 -7.90 0.39 0.84
C CYS A 42 -7.55 -0.46 2.05
N ALA A 43 -7.72 -1.76 1.93
CA ALA A 43 -7.41 -2.68 3.03
C ALA A 43 -6.09 -2.31 3.70
N LEU A 44 -5.06 -2.12 2.88
CA LEU A 44 -3.74 -1.77 3.40
C LEU A 44 -3.80 -0.50 4.23
N VAL A 45 -4.50 0.51 3.73
CA VAL A 45 -4.64 1.77 4.43
C VAL A 45 -5.50 1.62 5.68
N HIS A 46 -6.76 1.25 5.48
CA HIS A 46 -7.69 1.07 6.59
C HIS A 46 -6.97 0.51 7.81
N ASN A 47 -6.10 -0.48 7.59
CA ASN A 47 -5.34 -1.10 8.67
C ASN A 47 -4.71 -0.04 9.57
N PHE A 48 -4.03 0.92 8.94
CA PHE A 48 -3.37 2.00 9.69
C PHE A 48 -4.40 2.96 10.26
N PHE A 49 -5.16 3.62 9.39
CA PHE A 49 -6.16 4.58 9.80
C PHE A 49 -7.56 4.09 9.41
N PRO A 50 -8.18 3.30 10.30
CA PRO A 50 -9.52 2.75 10.07
C PRO A 50 -10.60 3.82 10.14
N GLU A 51 -10.45 4.75 11.07
CA GLU A 51 -11.41 5.84 11.23
C GLU A 51 -11.41 6.75 10.01
N ALA A 52 -10.23 7.04 9.49
CA ALA A 52 -10.10 7.89 8.31
C ALA A 52 -11.16 7.58 7.28
N PHE A 53 -11.50 6.29 7.16
CA PHE A 53 -12.51 5.86 6.20
C PHE A 53 -12.95 4.43 6.49
N ASP A 54 -14.18 4.10 6.11
CA ASP A 54 -14.72 2.77 6.33
C ASP A 54 -14.40 1.85 5.15
N TYR A 55 -13.80 0.71 5.44
CA TYR A 55 -13.43 -0.25 4.41
C TYR A 55 -14.65 -1.06 3.96
N GLY A 56 -15.30 -1.73 4.90
CA GLY A 56 -16.47 -2.53 4.58
C GLY A 56 -17.49 -1.76 3.77
N GLN A 57 -17.59 -0.45 4.03
CA GLN A 57 -18.54 0.40 3.32
C GLN A 57 -18.28 0.35 1.82
N LEU A 58 -17.01 0.36 1.44
CA LEU A 58 -16.63 0.33 0.02
C LEU A 58 -16.99 -1.02 -0.60
N SER A 59 -16.74 -1.15 -1.89
CA SER A 59 -17.04 -2.39 -2.61
C SER A 59 -15.94 -2.71 -3.62
N PRO A 60 -15.82 -4.00 -3.96
CA PRO A 60 -14.81 -4.47 -4.93
C PRO A 60 -15.10 -4.01 -6.35
N GLN A 61 -16.36 -4.16 -6.76
CA GLN A 61 -16.77 -3.76 -8.10
C GLN A 61 -16.26 -2.35 -8.43
N ASN A 62 -16.25 -1.48 -7.42
CA ASN A 62 -15.80 -0.11 -7.60
C ASN A 62 -14.31 -0.06 -7.90
N ARG A 63 -13.97 0.05 -9.18
CA ARG A 63 -12.58 0.11 -9.60
C ARG A 63 -11.97 1.47 -9.30
N ARG A 64 -12.83 2.49 -9.22
CA ARG A 64 -12.38 3.85 -8.95
C ARG A 64 -12.42 4.14 -7.45
N GLN A 65 -13.62 4.31 -6.91
CA GLN A 65 -13.78 4.60 -5.50
C GLN A 65 -12.75 3.85 -4.67
N ASN A 66 -12.56 2.57 -4.96
CA ASN A 66 -11.60 1.75 -4.24
C ASN A 66 -10.23 2.41 -4.21
N PHE A 67 -9.75 2.81 -5.38
CA PHE A 67 -8.45 3.46 -5.50
C PHE A 67 -8.48 4.84 -4.85
N GLU A 68 -9.25 5.74 -5.44
CA GLU A 68 -9.36 7.10 -4.93
C GLU A 68 -9.41 7.11 -3.40
N VAL A 69 -10.44 6.48 -2.84
CA VAL A 69 -10.59 6.42 -1.39
C VAL A 69 -9.27 6.08 -0.72
N ALA A 70 -8.64 4.99 -1.16
CA ALA A 70 -7.37 4.56 -0.60
C ALA A 70 -6.35 5.70 -0.60
N PHE A 71 -6.33 6.46 -1.68
CA PHE A 71 -5.40 7.58 -1.81
C PHE A 71 -5.80 8.72 -0.86
N SER A 72 -6.95 9.32 -1.13
CA SER A 72 -7.44 10.43 -0.31
C SER A 72 -7.31 10.10 1.17
N SER A 73 -7.94 9.01 1.58
CA SER A 73 -7.92 8.58 2.97
C SER A 73 -6.53 8.82 3.58
N ALA A 74 -5.50 8.49 2.83
CA ALA A 74 -4.12 8.68 3.29
C ALA A 74 -3.77 10.15 3.39
N GLU A 75 -3.84 10.85 2.26
CA GLU A 75 -3.52 12.27 2.22
C GLU A 75 -4.23 13.02 3.35
N THR A 76 -5.29 12.41 3.88
CA THR A 76 -6.05 13.01 4.96
C THR A 76 -5.14 13.56 6.05
N HIS A 77 -4.37 12.68 6.67
CA HIS A 77 -3.45 13.09 7.72
C HIS A 77 -2.00 12.83 7.30
N ALA A 78 -1.80 11.86 6.41
CA ALA A 78 -0.48 11.53 5.93
C ALA A 78 -0.01 12.52 4.86
N ASP A 79 -0.96 13.00 4.07
CA ASP A 79 -0.65 13.95 3.00
C ASP A 79 0.34 13.35 2.01
N CYS A 80 0.08 12.11 1.58
CA CYS A 80 0.94 11.43 0.64
C CYS A 80 0.67 11.90 -0.79
N PRO A 81 1.75 12.21 -1.52
CA PRO A 81 1.66 12.67 -2.90
C PRO A 81 1.20 11.58 -3.86
N GLN A 82 -0.04 11.68 -4.33
CA GLN A 82 -0.60 10.70 -5.25
C GLN A 82 0.32 10.50 -6.44
N LEU A 83 0.82 9.28 -6.60
CA LEU A 83 1.71 8.95 -7.71
C LEU A 83 0.96 8.25 -8.83
N LEU A 84 0.20 7.21 -8.47
CA LEU A 84 -0.58 6.46 -9.44
C LEU A 84 -1.84 7.21 -9.84
N ASP A 85 -2.08 7.30 -11.14
CA ASP A 85 -3.26 8.00 -11.65
C ASP A 85 -4.44 7.03 -11.78
N THR A 86 -5.21 6.89 -10.71
CA THR A 86 -6.37 6.01 -10.71
C THR A 86 -7.04 5.98 -12.08
N GLU A 87 -7.41 7.15 -12.57
CA GLU A 87 -8.06 7.26 -13.88
C GLU A 87 -7.38 6.35 -14.90
N ASP A 88 -6.05 6.40 -14.93
CA ASP A 88 -5.27 5.59 -15.85
C ASP A 88 -5.14 4.16 -15.35
N MET A 89 -5.14 4.00 -14.03
CA MET A 89 -5.03 2.68 -13.41
C MET A 89 -6.21 1.80 -13.79
N VAL A 90 -7.41 2.34 -13.66
CA VAL A 90 -8.62 1.60 -13.99
C VAL A 90 -8.53 0.96 -15.36
N ARG A 91 -8.42 1.79 -16.40
CA ARG A 91 -8.32 1.30 -17.77
C ARG A 91 -7.11 0.39 -17.92
N LEU A 92 -5.99 0.78 -17.34
CA LEU A 92 -4.76 0.00 -17.42
C LEU A 92 -4.99 -1.42 -16.93
N ARG A 93 -4.87 -2.39 -17.85
CA ARG A 93 -5.08 -3.79 -17.51
C ARG A 93 -4.47 -4.12 -16.14
N GLU A 94 -3.36 -3.46 -15.82
CA GLU A 94 -2.69 -3.68 -14.55
C GLU A 94 -1.69 -2.56 -14.26
N PRO A 95 -1.58 -2.19 -12.98
CA PRO A 95 -0.67 -1.13 -12.54
C PRO A 95 0.80 -1.53 -12.66
N ASP A 96 1.54 -0.84 -13.51
CA ASP A 96 2.95 -1.13 -13.71
C ASP A 96 3.69 -1.18 -12.37
N TRP A 97 4.25 -2.34 -12.06
CA TRP A 97 4.99 -2.52 -10.81
C TRP A 97 6.00 -1.40 -10.60
N LYS A 98 6.73 -1.07 -11.66
CA LYS A 98 7.73 -0.01 -11.60
C LYS A 98 7.24 1.15 -10.73
N CYS A 99 5.99 1.57 -10.96
CA CYS A 99 5.41 2.66 -10.20
C CYS A 99 4.89 2.17 -8.85
N VAL A 100 3.98 1.20 -8.89
CA VAL A 100 3.41 0.64 -7.66
C VAL A 100 4.44 0.57 -6.55
N TYR A 101 5.52 -0.17 -6.80
CA TYR A 101 6.58 -0.31 -5.82
C TYR A 101 6.94 1.03 -5.18
N THR A 102 7.05 2.06 -6.01
CA THR A 102 7.38 3.39 -5.54
C THR A 102 6.40 3.85 -4.46
N TYR A 103 5.11 3.80 -4.79
CA TYR A 103 4.07 4.22 -3.85
C TYR A 103 4.27 3.56 -2.48
N ILE A 104 4.23 2.22 -2.47
CA ILE A 104 4.42 1.47 -1.23
C ILE A 104 5.61 1.99 -0.44
N GLN A 105 6.60 2.51 -1.15
CA GLN A 105 7.80 3.04 -0.52
C GLN A 105 7.56 4.45 0.02
N GLU A 106 6.98 5.31 -0.82
CA GLU A 106 6.69 6.68 -0.44
C GLU A 106 5.88 6.72 0.85
N PHE A 107 4.80 5.94 0.89
CA PHE A 107 3.94 5.89 2.07
C PHE A 107 4.68 5.32 3.27
N TYR A 108 5.50 4.29 3.02
CA TYR A 108 6.26 3.66 4.08
C TYR A 108 7.15 4.66 4.79
N ARG A 109 7.33 5.83 4.18
CA ARG A 109 8.15 6.88 4.76
C ARG A 109 7.32 7.83 5.61
N CYS A 110 6.08 8.05 5.18
CA CYS A 110 5.17 8.94 5.91
C CYS A 110 4.70 8.30 7.20
N LEU A 111 4.42 7.00 7.16
CA LEU A 111 3.96 6.27 8.33
C LEU A 111 5.00 6.32 9.44
N VAL A 112 6.23 5.96 9.09
CA VAL A 112 7.33 5.95 10.06
C VAL A 112 7.32 7.23 10.91
N GLN A 113 7.02 8.35 10.26
CA GLN A 113 6.97 9.64 10.95
C GLN A 113 5.89 9.64 12.03
N LYS A 114 4.65 9.38 11.62
CA LYS A 114 3.52 9.35 12.54
C LYS A 114 3.77 8.36 13.67
N GLY A 115 4.57 7.33 13.38
CA GLY A 115 4.87 6.33 14.39
C GLY A 115 4.08 5.05 14.20
N LEU A 116 3.65 4.81 12.97
CA LEU A 116 2.87 3.61 12.65
C LEU A 116 3.78 2.43 12.34
N VAL A 117 4.94 2.74 11.74
CA VAL A 117 5.91 1.71 11.39
C VAL A 117 7.30 2.06 11.91
N LYS A 118 7.68 1.46 13.03
CA LYS A 118 8.98 1.70 13.63
C LYS A 118 9.41 0.52 14.50
N THR A 119 10.67 0.12 14.36
CA THR A 119 11.22 -0.99 15.13
C THR A 119 12.50 -0.59 15.85
N LYS A 120 12.59 0.68 16.22
CA LYS A 120 13.77 1.18 16.92
C LYS A 120 15.00 1.13 16.02
N LYS A 121 14.78 1.21 14.71
CA LYS A 121 15.86 1.17 13.75
C LYS A 121 15.50 1.96 12.49
N SER A 122 16.35 2.93 12.14
CA SER A 122 16.12 3.76 10.97
C SER A 122 17.35 3.78 10.07
N SER A 123 17.14 4.10 8.79
CA SER A 123 18.24 4.16 7.83
C SER A 123 18.96 5.50 7.91
N GLY A 124 20.04 5.54 8.67
CA GLY A 124 20.80 6.77 8.82
C GLY A 124 19.96 7.90 9.38
N PRO A 125 20.40 9.15 9.12
CA PRO A 125 19.71 10.35 9.60
C PRO A 125 18.38 10.56 8.88
N SER A 126 17.37 10.97 9.63
CA SER A 126 16.04 11.22 9.07
C SER A 126 16.13 12.17 7.88
N SER A 127 15.89 11.63 6.69
CA SER A 127 15.94 12.43 5.46
C SER A 127 15.17 13.74 5.64
N GLY A 128 15.74 14.83 5.12
CA GLY A 128 15.10 16.12 5.23
C GLY A 128 16.00 17.16 5.87
N GLY A 1 13.67 -24.11 4.49
CA GLY A 1 13.08 -23.53 3.30
C GLY A 1 14.08 -22.82 2.42
N SER A 2 13.65 -22.39 1.25
CA SER A 2 14.52 -21.70 0.31
C SER A 2 14.94 -20.34 0.86
N SER A 3 16.14 -20.29 1.45
CA SER A 3 16.65 -19.06 2.03
C SER A 3 16.66 -17.94 0.98
N GLY A 4 16.54 -16.70 1.45
CA GLY A 4 16.53 -15.56 0.56
C GLY A 4 16.63 -14.24 1.30
N SER A 5 15.47 -13.62 1.53
CA SER A 5 15.43 -12.33 2.22
C SER A 5 16.53 -11.39 1.71
N SER A 6 16.68 -11.34 0.39
CA SER A 6 17.68 -10.49 -0.22
C SER A 6 17.04 -9.45 -1.15
N GLY A 7 16.87 -8.24 -0.62
CA GLY A 7 16.26 -7.18 -1.41
C GLY A 7 15.09 -6.52 -0.69
N ILE A 8 14.76 -5.30 -1.11
CA ILE A 8 13.66 -4.56 -0.50
C ILE A 8 12.33 -4.98 -1.10
N LYS A 9 12.30 -5.15 -2.42
CA LYS A 9 11.09 -5.54 -3.12
C LYS A 9 10.45 -6.76 -2.47
N GLN A 10 11.26 -7.53 -1.75
CA GLN A 10 10.77 -8.73 -1.07
C GLN A 10 10.18 -8.37 0.29
N MET A 11 10.86 -7.52 1.03
CA MET A 11 10.40 -7.10 2.34
C MET A 11 9.11 -6.30 2.24
N LEU A 12 8.98 -5.53 1.16
CA LEU A 12 7.79 -4.72 0.95
C LEU A 12 6.56 -5.60 0.77
N LEU A 13 6.67 -6.63 -0.07
CA LEU A 13 5.57 -7.55 -0.33
C LEU A 13 5.15 -8.25 0.96
N ASP A 14 6.12 -8.83 1.66
CA ASP A 14 5.84 -9.53 2.91
C ASP A 14 5.23 -8.60 3.94
N TRP A 15 5.77 -7.39 4.02
CA TRP A 15 5.27 -6.39 4.97
C TRP A 15 3.82 -6.03 4.67
N CYS A 16 3.54 -5.74 3.41
CA CYS A 16 2.19 -5.37 2.99
C CYS A 16 1.17 -6.39 3.50
N ARG A 17 1.52 -7.66 3.40
CA ARG A 17 0.64 -8.73 3.85
C ARG A 17 0.36 -8.63 5.34
N ALA A 18 1.41 -8.36 6.12
CA ALA A 18 1.28 -8.24 7.57
C ALA A 18 0.34 -7.10 7.93
N LYS A 19 0.25 -6.11 7.05
CA LYS A 19 -0.62 -4.96 7.28
C LYS A 19 -1.97 -5.14 6.58
N THR A 20 -2.08 -6.22 5.80
CA THR A 20 -3.31 -6.50 5.08
C THR A 20 -3.71 -7.97 5.24
N ARG A 21 -3.19 -8.61 6.27
CA ARG A 21 -3.49 -10.01 6.54
C ARG A 21 -4.87 -10.16 7.17
N GLY A 22 -5.67 -11.07 6.61
CA GLY A 22 -7.01 -11.31 7.14
C GLY A 22 -8.08 -10.74 6.22
N TYR A 23 -7.82 -9.58 5.65
CA TYR A 23 -8.78 -8.93 4.76
C TYR A 23 -9.32 -9.93 3.74
N GLU A 24 -10.65 -10.06 3.70
CA GLU A 24 -11.30 -10.98 2.78
C GLU A 24 -11.14 -10.50 1.34
N HIS A 25 -11.41 -11.40 0.40
CA HIS A 25 -11.31 -11.06 -1.02
C HIS A 25 -10.06 -10.23 -1.29
N VAL A 26 -9.03 -10.42 -0.47
CA VAL A 26 -7.78 -9.69 -0.61
C VAL A 26 -6.58 -10.62 -0.55
N ASP A 27 -5.60 -10.39 -1.42
CA ASP A 27 -4.40 -11.21 -1.47
C ASP A 27 -3.28 -10.49 -2.21
N ILE A 28 -2.24 -10.11 -1.47
CA ILE A 28 -1.10 -9.42 -2.07
C ILE A 28 0.01 -10.39 -2.44
N GLN A 29 0.06 -10.79 -3.71
CA GLN A 29 1.07 -11.71 -4.18
C GLN A 29 2.16 -10.99 -4.96
N ASN A 30 1.77 -9.95 -5.69
CA ASN A 30 2.71 -9.17 -6.48
C ASN A 30 2.11 -7.82 -6.87
N PHE A 31 2.97 -6.88 -7.25
CA PHE A 31 2.52 -5.55 -7.65
C PHE A 31 2.21 -5.50 -9.14
N SER A 32 1.48 -6.52 -9.61
CA SER A 32 1.11 -6.59 -11.02
C SER A 32 -0.40 -6.40 -11.19
N SER A 33 -1.18 -7.28 -10.58
CA SER A 33 -2.63 -7.21 -10.67
C SER A 33 -3.26 -7.27 -9.29
N SER A 34 -2.64 -8.03 -8.40
CA SER A 34 -3.15 -8.18 -7.03
C SER A 34 -3.71 -6.86 -6.52
N TRP A 35 -3.19 -5.76 -7.03
CA TRP A 35 -3.64 -4.43 -6.63
C TRP A 35 -4.69 -3.89 -7.59
N SER A 36 -4.52 -4.21 -8.87
CA SER A 36 -5.45 -3.75 -9.90
C SER A 36 -6.88 -3.76 -9.38
N ASP A 37 -7.23 -4.80 -8.63
CA ASP A 37 -8.57 -4.92 -8.07
C ASP A 37 -9.00 -3.62 -7.41
N GLY A 38 -8.24 -3.19 -6.41
CA GLY A 38 -8.56 -1.96 -5.71
C GLY A 38 -8.61 -2.15 -4.21
N MET A 39 -9.59 -2.92 -3.74
CA MET A 39 -9.74 -3.19 -2.32
C MET A 39 -8.38 -3.35 -1.64
N ALA A 40 -7.45 -3.99 -2.36
CA ALA A 40 -6.12 -4.22 -1.82
C ALA A 40 -5.56 -2.96 -1.15
N PHE A 41 -5.34 -1.92 -1.96
CA PHE A 41 -4.82 -0.66 -1.45
C PHE A 41 -5.59 -0.21 -0.21
N CYS A 42 -6.91 -0.19 -0.31
CA CYS A 42 -7.76 0.22 0.79
C CYS A 42 -7.35 -0.49 2.09
N ALA A 43 -7.53 -1.81 2.09
CA ALA A 43 -7.18 -2.62 3.26
C ALA A 43 -5.85 -2.17 3.86
N LEU A 44 -4.82 -2.11 3.02
CA LEU A 44 -3.50 -1.70 3.47
C LEU A 44 -3.57 -0.39 4.26
N VAL A 45 -4.39 0.53 3.79
CA VAL A 45 -4.55 1.82 4.45
C VAL A 45 -5.45 1.70 5.68
N HIS A 46 -6.70 1.31 5.45
CA HIS A 46 -7.65 1.16 6.55
C HIS A 46 -6.97 0.62 7.79
N ASN A 47 -6.10 -0.37 7.61
CA ASN A 47 -5.38 -0.97 8.72
C ASN A 47 -4.76 0.10 9.61
N PHE A 48 -4.07 1.04 9.00
CA PHE A 48 -3.43 2.13 9.73
C PHE A 48 -4.47 3.10 10.30
N PHE A 49 -5.26 3.69 9.40
CA PHE A 49 -6.29 4.64 9.81
C PHE A 49 -7.68 4.09 9.49
N PRO A 50 -8.24 3.31 10.44
CA PRO A 50 -9.57 2.71 10.28
C PRO A 50 -10.68 3.75 10.34
N GLU A 51 -10.53 4.72 11.25
CA GLU A 51 -11.53 5.78 11.41
C GLU A 51 -11.54 6.70 10.19
N ALA A 52 -10.38 6.90 9.59
CA ALA A 52 -10.25 7.75 8.43
C ALA A 52 -11.36 7.46 7.41
N PHE A 53 -11.63 6.17 7.20
CA PHE A 53 -12.67 5.77 6.26
C PHE A 53 -13.15 4.36 6.57
N ASP A 54 -14.31 4.00 6.01
CA ASP A 54 -14.89 2.68 6.24
C ASP A 54 -14.48 1.72 5.12
N TYR A 55 -14.30 0.45 5.48
CA TYR A 55 -13.90 -0.57 4.52
C TYR A 55 -15.13 -1.28 3.94
N GLY A 56 -15.93 -1.87 4.82
CA GLY A 56 -17.12 -2.56 4.38
C GLY A 56 -18.02 -1.70 3.52
N GLN A 57 -17.90 -0.38 3.68
CA GLN A 57 -18.70 0.56 2.90
C GLN A 57 -18.31 0.53 1.43
N LEU A 58 -17.02 0.39 1.17
CA LEU A 58 -16.52 0.35 -0.20
C LEU A 58 -16.95 -0.93 -0.90
N SER A 59 -16.66 -1.02 -2.19
CA SER A 59 -17.02 -2.19 -2.97
C SER A 59 -15.88 -2.60 -3.90
N PRO A 60 -15.78 -3.91 -4.19
CA PRO A 60 -14.75 -4.46 -5.06
C PRO A 60 -14.93 -4.04 -6.52
N GLN A 61 -16.17 -4.10 -7.00
CA GLN A 61 -16.48 -3.74 -8.38
C GLN A 61 -15.90 -2.36 -8.70
N ASN A 62 -15.77 -1.52 -7.69
CA ASN A 62 -15.24 -0.18 -7.89
C ASN A 62 -13.71 -0.21 -8.03
N ARG A 63 -13.24 -0.22 -9.27
CA ARG A 63 -11.82 -0.26 -9.54
C ARG A 63 -11.19 1.11 -9.31
N ARG A 64 -12.02 2.14 -9.32
CA ARG A 64 -11.54 3.51 -9.11
C ARG A 64 -11.68 3.91 -7.64
N GLN A 65 -12.91 4.21 -7.24
CA GLN A 65 -13.18 4.61 -5.86
C GLN A 65 -12.24 3.91 -4.89
N ASN A 66 -12.07 2.60 -5.09
CA ASN A 66 -11.19 1.81 -4.22
C ASN A 66 -9.81 2.46 -4.10
N PHE A 67 -9.23 2.81 -5.24
CA PHE A 67 -7.91 3.43 -5.26
C PHE A 67 -7.98 4.86 -4.70
N GLU A 68 -8.89 5.66 -5.24
CA GLU A 68 -9.06 7.03 -4.80
C GLU A 68 -9.13 7.11 -3.28
N VAL A 69 -10.05 6.36 -2.69
CA VAL A 69 -10.22 6.35 -1.24
C VAL A 69 -8.90 6.07 -0.54
N ALA A 70 -8.23 4.99 -0.94
CA ALA A 70 -6.95 4.63 -0.35
C ALA A 70 -5.97 5.79 -0.38
N PHE A 71 -5.96 6.51 -1.51
CA PHE A 71 -5.06 7.65 -1.67
C PHE A 71 -5.50 8.82 -0.79
N SER A 72 -6.67 9.38 -1.10
CA SER A 72 -7.19 10.50 -0.34
C SER A 72 -7.15 10.22 1.16
N SER A 73 -7.83 9.16 1.57
CA SER A 73 -7.87 8.78 2.98
C SER A 73 -6.54 9.09 3.67
N ALA A 74 -5.45 8.75 2.99
CA ALA A 74 -4.12 8.98 3.52
C ALA A 74 -3.78 10.48 3.54
N GLU A 75 -4.00 11.13 2.41
CA GLU A 75 -3.72 12.56 2.28
C GLU A 75 -4.32 13.33 3.45
N THR A 76 -5.38 12.77 4.04
CA THR A 76 -6.05 13.41 5.17
C THR A 76 -5.04 13.89 6.21
N HIS A 77 -4.45 12.94 6.93
CA HIS A 77 -3.47 13.27 7.96
C HIS A 77 -2.08 12.83 7.54
N ALA A 78 -2.01 11.91 6.58
CA ALA A 78 -0.74 11.40 6.09
C ALA A 78 -0.17 12.31 5.02
N ASP A 79 -1.01 13.16 4.44
CA ASP A 79 -0.59 14.09 3.40
C ASP A 79 0.36 13.41 2.41
N CYS A 80 -0.05 12.25 1.92
CA CYS A 80 0.76 11.50 0.97
C CYS A 80 0.57 12.03 -0.44
N PRO A 81 1.68 12.17 -1.18
CA PRO A 81 1.67 12.68 -2.55
C PRO A 81 1.04 11.68 -3.53
N GLN A 82 -0.02 12.12 -4.21
CA GLN A 82 -0.71 11.27 -5.17
C GLN A 82 0.12 11.08 -6.43
N LEU A 83 0.70 9.89 -6.59
CA LEU A 83 1.53 9.58 -7.74
C LEU A 83 0.71 8.85 -8.81
N LEU A 84 0.18 7.70 -8.45
CA LEU A 84 -0.62 6.90 -9.37
C LEU A 84 -1.86 7.67 -9.82
N ASP A 85 -2.41 7.28 -10.97
CA ASP A 85 -3.60 7.93 -11.51
C ASP A 85 -4.74 6.93 -11.69
N THR A 86 -5.65 6.91 -10.71
CA THR A 86 -6.78 6.00 -10.75
C THR A 86 -7.44 6.01 -12.13
N GLU A 87 -7.67 7.21 -12.68
CA GLU A 87 -8.29 7.35 -13.98
C GLU A 87 -7.56 6.50 -15.02
N ASP A 88 -6.24 6.39 -14.87
CA ASP A 88 -5.42 5.62 -15.79
C ASP A 88 -5.28 4.17 -15.32
N MET A 89 -5.38 3.98 -14.01
CA MET A 89 -5.26 2.64 -13.42
C MET A 89 -6.45 1.77 -13.83
N VAL A 90 -7.63 2.37 -13.84
CA VAL A 90 -8.85 1.64 -14.21
C VAL A 90 -8.74 1.05 -15.62
N ARG A 91 -8.67 1.93 -16.61
CA ARG A 91 -8.57 1.50 -18.01
C ARG A 91 -7.37 0.58 -18.20
N LEU A 92 -6.24 0.96 -17.62
CA LEU A 92 -5.01 0.17 -17.73
C LEU A 92 -5.29 -1.30 -17.41
N ARG A 93 -4.69 -2.20 -18.18
CA ARG A 93 -4.87 -3.63 -17.98
C ARG A 93 -4.40 -4.04 -16.59
N GLU A 94 -3.33 -3.42 -16.12
CA GLU A 94 -2.77 -3.72 -14.81
C GLU A 94 -1.70 -2.71 -14.42
N PRO A 95 -1.66 -2.36 -13.12
CA PRO A 95 -0.69 -1.40 -12.59
C PRO A 95 0.74 -1.95 -12.59
N ASP A 96 1.60 -1.34 -13.40
CA ASP A 96 2.99 -1.77 -13.49
C ASP A 96 3.67 -1.69 -12.12
N TRP A 97 4.33 -2.78 -11.74
CA TRP A 97 5.02 -2.83 -10.44
C TRP A 97 5.88 -1.59 -10.25
N LYS A 98 6.58 -1.18 -11.30
CA LYS A 98 7.44 -0.01 -11.24
C LYS A 98 6.70 1.18 -10.62
N CYS A 99 5.44 1.34 -10.99
CA CYS A 99 4.62 2.43 -10.48
C CYS A 99 4.16 2.15 -9.06
N VAL A 100 3.36 1.10 -8.90
CA VAL A 100 2.86 0.71 -7.58
C VAL A 100 3.96 0.79 -6.53
N TYR A 101 5.04 0.04 -6.77
CA TYR A 101 6.17 0.02 -5.84
C TYR A 101 6.51 1.41 -5.35
N THR A 102 6.51 2.37 -6.28
CA THR A 102 6.82 3.75 -5.95
C THR A 102 5.99 4.25 -4.77
N TYR A 103 4.67 4.12 -4.89
CA TYR A 103 3.77 4.55 -3.83
C TYR A 103 4.09 3.85 -2.52
N ILE A 104 4.02 2.52 -2.53
CA ILE A 104 4.30 1.73 -1.34
C ILE A 104 5.49 2.29 -0.59
N GLN A 105 6.58 2.55 -1.30
CA GLN A 105 7.79 3.09 -0.70
C GLN A 105 7.55 4.50 -0.16
N GLU A 106 6.96 5.35 -0.99
CA GLU A 106 6.67 6.73 -0.59
C GLU A 106 5.86 6.76 0.70
N PHE A 107 4.70 6.12 0.68
CA PHE A 107 3.83 6.08 1.85
C PHE A 107 4.57 5.54 3.07
N TYR A 108 5.16 4.36 2.92
CA TYR A 108 5.90 3.74 4.01
C TYR A 108 6.76 4.76 4.74
N ARG A 109 7.54 5.53 3.97
CA ARG A 109 8.41 6.55 4.54
C ARG A 109 7.63 7.48 5.46
N CYS A 110 6.40 7.81 5.06
CA CYS A 110 5.55 8.69 5.85
C CYS A 110 5.15 8.02 7.16
N LEU A 111 4.61 6.81 7.06
CA LEU A 111 4.18 6.07 8.24
C LEU A 111 5.30 5.99 9.28
N VAL A 112 6.41 5.38 8.89
CA VAL A 112 7.55 5.25 9.78
C VAL A 112 7.76 6.50 10.62
N GLN A 113 7.65 7.66 9.97
CA GLN A 113 7.81 8.93 10.66
C GLN A 113 6.60 9.24 11.53
N LYS A 114 5.42 8.99 11.01
CA LYS A 114 4.18 9.24 11.74
C LYS A 114 4.17 8.48 13.07
N GLY A 115 4.74 7.28 13.07
CA GLY A 115 4.79 6.49 14.28
C GLY A 115 3.90 5.26 14.20
N LEU A 116 3.70 4.76 12.98
CA LEU A 116 2.87 3.59 12.77
C LEU A 116 3.73 2.34 12.54
N VAL A 117 4.80 2.50 11.77
CA VAL A 117 5.71 1.41 11.47
C VAL A 117 6.94 1.45 12.36
N LYS A 118 7.24 0.34 13.02
CA LYS A 118 8.39 0.25 13.91
C LYS A 118 9.69 0.29 13.10
N THR A 119 10.73 0.87 13.70
CA THR A 119 12.03 0.97 13.04
C THR A 119 12.54 -0.41 12.62
N LYS A 120 12.18 -0.82 11.40
CA LYS A 120 12.60 -2.11 10.88
C LYS A 120 13.19 -1.96 9.49
N LYS A 121 13.97 -0.91 9.29
CA LYS A 121 14.60 -0.67 7.99
C LYS A 121 16.09 -0.99 8.04
N SER A 122 16.70 -1.14 6.86
CA SER A 122 18.11 -1.44 6.76
C SER A 122 18.81 -0.54 5.74
N SER A 123 18.10 -0.27 4.64
CA SER A 123 18.65 0.58 3.59
C SER A 123 19.21 1.88 4.16
N GLY A 124 19.89 2.65 3.32
CA GLY A 124 20.47 3.90 3.75
C GLY A 124 20.54 4.94 2.65
N PRO A 125 21.44 5.91 2.80
CA PRO A 125 21.63 6.99 1.82
C PRO A 125 22.25 6.48 0.52
N SER A 126 23.11 5.48 0.64
CA SER A 126 23.79 4.90 -0.52
C SER A 126 22.78 4.49 -1.58
N SER A 127 23.11 4.75 -2.84
CA SER A 127 22.23 4.41 -3.95
C SER A 127 22.80 3.24 -4.75
N GLY A 128 21.95 2.62 -5.56
CA GLY A 128 22.37 1.49 -6.36
C GLY A 128 21.47 0.29 -6.21
N GLY A 1 21.22 -22.74 6.56
CA GLY A 1 21.41 -22.04 7.82
C GLY A 1 20.27 -21.06 8.12
N SER A 2 20.64 -19.85 8.55
CA SER A 2 19.65 -18.83 8.87
C SER A 2 19.02 -18.26 7.59
N SER A 3 17.76 -18.62 7.36
CA SER A 3 17.05 -18.15 6.19
C SER A 3 16.94 -16.63 6.18
N GLY A 4 17.70 -16.00 5.28
CA GLY A 4 17.68 -14.54 5.20
C GLY A 4 16.82 -14.05 4.04
N SER A 5 16.93 -12.76 3.73
CA SER A 5 16.16 -12.16 2.66
C SER A 5 16.83 -10.89 2.15
N SER A 6 17.15 -10.86 0.86
CA SER A 6 17.79 -9.70 0.26
C SER A 6 16.84 -8.98 -0.69
N GLY A 7 17.06 -7.68 -0.87
CA GLY A 7 16.21 -6.91 -1.75
C GLY A 7 15.01 -6.33 -1.03
N ILE A 8 14.72 -5.05 -1.28
CA ILE A 8 13.60 -4.38 -0.66
C ILE A 8 12.27 -4.88 -1.23
N LYS A 9 12.22 -5.01 -2.54
CA LYS A 9 11.02 -5.49 -3.22
C LYS A 9 10.35 -6.61 -2.44
N GLN A 10 11.15 -7.37 -1.71
CA GLN A 10 10.65 -8.48 -0.91
C GLN A 10 10.06 -7.97 0.41
N MET A 11 10.93 -7.52 1.30
CA MET A 11 10.50 -7.00 2.60
C MET A 11 9.18 -6.25 2.47
N LEU A 12 8.99 -5.57 1.34
CA LEU A 12 7.77 -4.81 1.09
C LEU A 12 6.57 -5.74 0.96
N LEU A 13 6.66 -6.68 0.03
CA LEU A 13 5.58 -7.63 -0.19
C LEU A 13 5.26 -8.40 1.08
N ASP A 14 6.28 -8.94 1.72
CA ASP A 14 6.10 -9.70 2.95
C ASP A 14 5.45 -8.83 4.03
N TRP A 15 5.87 -7.58 4.12
CA TRP A 15 5.32 -6.65 5.10
C TRP A 15 3.87 -6.34 4.80
N CYS A 16 3.62 -5.78 3.62
CA CYS A 16 2.27 -5.42 3.21
C CYS A 16 1.27 -6.49 3.66
N ARG A 17 1.67 -7.75 3.55
CA ARG A 17 0.81 -8.85 3.94
C ARG A 17 0.52 -8.82 5.44
N ALA A 18 1.56 -8.62 6.24
CA ALA A 18 1.42 -8.56 7.68
C ALA A 18 0.36 -7.54 8.09
N LYS A 19 0.26 -6.46 7.32
CA LYS A 19 -0.72 -5.41 7.60
C LYS A 19 -2.00 -5.64 6.82
N THR A 20 -1.91 -6.45 5.77
CA THR A 20 -3.07 -6.76 4.93
C THR A 20 -3.39 -8.24 4.95
N ARG A 21 -3.20 -8.87 6.11
CA ARG A 21 -3.48 -10.29 6.26
C ARG A 21 -4.87 -10.52 6.84
N GLY A 22 -5.66 -11.34 6.17
CA GLY A 22 -7.00 -11.64 6.64
C GLY A 22 -8.07 -10.93 5.82
N TYR A 23 -7.80 -9.68 5.46
CA TYR A 23 -8.75 -8.89 4.67
C TYR A 23 -9.40 -9.75 3.60
N GLU A 24 -10.73 -9.76 3.59
CA GLU A 24 -11.47 -10.53 2.60
C GLU A 24 -11.23 -10.01 1.19
N HIS A 25 -11.49 -10.85 0.20
CA HIS A 25 -11.29 -10.48 -1.20
C HIS A 25 -10.04 -9.62 -1.36
N VAL A 26 -8.99 -9.98 -0.63
CA VAL A 26 -7.73 -9.23 -0.69
C VAL A 26 -6.54 -10.15 -0.49
N ASP A 27 -5.57 -10.06 -1.41
CA ASP A 27 -4.37 -10.88 -1.33
C ASP A 27 -3.23 -10.24 -2.11
N ILE A 28 -2.22 -9.76 -1.38
CA ILE A 28 -1.06 -9.13 -2.00
C ILE A 28 0.00 -10.16 -2.37
N GLN A 29 -0.13 -10.73 -3.56
CA GLN A 29 0.82 -11.74 -4.03
C GLN A 29 1.97 -11.08 -4.79
N ASN A 30 1.64 -10.08 -5.60
CA ASN A 30 2.65 -9.36 -6.38
C ASN A 30 2.25 -7.91 -6.60
N PHE A 31 3.06 -7.18 -7.34
CA PHE A 31 2.79 -5.77 -7.62
C PHE A 31 2.43 -5.56 -9.08
N SER A 32 1.73 -6.55 -9.65
CA SER A 32 1.32 -6.48 -11.04
C SER A 32 -0.19 -6.33 -11.17
N SER A 33 -0.91 -7.43 -10.93
CA SER A 33 -2.36 -7.44 -11.00
C SER A 33 -2.98 -7.85 -9.67
N SER A 34 -2.34 -7.41 -8.58
CA SER A 34 -2.83 -7.73 -7.24
C SER A 34 -3.68 -6.60 -6.69
N TRP A 35 -3.34 -5.36 -7.06
CA TRP A 35 -4.08 -4.20 -6.61
C TRP A 35 -5.09 -3.75 -7.66
N SER A 36 -4.81 -4.08 -8.92
CA SER A 36 -5.70 -3.70 -10.02
C SER A 36 -7.16 -3.73 -9.57
N ASP A 37 -7.51 -4.74 -8.79
CA ASP A 37 -8.87 -4.88 -8.30
C ASP A 37 -9.35 -3.59 -7.61
N GLY A 38 -8.64 -3.19 -6.56
CA GLY A 38 -9.00 -1.98 -5.84
C GLY A 38 -8.92 -2.16 -4.34
N MET A 39 -9.87 -2.89 -3.77
CA MET A 39 -9.91 -3.13 -2.33
C MET A 39 -8.49 -3.27 -1.78
N ALA A 40 -7.66 -4.06 -2.46
CA ALA A 40 -6.29 -4.27 -2.03
C ALA A 40 -5.71 -3.01 -1.40
N PHE A 41 -5.57 -1.96 -2.19
CA PHE A 41 -5.03 -0.69 -1.71
C PHE A 41 -5.76 -0.23 -0.45
N CYS A 42 -7.08 -0.16 -0.54
CA CYS A 42 -7.91 0.26 0.59
C CYS A 42 -7.52 -0.49 1.86
N ALA A 43 -7.59 -1.81 1.81
CA ALA A 43 -7.24 -2.63 2.96
C ALA A 43 -5.92 -2.19 3.56
N LEU A 44 -4.88 -2.11 2.73
CA LEU A 44 -3.56 -1.71 3.19
C LEU A 44 -3.64 -0.43 4.02
N VAL A 45 -4.43 0.53 3.55
CA VAL A 45 -4.59 1.79 4.25
C VAL A 45 -5.44 1.62 5.51
N HIS A 46 -6.69 1.22 5.32
CA HIS A 46 -7.60 1.01 6.43
C HIS A 46 -6.85 0.48 7.66
N ASN A 47 -5.96 -0.47 7.43
CA ASN A 47 -5.18 -1.07 8.51
C ASN A 47 -4.51 0.02 9.35
N PHE A 48 -3.88 0.97 8.68
CA PHE A 48 -3.20 2.06 9.37
C PHE A 48 -4.21 3.02 9.99
N PHE A 49 -5.06 3.60 9.15
CA PHE A 49 -6.08 4.54 9.62
C PHE A 49 -7.48 4.01 9.34
N PRO A 50 -8.02 3.22 10.29
CA PRO A 50 -9.36 2.63 10.17
C PRO A 50 -10.46 3.68 10.27
N GLU A 51 -10.30 4.61 11.21
CA GLU A 51 -11.29 5.67 11.41
C GLU A 51 -11.37 6.57 10.18
N ALA A 52 -10.22 6.93 9.64
CA ALA A 52 -10.16 7.78 8.45
C ALA A 52 -11.29 7.44 7.48
N PHE A 53 -11.54 6.15 7.30
CA PHE A 53 -12.58 5.69 6.40
C PHE A 53 -12.96 4.25 6.69
N ASP A 54 -14.24 3.92 6.51
CA ASP A 54 -14.73 2.57 6.74
C ASP A 54 -14.39 1.66 5.57
N TYR A 55 -13.84 0.49 5.88
CA TYR A 55 -13.47 -0.48 4.86
C TYR A 55 -14.70 -1.25 4.37
N GLY A 56 -15.33 -1.99 5.29
CA GLY A 56 -16.50 -2.76 4.94
C GLY A 56 -17.47 -1.99 4.06
N GLN A 57 -17.54 -0.67 4.28
CA GLN A 57 -18.43 0.17 3.50
C GLN A 57 -18.08 0.13 2.02
N LEU A 58 -16.79 0.11 1.72
CA LEU A 58 -16.32 0.06 0.34
C LEU A 58 -16.70 -1.27 -0.33
N SER A 59 -16.66 -1.29 -1.65
CA SER A 59 -17.01 -2.49 -2.41
C SER A 59 -15.96 -2.79 -3.47
N PRO A 60 -15.84 -4.07 -3.84
CA PRO A 60 -14.88 -4.51 -4.87
C PRO A 60 -15.26 -4.03 -6.26
N GLN A 61 -16.53 -4.17 -6.61
CA GLN A 61 -17.02 -3.76 -7.91
C GLN A 61 -16.55 -2.36 -8.25
N ASN A 62 -16.39 -1.53 -7.23
CA ASN A 62 -15.94 -0.14 -7.41
C ASN A 62 -14.44 -0.10 -7.65
N ARG A 63 -14.04 -0.04 -8.92
CA ARG A 63 -12.64 0.01 -9.28
C ARG A 63 -12.04 1.38 -8.95
N ARG A 64 -12.77 2.44 -9.31
CA ARG A 64 -12.32 3.80 -9.06
C ARG A 64 -12.35 4.12 -7.56
N GLN A 65 -13.55 4.11 -7.00
CA GLN A 65 -13.70 4.41 -5.57
C GLN A 65 -12.57 3.80 -4.76
N ASN A 66 -12.43 2.48 -4.83
CA ASN A 66 -11.38 1.78 -4.09
C ASN A 66 -10.07 2.55 -4.16
N PHE A 67 -9.65 2.88 -5.37
CA PHE A 67 -8.40 3.61 -5.58
C PHE A 67 -8.50 5.01 -4.97
N GLU A 68 -9.55 5.74 -5.32
CA GLU A 68 -9.76 7.09 -4.81
C GLU A 68 -9.63 7.12 -3.29
N VAL A 69 -10.53 6.42 -2.61
CA VAL A 69 -10.52 6.37 -1.15
C VAL A 69 -9.13 6.06 -0.62
N ALA A 70 -8.50 5.04 -1.19
CA ALA A 70 -7.17 4.64 -0.77
C ALA A 70 -6.20 5.82 -0.81
N PHE A 71 -6.27 6.61 -1.89
CA PHE A 71 -5.41 7.77 -2.04
C PHE A 71 -5.83 8.89 -1.10
N SER A 72 -7.07 9.34 -1.25
CA SER A 72 -7.60 10.42 -0.41
C SER A 72 -7.46 10.08 1.06
N SER A 73 -8.09 8.98 1.48
CA SER A 73 -8.04 8.54 2.87
C SER A 73 -6.69 8.86 3.48
N ALA A 74 -5.62 8.54 2.75
CA ALA A 74 -4.26 8.81 3.23
C ALA A 74 -3.98 10.30 3.31
N GLU A 75 -3.89 10.95 2.15
CA GLU A 75 -3.62 12.37 2.09
C GLU A 75 -4.31 13.11 3.24
N THR A 76 -5.49 12.62 3.63
CA THR A 76 -6.25 13.23 4.71
C THR A 76 -5.32 13.76 5.80
N HIS A 77 -4.62 12.84 6.49
CA HIS A 77 -3.70 13.22 7.54
C HIS A 77 -2.26 12.90 7.16
N ALA A 78 -2.10 11.96 6.23
CA ALA A 78 -0.78 11.55 5.77
C ALA A 78 -0.25 12.52 4.71
N ASP A 79 -1.16 13.13 3.96
CA ASP A 79 -0.78 14.08 2.92
C ASP A 79 0.13 13.42 1.90
N CYS A 80 0.00 12.10 1.76
CA CYS A 80 0.82 11.35 0.81
C CYS A 80 0.68 11.91 -0.60
N PRO A 81 1.81 11.94 -1.34
CA PRO A 81 1.84 12.46 -2.71
C PRO A 81 1.10 11.55 -3.68
N GLN A 82 0.07 12.09 -4.32
CA GLN A 82 -0.72 11.34 -5.29
C GLN A 82 0.06 11.10 -6.57
N LEU A 83 0.97 10.14 -6.53
CA LEU A 83 1.79 9.81 -7.69
C LEU A 83 0.99 9.06 -8.74
N LEU A 84 0.47 7.90 -8.36
CA LEU A 84 -0.33 7.09 -9.27
C LEU A 84 -1.49 7.88 -9.83
N ASP A 85 -1.94 7.52 -11.03
CA ASP A 85 -3.05 8.21 -11.67
C ASP A 85 -4.25 7.28 -11.81
N THR A 86 -5.10 7.25 -10.79
CA THR A 86 -6.29 6.41 -10.80
C THR A 86 -6.91 6.34 -12.18
N GLU A 87 -7.09 7.50 -12.81
CA GLU A 87 -7.69 7.57 -14.14
C GLU A 87 -6.97 6.62 -15.09
N ASP A 88 -5.65 6.63 -15.06
CA ASP A 88 -4.84 5.77 -15.92
C ASP A 88 -4.83 4.34 -15.40
N MET A 89 -4.88 4.20 -14.08
CA MET A 89 -4.87 2.89 -13.45
C MET A 89 -6.07 2.07 -13.89
N VAL A 90 -7.24 2.69 -13.91
CA VAL A 90 -8.47 2.02 -14.31
C VAL A 90 -8.31 1.37 -15.68
N ARG A 91 -8.11 2.19 -16.70
CA ARG A 91 -7.94 1.70 -18.06
C ARG A 91 -6.76 0.75 -18.16
N LEU A 92 -5.66 1.09 -17.49
CA LEU A 92 -4.47 0.27 -17.49
C LEU A 92 -4.78 -1.16 -17.06
N ARG A 93 -4.61 -2.10 -17.97
CA ARG A 93 -4.87 -3.51 -17.68
C ARG A 93 -4.40 -3.87 -16.27
N GLU A 94 -3.25 -3.33 -15.88
CA GLU A 94 -2.69 -3.60 -14.56
C GLU A 94 -1.61 -2.57 -14.22
N PRO A 95 -1.54 -2.21 -12.92
CA PRO A 95 -0.55 -1.25 -12.43
C PRO A 95 0.86 -1.80 -12.46
N ASP A 96 1.70 -1.21 -13.31
CA ASP A 96 3.09 -1.63 -13.43
C ASP A 96 3.76 -1.72 -12.06
N TRP A 97 4.50 -2.80 -11.84
CA TRP A 97 5.19 -2.99 -10.57
C TRP A 97 6.05 -1.78 -10.22
N LYS A 98 6.80 -1.29 -11.19
CA LYS A 98 7.66 -0.13 -10.99
C LYS A 98 6.90 1.00 -10.33
N CYS A 99 5.67 1.24 -10.80
CA CYS A 99 4.83 2.29 -10.25
C CYS A 99 4.36 1.94 -8.84
N VAL A 100 3.61 0.86 -8.72
CA VAL A 100 3.11 0.41 -7.43
C VAL A 100 4.18 0.51 -6.35
N TYR A 101 5.35 -0.05 -6.64
CA TYR A 101 6.47 -0.03 -5.69
C TYR A 101 6.73 1.38 -5.20
N THR A 102 6.82 2.33 -6.13
CA THR A 102 7.07 3.73 -5.78
C THR A 102 6.09 4.21 -4.73
N TYR A 103 4.79 4.04 -4.99
CA TYR A 103 3.76 4.47 -4.06
C TYR A 103 3.96 3.82 -2.69
N ILE A 104 4.10 2.50 -2.68
CA ILE A 104 4.30 1.76 -1.45
C ILE A 104 5.49 2.31 -0.66
N GLN A 105 6.64 2.37 -1.31
CA GLN A 105 7.86 2.87 -0.69
C GLN A 105 7.64 4.29 -0.16
N GLU A 106 7.00 5.13 -0.96
CA GLU A 106 6.73 6.51 -0.57
C GLU A 106 5.87 6.56 0.69
N PHE A 107 4.72 5.91 0.63
CA PHE A 107 3.80 5.89 1.77
C PHE A 107 4.50 5.38 3.03
N TYR A 108 5.19 4.25 2.89
CA TYR A 108 5.90 3.65 4.01
C TYR A 108 6.73 4.70 4.76
N ARG A 109 7.49 5.49 4.01
CA ARG A 109 8.32 6.53 4.59
C ARG A 109 7.49 7.46 5.48
N CYS A 110 6.29 7.81 5.01
CA CYS A 110 5.41 8.68 5.76
C CYS A 110 4.97 8.03 7.07
N LEU A 111 4.50 6.78 6.96
CA LEU A 111 4.04 6.04 8.13
C LEU A 111 5.15 5.96 9.18
N VAL A 112 6.28 5.40 8.80
CA VAL A 112 7.41 5.26 9.72
C VAL A 112 7.62 6.53 10.52
N GLN A 113 7.54 7.67 9.85
CA GLN A 113 7.72 8.96 10.51
C GLN A 113 6.51 9.31 11.36
N LYS A 114 5.32 9.03 10.84
CA LYS A 114 4.08 9.32 11.56
C LYS A 114 4.07 8.63 12.92
N GLY A 115 4.60 7.42 12.97
CA GLY A 115 4.65 6.67 14.22
C GLY A 115 3.73 5.47 14.20
N LEU A 116 3.55 4.87 13.03
CA LEU A 116 2.70 3.71 12.89
C LEU A 116 3.52 2.43 12.82
N VAL A 117 4.53 2.41 11.96
CA VAL A 117 5.40 1.25 11.81
C VAL A 117 6.75 1.50 12.46
N LYS A 118 7.25 0.49 13.18
CA LYS A 118 8.54 0.59 13.85
C LYS A 118 9.62 -0.14 13.06
N THR A 119 10.65 0.60 12.66
CA THR A 119 11.75 0.04 11.90
C THR A 119 13.06 0.12 12.66
N LYS A 120 13.84 -0.95 12.62
CA LYS A 120 15.12 -1.01 13.32
C LYS A 120 16.22 -0.32 12.49
N LYS A 121 17.27 0.12 13.17
CA LYS A 121 18.38 0.78 12.50
C LYS A 121 19.47 -0.23 12.15
N SER A 122 20.02 -0.11 10.94
CA SER A 122 21.07 -1.00 10.48
C SER A 122 22.43 -0.56 10.99
N SER A 123 23.14 -1.47 11.65
CA SER A 123 24.46 -1.17 12.18
C SER A 123 25.53 -2.02 11.51
N GLY A 124 26.64 -1.38 11.15
CA GLY A 124 27.72 -2.10 10.51
C GLY A 124 28.73 -2.66 11.50
N PRO A 125 29.73 -3.39 10.99
CA PRO A 125 30.77 -3.99 11.83
C PRO A 125 31.71 -2.95 12.43
N SER A 126 31.52 -2.67 13.71
CA SER A 126 32.35 -1.69 14.41
C SER A 126 33.79 -2.16 14.48
N SER A 127 34.71 -1.19 14.58
CA SER A 127 36.14 -1.50 14.64
C SER A 127 36.72 -1.13 16.00
N GLY A 128 37.22 -2.12 16.73
CA GLY A 128 37.78 -1.88 18.04
C GLY A 128 38.73 -2.98 18.47
N GLY A 1 7.20 -16.96 9.98
CA GLY A 1 6.98 -16.89 8.56
C GLY A 1 8.25 -16.61 7.78
N SER A 2 8.14 -15.80 6.73
CA SER A 2 9.29 -15.46 5.90
C SER A 2 10.03 -14.24 6.46
N SER A 3 11.35 -14.32 6.49
CA SER A 3 12.17 -13.24 7.00
C SER A 3 13.64 -13.44 6.65
N GLY A 4 14.39 -12.35 6.58
CA GLY A 4 15.80 -12.44 6.26
C GLY A 4 16.04 -12.56 4.77
N SER A 5 15.52 -11.60 4.00
CA SER A 5 15.68 -11.61 2.55
C SER A 5 16.36 -10.33 2.08
N SER A 6 17.25 -10.47 1.09
CA SER A 6 17.97 -9.33 0.54
C SER A 6 17.06 -8.45 -0.30
N GLY A 7 17.43 -7.18 -0.43
CA GLY A 7 16.62 -6.26 -1.21
C GLY A 7 15.37 -5.82 -0.47
N ILE A 8 14.89 -4.63 -0.79
CA ILE A 8 13.68 -4.10 -0.15
C ILE A 8 12.43 -4.50 -0.92
N LYS A 9 12.58 -4.71 -2.23
CA LYS A 9 11.47 -5.10 -3.08
C LYS A 9 10.70 -6.27 -2.47
N GLN A 10 11.41 -7.10 -1.72
CA GLN A 10 10.79 -8.26 -1.08
C GLN A 10 10.09 -7.87 0.21
N MET A 11 10.87 -7.47 1.21
CA MET A 11 10.32 -7.06 2.50
C MET A 11 8.98 -6.33 2.31
N LEU A 12 8.89 -5.54 1.25
CA LEU A 12 7.67 -4.80 0.96
C LEU A 12 6.50 -5.74 0.74
N LEU A 13 6.67 -6.68 -0.18
CA LEU A 13 5.62 -7.66 -0.49
C LEU A 13 5.31 -8.52 0.73
N ASP A 14 6.34 -8.81 1.52
CA ASP A 14 6.18 -9.63 2.70
C ASP A 14 5.63 -8.80 3.87
N TRP A 15 5.73 -7.49 3.75
CA TRP A 15 5.24 -6.59 4.78
C TRP A 15 3.78 -6.21 4.53
N CYS A 16 3.51 -5.67 3.35
CA CYS A 16 2.15 -5.27 2.99
C CYS A 16 1.13 -6.29 3.50
N ARG A 17 1.38 -7.56 3.22
CA ARG A 17 0.47 -8.62 3.66
C ARG A 17 0.31 -8.61 5.16
N ALA A 18 1.43 -8.62 5.88
CA ALA A 18 1.40 -8.61 7.34
C ALA A 18 0.38 -7.61 7.86
N LYS A 19 0.29 -6.46 7.21
CA LYS A 19 -0.65 -5.42 7.60
C LYS A 19 -2.02 -5.65 6.98
N THR A 20 -2.03 -6.37 5.86
CA THR A 20 -3.28 -6.67 5.16
C THR A 20 -3.71 -8.11 5.40
N ARG A 21 -3.41 -8.63 6.58
CA ARG A 21 -3.77 -10.00 6.94
C ARG A 21 -5.20 -10.07 7.46
N GLY A 22 -5.89 -11.16 7.14
CA GLY A 22 -7.26 -11.32 7.59
C GLY A 22 -8.26 -10.89 6.54
N TYR A 23 -8.05 -9.70 5.98
CA TYR A 23 -8.94 -9.16 4.96
C TYR A 23 -9.37 -10.25 3.98
N GLU A 24 -10.68 -10.39 3.80
CA GLU A 24 -11.22 -11.39 2.89
C GLU A 24 -11.23 -10.88 1.45
N HIS A 25 -11.13 -11.80 0.50
CA HIS A 25 -11.12 -11.45 -0.91
C HIS A 25 -9.92 -10.55 -1.24
N VAL A 26 -8.82 -10.78 -0.54
CA VAL A 26 -7.61 -9.99 -0.75
C VAL A 26 -6.36 -10.87 -0.74
N ASP A 27 -5.41 -10.55 -1.60
CA ASP A 27 -4.17 -11.31 -1.68
C ASP A 27 -3.11 -10.55 -2.46
N ILE A 28 -2.03 -10.19 -1.78
CA ILE A 28 -0.94 -9.44 -2.40
C ILE A 28 0.23 -10.37 -2.74
N GLN A 29 0.11 -11.10 -3.85
CA GLN A 29 1.16 -12.02 -4.27
C GLN A 29 2.23 -11.28 -5.06
N ASN A 30 1.82 -10.30 -5.86
CA ASN A 30 2.75 -9.53 -6.67
C ASN A 30 2.15 -8.17 -7.03
N PHE A 31 3.00 -7.16 -7.17
CA PHE A 31 2.55 -5.82 -7.52
C PHE A 31 2.25 -5.72 -9.02
N SER A 32 1.46 -6.66 -9.52
CA SER A 32 1.10 -6.68 -10.93
C SER A 32 -0.40 -6.42 -11.12
N SER A 33 -1.22 -7.39 -10.72
CA SER A 33 -2.67 -7.26 -10.85
C SER A 33 -3.35 -7.61 -9.53
N SER A 34 -2.63 -7.41 -8.42
CA SER A 34 -3.18 -7.71 -7.10
C SER A 34 -3.96 -6.52 -6.56
N TRP A 35 -3.73 -5.35 -7.14
CA TRP A 35 -4.41 -4.13 -6.72
C TRP A 35 -5.33 -3.61 -7.81
N SER A 36 -5.14 -4.13 -9.03
CA SER A 36 -5.94 -3.71 -10.16
C SER A 36 -7.43 -3.67 -9.80
N ASP A 37 -7.79 -4.44 -8.79
CA ASP A 37 -9.19 -4.51 -8.34
C ASP A 37 -9.56 -3.23 -7.59
N GLY A 38 -8.87 -2.96 -6.49
CA GLY A 38 -9.15 -1.77 -5.71
C GLY A 38 -9.10 -2.04 -4.22
N MET A 39 -10.04 -2.85 -3.73
CA MET A 39 -10.10 -3.18 -2.31
C MET A 39 -8.70 -3.34 -1.73
N ALA A 40 -7.85 -4.07 -2.44
CA ALA A 40 -6.48 -4.30 -1.99
C ALA A 40 -5.90 -3.05 -1.34
N PHE A 41 -5.65 -2.02 -2.14
CA PHE A 41 -5.10 -0.77 -1.62
C PHE A 41 -5.82 -0.33 -0.36
N CYS A 42 -7.15 -0.27 -0.44
CA CYS A 42 -7.96 0.14 0.70
C CYS A 42 -7.54 -0.62 1.96
N ALA A 43 -7.64 -1.94 1.90
CA ALA A 43 -7.28 -2.79 3.04
C ALA A 43 -5.96 -2.35 3.65
N LEU A 44 -4.91 -2.34 2.83
CA LEU A 44 -3.59 -1.95 3.30
C LEU A 44 -3.66 -0.66 4.10
N VAL A 45 -4.38 0.33 3.58
CA VAL A 45 -4.53 1.62 4.26
C VAL A 45 -5.34 1.46 5.55
N HIS A 46 -6.60 1.07 5.40
CA HIS A 46 -7.48 0.88 6.55
C HIS A 46 -6.70 0.38 7.75
N ASN A 47 -5.83 -0.60 7.53
CA ASN A 47 -5.01 -1.17 8.60
C ASN A 47 -4.39 -0.08 9.45
N PHE A 48 -3.77 0.89 8.79
CA PHE A 48 -3.12 2.01 9.49
C PHE A 48 -4.17 2.93 10.11
N PHE A 49 -4.95 3.58 9.25
CA PHE A 49 -5.98 4.50 9.72
C PHE A 49 -7.37 3.94 9.43
N PRO A 50 -7.89 3.14 10.37
CA PRO A 50 -9.21 2.52 10.24
C PRO A 50 -10.34 3.54 10.36
N GLU A 51 -10.18 4.49 11.27
CA GLU A 51 -11.18 5.52 11.48
C GLU A 51 -11.23 6.49 10.29
N ALA A 52 -10.11 6.62 9.60
CA ALA A 52 -10.01 7.51 8.45
C ALA A 52 -11.12 7.21 7.44
N PHE A 53 -11.47 5.94 7.30
CA PHE A 53 -12.51 5.53 6.38
C PHE A 53 -12.95 4.09 6.65
N ASP A 54 -14.22 3.80 6.36
CA ASP A 54 -14.76 2.47 6.58
C ASP A 54 -14.48 1.56 5.38
N TYR A 55 -13.95 0.37 5.66
CA TYR A 55 -13.63 -0.58 4.61
C TYR A 55 -14.89 -1.27 4.09
N GLY A 56 -15.61 -1.93 4.99
CA GLY A 56 -16.83 -2.62 4.60
C GLY A 56 -17.73 -1.76 3.74
N GLN A 57 -17.66 -0.44 3.94
CA GLN A 57 -18.49 0.49 3.17
C GLN A 57 -18.12 0.44 1.70
N LEU A 58 -16.84 0.24 1.42
CA LEU A 58 -16.35 0.19 0.04
C LEU A 58 -16.87 -1.06 -0.67
N SER A 59 -16.80 -1.07 -1.99
CA SER A 59 -17.27 -2.20 -2.79
C SER A 59 -16.23 -2.58 -3.83
N PRO A 60 -16.23 -3.87 -4.21
CA PRO A 60 -15.29 -4.41 -5.20
C PRO A 60 -15.59 -3.90 -6.61
N GLN A 61 -16.88 -3.84 -6.95
CA GLN A 61 -17.29 -3.37 -8.26
C GLN A 61 -16.69 -2.01 -8.58
N ASN A 62 -16.54 -1.18 -7.55
CA ASN A 62 -15.97 0.15 -7.71
C ASN A 62 -14.49 0.07 -8.05
N ARG A 63 -14.13 0.51 -9.26
CA ARG A 63 -12.75 0.49 -9.70
C ARG A 63 -12.07 1.83 -9.42
N ARG A 64 -12.85 2.90 -9.40
CA ARG A 64 -12.32 4.23 -9.14
C ARG A 64 -12.29 4.52 -7.65
N GLN A 65 -13.47 4.59 -7.03
CA GLN A 65 -13.58 4.86 -5.61
C GLN A 65 -12.51 4.10 -4.82
N ASN A 66 -12.48 2.78 -5.00
CA ASN A 66 -11.51 1.95 -4.30
C ASN A 66 -10.12 2.58 -4.32
N PHE A 67 -9.70 3.03 -5.50
CA PHE A 67 -8.40 3.66 -5.66
C PHE A 67 -8.38 5.04 -4.99
N GLU A 68 -9.35 5.87 -5.35
CA GLU A 68 -9.45 7.21 -4.78
C GLU A 68 -9.42 7.17 -3.25
N VAL A 69 -10.46 6.59 -2.67
CA VAL A 69 -10.55 6.49 -1.21
C VAL A 69 -9.19 6.16 -0.60
N ALA A 70 -8.59 5.07 -1.04
CA ALA A 70 -7.29 4.65 -0.54
C ALA A 70 -6.31 5.81 -0.52
N PHE A 71 -6.31 6.59 -1.60
CA PHE A 71 -5.41 7.74 -1.71
C PHE A 71 -5.87 8.87 -0.81
N SER A 72 -7.03 9.44 -1.13
CA SER A 72 -7.59 10.55 -0.35
C SER A 72 -7.47 10.26 1.14
N SER A 73 -8.05 9.15 1.57
CA SER A 73 -8.02 8.76 2.98
C SER A 73 -6.64 9.01 3.58
N ALA A 74 -5.61 8.57 2.88
CA ALA A 74 -4.24 8.75 3.34
C ALA A 74 -3.86 10.22 3.39
N GLU A 75 -3.92 10.88 2.23
CA GLU A 75 -3.58 12.30 2.15
C GLU A 75 -4.23 13.09 3.28
N THR A 76 -5.30 12.53 3.84
CA THR A 76 -6.01 13.19 4.93
C THR A 76 -5.05 13.65 6.01
N HIS A 77 -4.37 12.71 6.65
CA HIS A 77 -3.41 13.02 7.70
C HIS A 77 -1.99 12.68 7.27
N ALA A 78 -1.87 11.73 6.34
CA ALA A 78 -0.58 11.31 5.84
C ALA A 78 -0.05 12.29 4.79
N ASP A 79 -0.97 13.00 4.15
CA ASP A 79 -0.60 13.97 3.12
C ASP A 79 0.44 13.38 2.16
N CYS A 80 0.16 12.18 1.66
CA CYS A 80 1.07 11.51 0.75
C CYS A 80 0.85 11.99 -0.69
N PRO A 81 1.96 12.25 -1.39
CA PRO A 81 1.91 12.72 -2.79
C PRO A 81 1.42 11.64 -3.75
N GLN A 82 0.17 11.74 -4.17
CA GLN A 82 -0.41 10.78 -5.09
C GLN A 82 0.50 10.56 -6.29
N LEU A 83 1.07 9.36 -6.39
CA LEU A 83 1.96 9.04 -7.50
C LEU A 83 1.19 8.35 -8.62
N LEU A 84 0.47 7.28 -8.28
CA LEU A 84 -0.31 6.55 -9.27
C LEU A 84 -1.50 7.38 -9.75
N ASP A 85 -1.79 7.28 -11.05
CA ASP A 85 -2.90 8.01 -11.63
C ASP A 85 -4.13 7.12 -11.77
N THR A 86 -4.92 7.03 -10.71
CA THR A 86 -6.12 6.21 -10.70
C THR A 86 -6.79 6.21 -12.08
N GLU A 87 -6.99 7.40 -12.63
CA GLU A 87 -7.61 7.54 -13.94
C GLU A 87 -6.97 6.59 -14.95
N ASP A 88 -5.65 6.56 -14.96
CA ASP A 88 -4.92 5.70 -15.87
C ASP A 88 -4.87 4.26 -15.36
N MET A 89 -4.85 4.12 -14.04
CA MET A 89 -4.81 2.80 -13.41
C MET A 89 -6.07 2.00 -13.75
N VAL A 90 -7.21 2.67 -13.77
CA VAL A 90 -8.47 2.02 -14.08
C VAL A 90 -8.43 1.35 -15.45
N ARG A 91 -8.33 2.17 -16.50
CA ARG A 91 -8.28 1.65 -17.86
C ARG A 91 -7.15 0.65 -18.02
N LEU A 92 -5.98 0.97 -17.44
CA LEU A 92 -4.82 0.09 -17.53
C LEU A 92 -5.19 -1.33 -17.10
N ARG A 93 -4.79 -2.30 -17.92
CA ARG A 93 -5.07 -3.70 -17.62
C ARG A 93 -4.60 -4.07 -16.23
N GLU A 94 -3.48 -3.49 -15.81
CA GLU A 94 -2.91 -3.75 -14.49
C GLU A 94 -1.76 -2.81 -14.18
N PRO A 95 -1.65 -2.41 -12.91
CA PRO A 95 -0.59 -1.50 -12.46
C PRO A 95 0.79 -2.15 -12.48
N ASP A 96 1.72 -1.54 -13.20
CA ASP A 96 3.08 -2.06 -13.29
C ASP A 96 3.84 -1.81 -12.00
N TRP A 97 4.54 -2.84 -11.52
CA TRP A 97 5.32 -2.72 -10.29
C TRP A 97 6.17 -1.46 -10.29
N LYS A 98 6.86 -1.22 -11.40
CA LYS A 98 7.71 -0.04 -11.53
C LYS A 98 7.09 1.16 -10.82
N CYS A 99 5.77 1.29 -10.93
CA CYS A 99 5.06 2.38 -10.30
C CYS A 99 4.60 2.01 -8.89
N VAL A 100 3.78 0.97 -8.80
CA VAL A 100 3.29 0.49 -7.52
C VAL A 100 4.38 0.51 -6.45
N TYR A 101 5.45 -0.24 -6.71
CA TYR A 101 6.56 -0.32 -5.77
C TYR A 101 6.93 1.06 -5.25
N THR A 102 6.89 2.06 -6.13
CA THR A 102 7.21 3.43 -5.76
C THR A 102 6.29 3.93 -4.64
N TYR A 103 4.99 3.88 -4.90
CA TYR A 103 4.01 4.34 -3.92
C TYR A 103 4.26 3.69 -2.57
N ILE A 104 4.18 2.36 -2.53
CA ILE A 104 4.40 1.63 -1.29
C ILE A 104 5.58 2.19 -0.51
N GLN A 105 6.61 2.61 -1.23
CA GLN A 105 7.80 3.18 -0.59
C GLN A 105 7.52 4.59 -0.09
N GLU A 106 6.86 5.39 -0.92
CA GLU A 106 6.54 6.77 -0.55
C GLU A 106 5.75 6.82 0.75
N PHE A 107 4.64 6.09 0.79
CA PHE A 107 3.80 6.03 1.98
C PHE A 107 4.57 5.50 3.18
N TYR A 108 5.26 4.39 2.98
CA TYR A 108 6.05 3.77 4.04
C TYR A 108 6.98 4.77 4.69
N ARG A 109 7.25 5.86 3.98
CA ARG A 109 8.13 6.91 4.48
C ARG A 109 7.35 7.89 5.38
N CYS A 110 6.06 8.01 5.13
CA CYS A 110 5.21 8.91 5.90
C CYS A 110 4.77 8.25 7.20
N LEU A 111 4.48 6.95 7.13
CA LEU A 111 4.04 6.20 8.31
C LEU A 111 5.08 6.27 9.41
N VAL A 112 6.31 5.90 9.09
CA VAL A 112 7.40 5.92 10.05
C VAL A 112 7.43 7.25 10.81
N GLN A 113 7.44 8.35 10.06
CA GLN A 113 7.46 9.68 10.66
C GLN A 113 6.24 9.91 11.53
N LYS A 114 5.08 9.50 11.04
CA LYS A 114 3.83 9.66 11.77
C LYS A 114 3.87 8.90 13.10
N GLY A 115 4.58 7.79 13.10
CA GLY A 115 4.70 6.99 14.32
C GLY A 115 3.87 5.71 14.24
N LEU A 116 3.73 5.17 13.03
CA LEU A 116 2.96 3.95 12.83
C LEU A 116 3.89 2.76 12.60
N VAL A 117 4.90 2.94 11.77
CA VAL A 117 5.86 1.88 11.47
C VAL A 117 7.18 2.13 12.19
N LYS A 118 7.56 1.20 13.05
CA LYS A 118 8.80 1.31 13.80
C LYS A 118 9.90 1.95 12.95
N THR A 119 10.63 2.88 13.54
CA THR A 119 11.71 3.56 12.85
C THR A 119 12.90 2.64 12.63
N LYS A 120 13.50 2.71 11.43
CA LYS A 120 14.64 1.89 11.10
C LYS A 120 15.92 2.72 11.00
N LYS A 121 16.93 2.33 11.76
CA LYS A 121 18.20 3.05 11.76
C LYS A 121 18.80 3.09 10.37
N SER A 122 18.97 4.30 9.84
CA SER A 122 19.53 4.47 8.50
C SER A 122 19.95 5.92 8.27
N SER A 123 20.84 6.13 7.31
CA SER A 123 21.33 7.47 7.00
C SER A 123 20.16 8.43 6.78
N GLY A 124 20.27 9.62 7.37
CA GLY A 124 19.22 10.61 7.24
C GLY A 124 19.35 11.73 8.25
N PRO A 125 18.20 12.26 8.70
CA PRO A 125 18.16 13.36 9.68
C PRO A 125 18.62 12.90 11.06
N SER A 126 18.74 13.86 11.98
CA SER A 126 19.17 13.56 13.34
C SER A 126 18.04 13.80 14.34
N SER A 127 17.24 14.83 14.08
CA SER A 127 16.12 15.17 14.95
C SER A 127 14.87 15.48 14.13
N GLY A 128 13.71 15.45 14.79
CA GLY A 128 12.46 15.73 14.11
C GLY A 128 11.27 15.13 14.82
#